data_2O8I
# 
_entry.id   2O8I 
# 
_audit_conform.dict_name       mmcif_pdbx.dic 
_audit_conform.dict_version    5.399 
_audit_conform.dict_location   http://mmcif.pdb.org/dictionaries/ascii/mmcif_pdbx.dic 
# 
loop_
_database_2.database_id 
_database_2.database_code 
_database_2.pdbx_database_accession 
_database_2.pdbx_DOI 
PDB   2O8I         pdb_00002o8i 10.2210/pdb2o8i/pdb 
RCSB  RCSB040820   ?            ?                   
WWPDB D_1000040820 ?            ?                   
# 
loop_
_pdbx_audit_revision_history.ordinal 
_pdbx_audit_revision_history.data_content_type 
_pdbx_audit_revision_history.major_revision 
_pdbx_audit_revision_history.minor_revision 
_pdbx_audit_revision_history.revision_date 
1 'Structure model' 1 0 2007-01-09 
2 'Structure model' 1 1 2008-05-01 
3 'Structure model' 1 2 2011-07-13 
4 'Structure model' 1 3 2021-10-20 
5 'Structure model' 1 4 2023-12-27 
6 'Structure model' 1 5 2024-11-20 
# 
_pdbx_audit_revision_details.ordinal             1 
_pdbx_audit_revision_details.revision_ordinal    1 
_pdbx_audit_revision_details.data_content_type   'Structure model' 
_pdbx_audit_revision_details.provider            repository 
_pdbx_audit_revision_details.type                'Initial release' 
_pdbx_audit_revision_details.description         ? 
_pdbx_audit_revision_details.details             ? 
# 
loop_
_pdbx_audit_revision_group.ordinal 
_pdbx_audit_revision_group.revision_ordinal 
_pdbx_audit_revision_group.data_content_type 
_pdbx_audit_revision_group.group 
1 2 'Structure model' 'Version format compliance' 
2 3 'Structure model' 'Source and taxonomy'       
3 3 'Structure model' 'Version format compliance' 
4 4 'Structure model' 'Database references'       
5 4 'Structure model' 'Derived calculations'      
6 5 'Structure model' 'Data collection'           
7 6 'Structure model' 'Structure summary'         
# 
loop_
_pdbx_audit_revision_category.ordinal 
_pdbx_audit_revision_category.revision_ordinal 
_pdbx_audit_revision_category.data_content_type 
_pdbx_audit_revision_category.category 
1 4 'Structure model' database_2                
2 4 'Structure model' struct_conn               
3 4 'Structure model' struct_ref_seq_dif        
4 5 'Structure model' chem_comp_atom            
5 5 'Structure model' chem_comp_bond            
6 6 'Structure model' pdbx_entry_details        
7 6 'Structure model' pdbx_modification_feature 
# 
loop_
_pdbx_audit_revision_item.ordinal 
_pdbx_audit_revision_item.revision_ordinal 
_pdbx_audit_revision_item.data_content_type 
_pdbx_audit_revision_item.item 
1 4 'Structure model' '_database_2.pdbx_DOI'                
2 4 'Structure model' '_database_2.pdbx_database_accession' 
3 4 'Structure model' '_struct_conn.pdbx_leaving_atom_flag' 
4 4 'Structure model' '_struct_ref_seq_dif.details'         
# 
_pdbx_database_status.status_code                     REL 
_pdbx_database_status.entry_id                        2O8I 
_pdbx_database_status.recvd_initial_deposition_date   2006-12-12 
_pdbx_database_status.deposit_site                    RCSB 
_pdbx_database_status.process_site                    RCSB 
_pdbx_database_status.status_code_sf                  REL 
_pdbx_database_status.status_code_mr                  ? 
_pdbx_database_status.SG_entry                        Y 
_pdbx_database_status.pdb_format_compatible           Y 
_pdbx_database_status.status_code_cs                  ? 
_pdbx_database_status.status_code_nmr_data            ? 
_pdbx_database_status.methods_development_category    ? 
# 
_pdbx_database_related.db_name        TargetDB 
_pdbx_database_related.db_id          APC5880 
_pdbx_database_related.details        . 
_pdbx_database_related.content_type   unspecified 
# 
loop_
_audit_author.name 
_audit_author.pdbx_ordinal 
'Chang, C.'                                     1 
'Xu, X.'                                        2 
'Gu, J.'                                        3 
'Savchenko, A.'                                 4 
'Edwards, A.M.'                                 5 
'Joachimiak, A.'                                6 
'Midwest Center for Structural Genomics (MCSG)' 7 
# 
_citation.id                        primary 
_citation.title                     'Crystal structure of protein Atu2327 from Agrobacterium tumefaciens str. C58' 
_citation.journal_abbrev            'To be Published' 
_citation.journal_volume            ? 
_citation.page_first                ? 
_citation.page_last                 ? 
_citation.year                      ? 
_citation.journal_id_ASTM           ? 
_citation.country                   ? 
_citation.journal_id_ISSN           ? 
_citation.journal_id_CSD            0353 
_citation.book_publisher            ? 
_citation.pdbx_database_id_PubMed   ? 
_citation.pdbx_database_id_DOI      ? 
# 
loop_
_citation_author.citation_id 
_citation_author.name 
_citation_author.ordinal 
_citation_author.identifier_ORCID 
primary 'Chang, C.'      1 ? 
primary 'Xu, X.'         2 ? 
primary 'Gu, J.'         3 ? 
primary 'Savchenko, A.'  4 ? 
primary 'Edwards, A.M.'  5 ? 
primary 'Joachimiak, A.' 6 ? 
# 
loop_
_entity.id 
_entity.type 
_entity.src_method 
_entity.pdbx_description 
_entity.formula_weight 
_entity.pdbx_number_of_molecules 
_entity.pdbx_ec 
_entity.pdbx_mutation 
_entity.pdbx_fragment 
_entity.details 
1 polymer man 'Hypothetical protein Atu2327' 17929.848 1  ? ? ? ? 
2 water   nat water                          18.015    31 ? ? ? ? 
# 
_entity_name_com.entity_id   1 
_entity_name_com.name        AGR_C_4230p 
# 
_entity_poly.entity_id                      1 
_entity_poly.type                           'polypeptide(L)' 
_entity_poly.nstd_linkage                   no 
_entity_poly.nstd_monomer                   yes 
_entity_poly.pdbx_seq_one_letter_code       
;(MSE)VTREEFVARFGGVFEHSPFIAERAYDAGGAGLELTAKAVHGALCAQFRVASEAERLGVLRAHPDLAGKLAIAGEL
TADSRNEQAGAGLDRLSPQEHARFTQLNSAYTEKFGFPFIIAVKGLNRHDILSAFDTRIDNNAAQEFATATGQVEKIAWL
RLAS(MSE)LPEG
;
_entity_poly.pdbx_seq_one_letter_code_can   
;MVTREEFVARFGGVFEHSPFIAERAYDAGGAGLELTAKAVHGALCAQFRVASEAERLGVLRAHPDLAGKLAIAGELTADS
RNEQAGAGLDRLSPQEHARFTQLNSAYTEKFGFPFIIAVKGLNRHDILSAFDTRIDNNAAQEFATATGQVEKIAWLRLAS
MLPEG
;
_entity_poly.pdbx_strand_id                 A 
_entity_poly.pdbx_target_identifier         APC5880 
# 
_pdbx_entity_nonpoly.entity_id   2 
_pdbx_entity_nonpoly.name        water 
_pdbx_entity_nonpoly.comp_id     HOH 
# 
loop_
_entity_poly_seq.entity_id 
_entity_poly_seq.num 
_entity_poly_seq.mon_id 
_entity_poly_seq.hetero 
1 1   MSE n 
1 2   VAL n 
1 3   THR n 
1 4   ARG n 
1 5   GLU n 
1 6   GLU n 
1 7   PHE n 
1 8   VAL n 
1 9   ALA n 
1 10  ARG n 
1 11  PHE n 
1 12  GLY n 
1 13  GLY n 
1 14  VAL n 
1 15  PHE n 
1 16  GLU n 
1 17  HIS n 
1 18  SER n 
1 19  PRO n 
1 20  PHE n 
1 21  ILE n 
1 22  ALA n 
1 23  GLU n 
1 24  ARG n 
1 25  ALA n 
1 26  TYR n 
1 27  ASP n 
1 28  ALA n 
1 29  GLY n 
1 30  GLY n 
1 31  ALA n 
1 32  GLY n 
1 33  LEU n 
1 34  GLU n 
1 35  LEU n 
1 36  THR n 
1 37  ALA n 
1 38  LYS n 
1 39  ALA n 
1 40  VAL n 
1 41  HIS n 
1 42  GLY n 
1 43  ALA n 
1 44  LEU n 
1 45  CYS n 
1 46  ALA n 
1 47  GLN n 
1 48  PHE n 
1 49  ARG n 
1 50  VAL n 
1 51  ALA n 
1 52  SER n 
1 53  GLU n 
1 54  ALA n 
1 55  GLU n 
1 56  ARG n 
1 57  LEU n 
1 58  GLY n 
1 59  VAL n 
1 60  LEU n 
1 61  ARG n 
1 62  ALA n 
1 63  HIS n 
1 64  PRO n 
1 65  ASP n 
1 66  LEU n 
1 67  ALA n 
1 68  GLY n 
1 69  LYS n 
1 70  LEU n 
1 71  ALA n 
1 72  ILE n 
1 73  ALA n 
1 74  GLY n 
1 75  GLU n 
1 76  LEU n 
1 77  THR n 
1 78  ALA n 
1 79  ASP n 
1 80  SER n 
1 81  ARG n 
1 82  ASN n 
1 83  GLU n 
1 84  GLN n 
1 85  ALA n 
1 86  GLY n 
1 87  ALA n 
1 88  GLY n 
1 89  LEU n 
1 90  ASP n 
1 91  ARG n 
1 92  LEU n 
1 93  SER n 
1 94  PRO n 
1 95  GLN n 
1 96  GLU n 
1 97  HIS n 
1 98  ALA n 
1 99  ARG n 
1 100 PHE n 
1 101 THR n 
1 102 GLN n 
1 103 LEU n 
1 104 ASN n 
1 105 SER n 
1 106 ALA n 
1 107 TYR n 
1 108 THR n 
1 109 GLU n 
1 110 LYS n 
1 111 PHE n 
1 112 GLY n 
1 113 PHE n 
1 114 PRO n 
1 115 PHE n 
1 116 ILE n 
1 117 ILE n 
1 118 ALA n 
1 119 VAL n 
1 120 LYS n 
1 121 GLY n 
1 122 LEU n 
1 123 ASN n 
1 124 ARG n 
1 125 HIS n 
1 126 ASP n 
1 127 ILE n 
1 128 LEU n 
1 129 SER n 
1 130 ALA n 
1 131 PHE n 
1 132 ASP n 
1 133 THR n 
1 134 ARG n 
1 135 ILE n 
1 136 ASP n 
1 137 ASN n 
1 138 ASN n 
1 139 ALA n 
1 140 ALA n 
1 141 GLN n 
1 142 GLU n 
1 143 PHE n 
1 144 ALA n 
1 145 THR n 
1 146 ALA n 
1 147 THR n 
1 148 GLY n 
1 149 GLN n 
1 150 VAL n 
1 151 GLU n 
1 152 LYS n 
1 153 ILE n 
1 154 ALA n 
1 155 TRP n 
1 156 LEU n 
1 157 ARG n 
1 158 LEU n 
1 159 ALA n 
1 160 SER n 
1 161 MSE n 
1 162 LEU n 
1 163 PRO n 
1 164 GLU n 
1 165 GLY n 
# 
_entity_src_gen.entity_id                          1 
_entity_src_gen.pdbx_src_id                        1 
_entity_src_gen.pdbx_alt_source_flag               sample 
_entity_src_gen.pdbx_seq_type                      ? 
_entity_src_gen.pdbx_beg_seq_num                   ? 
_entity_src_gen.pdbx_end_seq_num                   ? 
_entity_src_gen.gene_src_common_name               ? 
_entity_src_gen.gene_src_genus                     Agrobacterium 
_entity_src_gen.pdbx_gene_src_gene                 'AGR_C_4230, Atu2327' 
_entity_src_gen.gene_src_species                   'Agrobacterium tumefaciens' 
_entity_src_gen.gene_src_strain                    C58 
_entity_src_gen.gene_src_tissue                    ? 
_entity_src_gen.gene_src_tissue_fraction           ? 
_entity_src_gen.gene_src_details                   ? 
_entity_src_gen.pdbx_gene_src_fragment             ? 
_entity_src_gen.pdbx_gene_src_scientific_name      'Agrobacterium tumefaciens str.' 
_entity_src_gen.pdbx_gene_src_ncbi_taxonomy_id     176299 
_entity_src_gen.pdbx_gene_src_variant              ? 
_entity_src_gen.pdbx_gene_src_cell_line            ? 
_entity_src_gen.pdbx_gene_src_atcc                 ? 
_entity_src_gen.pdbx_gene_src_organ                ? 
_entity_src_gen.pdbx_gene_src_organelle            ? 
_entity_src_gen.pdbx_gene_src_cell                 ? 
_entity_src_gen.pdbx_gene_src_cellular_location    ? 
_entity_src_gen.host_org_common_name               ? 
_entity_src_gen.pdbx_host_org_scientific_name      'Escherichia coli' 
_entity_src_gen.pdbx_host_org_ncbi_taxonomy_id     562 
_entity_src_gen.host_org_genus                     Escherichia 
_entity_src_gen.pdbx_host_org_gene                 ? 
_entity_src_gen.pdbx_host_org_organ                ? 
_entity_src_gen.host_org_species                   ? 
_entity_src_gen.pdbx_host_org_tissue               ? 
_entity_src_gen.pdbx_host_org_tissue_fraction      ? 
_entity_src_gen.pdbx_host_org_strain               'BL21(DE3) derivatives' 
_entity_src_gen.pdbx_host_org_variant              ? 
_entity_src_gen.pdbx_host_org_cell_line            ? 
_entity_src_gen.pdbx_host_org_atcc                 ? 
_entity_src_gen.pdbx_host_org_culture_collection   ? 
_entity_src_gen.pdbx_host_org_cell                 ? 
_entity_src_gen.pdbx_host_org_organelle            ? 
_entity_src_gen.pdbx_host_org_cellular_location    ? 
_entity_src_gen.pdbx_host_org_vector_type          vector 
_entity_src_gen.pdbx_host_org_vector               'pET derivatives' 
_entity_src_gen.host_org_details                   ? 
_entity_src_gen.expression_system_id               ? 
_entity_src_gen.plasmid_name                       ? 
_entity_src_gen.plasmid_details                    ? 
_entity_src_gen.pdbx_description                   ? 
# 
loop_
_chem_comp.id 
_chem_comp.type 
_chem_comp.mon_nstd_flag 
_chem_comp.name 
_chem_comp.pdbx_synonyms 
_chem_comp.formula 
_chem_comp.formula_weight 
ALA 'L-peptide linking' y ALANINE          ? 'C3 H7 N O2'     89.093  
ARG 'L-peptide linking' y ARGININE         ? 'C6 H15 N4 O2 1' 175.209 
ASN 'L-peptide linking' y ASPARAGINE       ? 'C4 H8 N2 O3'    132.118 
ASP 'L-peptide linking' y 'ASPARTIC ACID'  ? 'C4 H7 N O4'     133.103 
CYS 'L-peptide linking' y CYSTEINE         ? 'C3 H7 N O2 S'   121.158 
GLN 'L-peptide linking' y GLUTAMINE        ? 'C5 H10 N2 O3'   146.144 
GLU 'L-peptide linking' y 'GLUTAMIC ACID'  ? 'C5 H9 N O4'     147.129 
GLY 'peptide linking'   y GLYCINE          ? 'C2 H5 N O2'     75.067  
HIS 'L-peptide linking' y HISTIDINE        ? 'C6 H10 N3 O2 1' 156.162 
HOH non-polymer         . WATER            ? 'H2 O'           18.015  
ILE 'L-peptide linking' y ISOLEUCINE       ? 'C6 H13 N O2'    131.173 
LEU 'L-peptide linking' y LEUCINE          ? 'C6 H13 N O2'    131.173 
LYS 'L-peptide linking' y LYSINE           ? 'C6 H15 N2 O2 1' 147.195 
MET 'L-peptide linking' y METHIONINE       ? 'C5 H11 N O2 S'  149.211 
MSE 'L-peptide linking' n SELENOMETHIONINE ? 'C5 H11 N O2 Se' 196.106 
PHE 'L-peptide linking' y PHENYLALANINE    ? 'C9 H11 N O2'    165.189 
PRO 'L-peptide linking' y PROLINE          ? 'C5 H9 N O2'     115.130 
SER 'L-peptide linking' y SERINE           ? 'C3 H7 N O3'     105.093 
THR 'L-peptide linking' y THREONINE        ? 'C4 H9 N O3'     119.119 
TRP 'L-peptide linking' y TRYPTOPHAN       ? 'C11 H12 N2 O2'  204.225 
TYR 'L-peptide linking' y TYROSINE         ? 'C9 H11 N O3'    181.189 
VAL 'L-peptide linking' y VALINE           ? 'C5 H11 N O2'    117.146 
# 
loop_
_pdbx_poly_seq_scheme.asym_id 
_pdbx_poly_seq_scheme.entity_id 
_pdbx_poly_seq_scheme.seq_id 
_pdbx_poly_seq_scheme.mon_id 
_pdbx_poly_seq_scheme.ndb_seq_num 
_pdbx_poly_seq_scheme.pdb_seq_num 
_pdbx_poly_seq_scheme.auth_seq_num 
_pdbx_poly_seq_scheme.pdb_mon_id 
_pdbx_poly_seq_scheme.auth_mon_id 
_pdbx_poly_seq_scheme.pdb_strand_id 
_pdbx_poly_seq_scheme.pdb_ins_code 
_pdbx_poly_seq_scheme.hetero 
A 1 1   MSE 1   1   1   MSE MSE A . n 
A 1 2   VAL 2   2   2   VAL VAL A . n 
A 1 3   THR 3   3   3   THR THR A . n 
A 1 4   ARG 4   4   4   ARG ARG A . n 
A 1 5   GLU 5   5   5   GLU GLU A . n 
A 1 6   GLU 6   6   6   GLU GLU A . n 
A 1 7   PHE 7   7   7   PHE PHE A . n 
A 1 8   VAL 8   8   8   VAL VAL A . n 
A 1 9   ALA 9   9   9   ALA ALA A . n 
A 1 10  ARG 10  10  10  ARG ARG A . n 
A 1 11  PHE 11  11  11  PHE PHE A . n 
A 1 12  GLY 12  12  12  GLY GLY A . n 
A 1 13  GLY 13  13  13  GLY GLY A . n 
A 1 14  VAL 14  14  14  VAL VAL A . n 
A 1 15  PHE 15  15  15  PHE PHE A . n 
A 1 16  GLU 16  16  16  GLU GLU A . n 
A 1 17  HIS 17  17  17  HIS HIS A . n 
A 1 18  SER 18  18  18  SER SER A . n 
A 1 19  PRO 19  19  19  PRO PRO A . n 
A 1 20  PHE 20  20  20  PHE PHE A . n 
A 1 21  ILE 21  21  21  ILE ILE A . n 
A 1 22  ALA 22  22  22  ALA ALA A . n 
A 1 23  GLU 23  23  23  GLU GLU A . n 
A 1 24  ARG 24  24  24  ARG ARG A . n 
A 1 25  ALA 25  25  25  ALA ALA A . n 
A 1 26  TYR 26  26  26  TYR TYR A . n 
A 1 27  ASP 27  27  27  ASP ASP A . n 
A 1 28  ALA 28  28  28  ALA ALA A . n 
A 1 29  GLY 29  29  29  GLY GLY A . n 
A 1 30  GLY 30  30  30  GLY GLY A . n 
A 1 31  ALA 31  31  31  ALA ALA A . n 
A 1 32  GLY 32  32  32  GLY GLY A . n 
A 1 33  LEU 33  33  33  LEU LEU A . n 
A 1 34  GLU 34  34  34  GLU GLU A . n 
A 1 35  LEU 35  35  35  LEU LEU A . n 
A 1 36  THR 36  36  36  THR THR A . n 
A 1 37  ALA 37  37  37  ALA ALA A . n 
A 1 38  LYS 38  38  38  LYS LYS A . n 
A 1 39  ALA 39  39  39  ALA ALA A . n 
A 1 40  VAL 40  40  40  VAL VAL A . n 
A 1 41  HIS 41  41  41  HIS HIS A . n 
A 1 42  GLY 42  42  42  GLY GLY A . n 
A 1 43  ALA 43  43  43  ALA ALA A . n 
A 1 44  LEU 44  44  44  LEU LEU A . n 
A 1 45  CYS 45  45  45  CYS CYS A . n 
A 1 46  ALA 46  46  46  ALA ALA A . n 
A 1 47  GLN 47  47  47  GLN GLN A . n 
A 1 48  PHE 48  48  48  PHE PHE A . n 
A 1 49  ARG 49  49  49  ARG ARG A . n 
A 1 50  VAL 50  50  50  VAL VAL A . n 
A 1 51  ALA 51  51  51  ALA ALA A . n 
A 1 52  SER 52  52  52  SER SER A . n 
A 1 53  GLU 53  53  53  GLU GLU A . n 
A 1 54  ALA 54  54  54  ALA ALA A . n 
A 1 55  GLU 55  55  55  GLU GLU A . n 
A 1 56  ARG 56  56  56  ARG ARG A . n 
A 1 57  LEU 57  57  57  LEU LEU A . n 
A 1 58  GLY 58  58  58  GLY GLY A . n 
A 1 59  VAL 59  59  59  VAL VAL A . n 
A 1 60  LEU 60  60  60  LEU LEU A . n 
A 1 61  ARG 61  61  61  ARG ARG A . n 
A 1 62  ALA 62  62  62  ALA ALA A . n 
A 1 63  HIS 63  63  63  HIS HIS A . n 
A 1 64  PRO 64  64  64  PRO PRO A . n 
A 1 65  ASP 65  65  65  ASP ASP A . n 
A 1 66  LEU 66  66  66  LEU LEU A . n 
A 1 67  ALA 67  67  67  ALA ALA A . n 
A 1 68  GLY 68  68  68  GLY GLY A . n 
A 1 69  LYS 69  69  69  LYS LYS A . n 
A 1 70  LEU 70  70  70  LEU LEU A . n 
A 1 71  ALA 71  71  71  ALA ALA A . n 
A 1 72  ILE 72  72  72  ILE ILE A . n 
A 1 73  ALA 73  73  73  ALA ALA A . n 
A 1 74  GLY 74  74  74  GLY GLY A . n 
A 1 75  GLU 75  75  75  GLU GLU A . n 
A 1 76  LEU 76  76  76  LEU LEU A . n 
A 1 77  THR 77  77  77  THR ALA A . n 
A 1 78  ALA 78  78  ?   ?   ?   A . n 
A 1 79  ASP 79  79  ?   ?   ?   A . n 
A 1 80  SER 80  80  ?   ?   ?   A . n 
A 1 81  ARG 81  81  ?   ?   ?   A . n 
A 1 82  ASN 82  82  ?   ?   ?   A . n 
A 1 83  GLU 83  83  ?   ?   ?   A . n 
A 1 84  GLN 84  84  ?   ?   ?   A . n 
A 1 85  ALA 85  85  ?   ?   ?   A . n 
A 1 86  GLY 86  86  ?   ?   ?   A . n 
A 1 87  ALA 87  87  ?   ?   ?   A . n 
A 1 88  GLY 88  88  88  GLY GLY A . n 
A 1 89  LEU 89  89  89  LEU LEU A . n 
A 1 90  ASP 90  90  90  ASP ASP A . n 
A 1 91  ARG 91  91  91  ARG ARG A . n 
A 1 92  LEU 92  92  92  LEU LEU A . n 
A 1 93  SER 93  93  93  SER SER A . n 
A 1 94  PRO 94  94  94  PRO PRO A . n 
A 1 95  GLN 95  95  95  GLN GLN A . n 
A 1 96  GLU 96  96  96  GLU GLU A . n 
A 1 97  HIS 97  97  97  HIS HIS A . n 
A 1 98  ALA 98  98  98  ALA ALA A . n 
A 1 99  ARG 99  99  99  ARG ARG A . n 
A 1 100 PHE 100 100 100 PHE PHE A . n 
A 1 101 THR 101 101 101 THR THR A . n 
A 1 102 GLN 102 102 102 GLN GLN A . n 
A 1 103 LEU 103 103 103 LEU LEU A . n 
A 1 104 ASN 104 104 104 ASN ASN A . n 
A 1 105 SER 105 105 105 SER SER A . n 
A 1 106 ALA 106 106 106 ALA ALA A . n 
A 1 107 TYR 107 107 107 TYR TYR A . n 
A 1 108 THR 108 108 108 THR THR A . n 
A 1 109 GLU 109 109 109 GLU GLU A . n 
A 1 110 LYS 110 110 110 LYS LYS A . n 
A 1 111 PHE 111 111 111 PHE PHE A . n 
A 1 112 GLY 112 112 112 GLY GLY A . n 
A 1 113 PHE 113 113 113 PHE PHE A . n 
A 1 114 PRO 114 114 114 PRO PRO A . n 
A 1 115 PHE 115 115 115 PHE PHE A . n 
A 1 116 ILE 116 116 116 ILE ILE A . n 
A 1 117 ILE 117 117 117 ILE ILE A . n 
A 1 118 ALA 118 118 118 ALA ALA A . n 
A 1 119 VAL 119 119 119 VAL VAL A . n 
A 1 120 LYS 120 120 120 LYS LYS A . n 
A 1 121 GLY 121 121 121 GLY GLY A . n 
A 1 122 LEU 122 122 122 LEU LEU A . n 
A 1 123 ASN 123 123 123 ASN ASN A . n 
A 1 124 ARG 124 124 124 ARG ARG A . n 
A 1 125 HIS 125 125 125 HIS HIS A . n 
A 1 126 ASP 126 126 126 ASP ASP A . n 
A 1 127 ILE 127 127 127 ILE ILE A . n 
A 1 128 LEU 128 128 128 LEU LEU A . n 
A 1 129 SER 129 129 129 SER SER A . n 
A 1 130 ALA 130 130 130 ALA ALA A . n 
A 1 131 PHE 131 131 131 PHE PHE A . n 
A 1 132 ASP 132 132 132 ASP ASP A . n 
A 1 133 THR 133 133 133 THR THR A . n 
A 1 134 ARG 134 134 134 ARG ARG A . n 
A 1 135 ILE 135 135 135 ILE ILE A . n 
A 1 136 ASP 136 136 136 ASP ASP A . n 
A 1 137 ASN 137 137 137 ASN ASN A . n 
A 1 138 ASN 138 138 138 ASN ASN A . n 
A 1 139 ALA 139 139 139 ALA ALA A . n 
A 1 140 ALA 140 140 140 ALA ALA A . n 
A 1 141 GLN 141 141 141 GLN GLN A . n 
A 1 142 GLU 142 142 142 GLU GLU A . n 
A 1 143 PHE 143 143 143 PHE PHE A . n 
A 1 144 ALA 144 144 144 ALA ALA A . n 
A 1 145 THR 145 145 145 THR THR A . n 
A 1 146 ALA 146 146 146 ALA ALA A . n 
A 1 147 THR 147 147 147 THR THR A . n 
A 1 148 GLY 148 148 148 GLY GLY A . n 
A 1 149 GLN 149 149 149 GLN GLN A . n 
A 1 150 VAL 150 150 150 VAL VAL A . n 
A 1 151 GLU 151 151 151 GLU GLU A . n 
A 1 152 LYS 152 152 152 LYS LYS A . n 
A 1 153 ILE 153 153 153 ILE ILE A . n 
A 1 154 ALA 154 154 154 ALA ALA A . n 
A 1 155 TRP 155 155 155 TRP TRP A . n 
A 1 156 LEU 156 156 156 LEU LEU A . n 
A 1 157 ARG 157 157 157 ARG ARG A . n 
A 1 158 LEU 158 158 158 LEU LEU A . n 
A 1 159 ALA 159 159 159 ALA ALA A . n 
A 1 160 SER 160 160 160 SER SER A . n 
A 1 161 MSE 161 161 161 MSE MSE A . n 
A 1 162 LEU 162 162 162 LEU LEU A . n 
A 1 163 PRO 163 163 163 PRO PRO A . n 
A 1 164 GLU 164 164 164 GLU GLU A . n 
A 1 165 GLY 165 165 165 GLY GLY A . n 
# 
loop_
_pdbx_nonpoly_scheme.asym_id 
_pdbx_nonpoly_scheme.entity_id 
_pdbx_nonpoly_scheme.mon_id 
_pdbx_nonpoly_scheme.ndb_seq_num 
_pdbx_nonpoly_scheme.pdb_seq_num 
_pdbx_nonpoly_scheme.auth_seq_num 
_pdbx_nonpoly_scheme.pdb_mon_id 
_pdbx_nonpoly_scheme.auth_mon_id 
_pdbx_nonpoly_scheme.pdb_strand_id 
_pdbx_nonpoly_scheme.pdb_ins_code 
B 2 HOH 1  166 1  HOH HOH A . 
B 2 HOH 2  167 2  HOH HOH A . 
B 2 HOH 3  168 3  HOH HOH A . 
B 2 HOH 4  169 5  HOH HOH A . 
B 2 HOH 5  170 6  HOH HOH A . 
B 2 HOH 6  171 7  HOH HOH A . 
B 2 HOH 7  172 8  HOH HOH A . 
B 2 HOH 8  173 9  HOH HOH A . 
B 2 HOH 9  174 10 HOH HOH A . 
B 2 HOH 10 175 12 HOH HOH A . 
B 2 HOH 11 176 13 HOH HOH A . 
B 2 HOH 12 177 14 HOH HOH A . 
B 2 HOH 13 178 15 HOH HOH A . 
B 2 HOH 14 179 16 HOH HOH A . 
B 2 HOH 15 180 17 HOH HOH A . 
B 2 HOH 16 181 18 HOH HOH A . 
B 2 HOH 17 182 19 HOH HOH A . 
B 2 HOH 18 183 20 HOH HOH A . 
B 2 HOH 19 184 21 HOH HOH A . 
B 2 HOH 20 185 22 HOH HOH A . 
B 2 HOH 21 186 24 HOH HOH A . 
B 2 HOH 22 187 25 HOH HOH A . 
B 2 HOH 23 188 26 HOH HOH A . 
B 2 HOH 24 189 27 HOH HOH A . 
B 2 HOH 25 190 28 HOH HOH A . 
B 2 HOH 26 191 29 HOH HOH A . 
B 2 HOH 27 192 30 HOH HOH A . 
B 2 HOH 28 193 31 HOH HOH A . 
B 2 HOH 29 194 32 HOH HOH A . 
B 2 HOH 30 195 33 HOH HOH A . 
B 2 HOH 31 196 34 HOH HOH A . 
# 
loop_
_pdbx_unobs_or_zero_occ_atoms.id 
_pdbx_unobs_or_zero_occ_atoms.PDB_model_num 
_pdbx_unobs_or_zero_occ_atoms.polymer_flag 
_pdbx_unobs_or_zero_occ_atoms.occupancy_flag 
_pdbx_unobs_or_zero_occ_atoms.auth_asym_id 
_pdbx_unobs_or_zero_occ_atoms.auth_comp_id 
_pdbx_unobs_or_zero_occ_atoms.auth_seq_id 
_pdbx_unobs_or_zero_occ_atoms.PDB_ins_code 
_pdbx_unobs_or_zero_occ_atoms.auth_atom_id 
_pdbx_unobs_or_zero_occ_atoms.label_alt_id 
_pdbx_unobs_or_zero_occ_atoms.label_asym_id 
_pdbx_unobs_or_zero_occ_atoms.label_comp_id 
_pdbx_unobs_or_zero_occ_atoms.label_seq_id 
_pdbx_unobs_or_zero_occ_atoms.label_atom_id 
1 1 Y 1 A THR 77 ? OG1 ? A THR 77 OG1 
2 1 Y 1 A THR 77 ? CG2 ? A THR 77 CG2 
# 
loop_
_software.name 
_software.classification 
_software.version 
_software.citation_id 
_software.pdbx_ordinal 
REFMAC      refinement        5.2.0019 ? 1 
SBC-Collect 'data collection' .        ? 2 
HKL-3000    'data reduction'  .        ? 3 
HKL-3000    'data scaling'    .        ? 4 
HKL-3000    phasing           .        ? 5 
# 
_cell.entry_id           2O8I 
_cell.length_a           130.291 
_cell.length_b           130.291 
_cell.length_c           83.402 
_cell.angle_alpha        90.00 
_cell.angle_beta         90.00 
_cell.angle_gamma        120.00 
_cell.Z_PDB              12 
_cell.pdbx_unique_axis   ? 
_cell.length_a_esd       ? 
_cell.length_b_esd       ? 
_cell.length_c_esd       ? 
_cell.angle_alpha_esd    ? 
_cell.angle_beta_esd     ? 
_cell.angle_gamma_esd    ? 
# 
_symmetry.entry_id                         2O8I 
_symmetry.space_group_name_H-M             'P 65 2 2' 
_symmetry.pdbx_full_space_group_name_H-M   ? 
_symmetry.cell_setting                     ? 
_symmetry.Int_Tables_number                179 
_symmetry.space_group_name_Hall            ? 
# 
_exptl.entry_id          2O8I 
_exptl.method            'X-RAY DIFFRACTION' 
_exptl.crystals_number   1 
# 
_exptl_crystal.id                    1 
_exptl_crystal.density_meas          ? 
_exptl_crystal.density_Matthews      ? 
_exptl_crystal.density_percent_sol   ? 
_exptl_crystal.description           ? 
_exptl_crystal.F_000                 ? 
_exptl_crystal.preparation           ? 
# 
_exptl_crystal_grow.crystal_id      1 
_exptl_crystal_grow.method          'VAPOR DIFFUSION, HANGING DROP' 
_exptl_crystal_grow.temp            289 
_exptl_crystal_grow.temp_details    ? 
_exptl_crystal_grow.pH              7.5 
_exptl_crystal_grow.pdbx_details    '0.1M Hepes pH 7.5, 1.5M Ammonium sulfate, VAPOR DIFFUSION, HANGING DROP, temperature 289K' 
_exptl_crystal_grow.pdbx_pH_range   . 
# 
_diffrn.id                     1 
_diffrn.ambient_temp           100 
_diffrn.ambient_temp_details   ? 
_diffrn.crystal_id             1 
# 
_diffrn_detector.diffrn_id              1 
_diffrn_detector.detector               CCD 
_diffrn_detector.type                   'ADSC QUANTUM 315' 
_diffrn_detector.pdbx_collection_date   2006-08-03 
_diffrn_detector.details                ? 
# 
_diffrn_radiation.diffrn_id                        1 
_diffrn_radiation.wavelength_id                    1 
_diffrn_radiation.pdbx_monochromatic_or_laue_m_l   M 
_diffrn_radiation.monochromator                    'double crystal' 
_diffrn_radiation.pdbx_diffrn_protocol             'SINGLE WAVELENGTH' 
_diffrn_radiation.pdbx_scattering_type             x-ray 
# 
_diffrn_radiation_wavelength.id           1 
_diffrn_radiation_wavelength.wavelength   0.97929 
_diffrn_radiation_wavelength.wt           1.0 
# 
_diffrn_source.diffrn_id                   1 
_diffrn_source.source                      SYNCHROTRON 
_diffrn_source.type                        'APS BEAMLINE 19-ID' 
_diffrn_source.pdbx_synchrotron_site       APS 
_diffrn_source.pdbx_synchrotron_beamline   19-ID 
_diffrn_source.pdbx_wavelength             ? 
_diffrn_source.pdbx_wavelength_list        0.97929 
# 
_reflns.entry_id                     2O8I 
_reflns.observed_criterion_sigma_F   ? 
_reflns.observed_criterion_sigma_I   -3 
_reflns.d_resolution_high            2.6 
_reflns.d_resolution_low             50 
_reflns.number_all                   13337 
_reflns.number_obs                   13334 
_reflns.percent_possible_obs         100.0 
_reflns.pdbx_Rmerge_I_obs            0.093 
_reflns.pdbx_Rsym_value              ? 
_reflns.pdbx_netI_over_sigmaI        48.96 
_reflns.B_iso_Wilson_estimate        ? 
_reflns.pdbx_redundancy              21.1 
_reflns.R_free_details               ? 
_reflns.limit_h_max                  ? 
_reflns.limit_h_min                  ? 
_reflns.limit_k_max                  ? 
_reflns.limit_k_min                  ? 
_reflns.limit_l_max                  ? 
_reflns.limit_l_min                  ? 
_reflns.observed_criterion_F_max     ? 
_reflns.observed_criterion_F_min     ? 
_reflns.pdbx_chi_squared             ? 
_reflns.pdbx_scaling_rejects         ? 
_reflns.pdbx_ordinal                 1 
_reflns.pdbx_diffrn_id               1 
# 
_reflns_shell.d_res_high             2.6 
_reflns_shell.d_res_low              2.69 
_reflns_shell.percent_possible_all   99.9 
_reflns_shell.Rmerge_I_obs           0.586 
_reflns_shell.pdbx_Rsym_value        ? 
_reflns_shell.meanI_over_sigI_obs    6.72 
_reflns_shell.pdbx_redundancy        21.6 
_reflns_shell.percent_possible_obs   ? 
_reflns_shell.number_unique_all      1294 
_reflns_shell.number_measured_all    ? 
_reflns_shell.number_measured_obs    ? 
_reflns_shell.number_unique_obs      ? 
_reflns_shell.pdbx_chi_squared       ? 
_reflns_shell.pdbx_ordinal           1 
_reflns_shell.pdbx_diffrn_id         1 
# 
_refine.entry_id                                 2O8I 
_refine.ls_number_reflns_obs                     12653 
_refine.ls_number_reflns_all                     12653 
_refine.pdbx_ls_sigma_I                          ? 
_refine.pdbx_ls_sigma_F                          0 
_refine.pdbx_data_cutoff_high_absF               ? 
_refine.pdbx_data_cutoff_low_absF                ? 
_refine.pdbx_data_cutoff_high_rms_absF           ? 
_refine.ls_d_res_low                             46.73 
_refine.ls_d_res_high                            2.60 
_refine.ls_percent_reflns_obs                    99.95 
_refine.ls_R_factor_obs                          0.21195 
_refine.ls_R_factor_all                          0.21195 
_refine.ls_R_factor_R_work                       0.21069 
_refine.ls_R_factor_R_free                       0.23723 
_refine.ls_R_factor_R_free_error                 ? 
_refine.ls_R_factor_R_free_error_details         ? 
_refine.ls_percent_reflns_R_free                 4.9 
_refine.ls_number_reflns_R_free                  656 
_refine.ls_number_parameters                     ? 
_refine.ls_number_restraints                     ? 
_refine.occupancy_min                            ? 
_refine.occupancy_max                            ? 
_refine.correlation_coeff_Fo_to_Fc               0.937 
_refine.correlation_coeff_Fo_to_Fc_free          0.926 
_refine.B_iso_mean                               39.139 
_refine.aniso_B[1][1]                            0.19 
_refine.aniso_B[2][2]                            0.19 
_refine.aniso_B[3][3]                            -0.28 
_refine.aniso_B[1][2]                            0.09 
_refine.aniso_B[1][3]                            0.00 
_refine.aniso_B[2][3]                            0.00 
_refine.solvent_model_details                    MASK 
_refine.solvent_model_param_ksol                 ? 
_refine.solvent_model_param_bsol                 ? 
_refine.pdbx_solvent_vdw_probe_radii             1.20 
_refine.pdbx_solvent_ion_probe_radii             0.80 
_refine.pdbx_solvent_shrinkage_radii             0.80 
_refine.pdbx_ls_cross_valid_method               THROUGHOUT 
_refine.details                                  'HYDROGENS HAVE BEEN ADDED IN THE RIDING POSITIONS' 
_refine.pdbx_starting_model                      ? 
_refine.pdbx_method_to_determine_struct          SAD 
_refine.pdbx_isotropic_thermal_model             ? 
_refine.pdbx_stereochemistry_target_values       'MAXIMUM LIKELIHOOD' 
_refine.pdbx_stereochem_target_val_spec_case     ? 
_refine.pdbx_R_Free_selection_details            RANDOM 
_refine.pdbx_overall_ESU_R                       0.222 
_refine.pdbx_overall_ESU_R_Free                  0.195 
_refine.overall_SU_ML                            0.138 
_refine.overall_SU_B                             13.246 
_refine.ls_redundancy_reflns_obs                 ? 
_refine.B_iso_min                                ? 
_refine.B_iso_max                                ? 
_refine.overall_SU_R_Cruickshank_DPI             ? 
_refine.overall_SU_R_free                        ? 
_refine.ls_wR_factor_R_free                      ? 
_refine.ls_wR_factor_R_work                      ? 
_refine.overall_FOM_free_R_set                   ? 
_refine.overall_FOM_work_R_set                   ? 
_refine.pdbx_refine_id                           'X-RAY DIFFRACTION' 
_refine.pdbx_diffrn_id                           1 
_refine.pdbx_TLS_residual_ADP_flag               ? 
_refine.pdbx_overall_phase_error                 ? 
_refine.pdbx_overall_SU_R_free_Cruickshank_DPI   ? 
_refine.pdbx_overall_SU_R_Blow_DPI               ? 
_refine.pdbx_overall_SU_R_free_Blow_DPI          ? 
# 
_refine_hist.pdbx_refine_id                   'X-RAY DIFFRACTION' 
_refine_hist.cycle_id                         LAST 
_refine_hist.pdbx_number_atoms_protein        1185 
_refine_hist.pdbx_number_atoms_nucleic_acid   0 
_refine_hist.pdbx_number_atoms_ligand         0 
_refine_hist.number_atoms_solvent             31 
_refine_hist.number_atoms_total               1216 
_refine_hist.d_res_high                       2.60 
_refine_hist.d_res_low                        46.73 
# 
loop_
_refine_ls_restr.type 
_refine_ls_restr.dev_ideal 
_refine_ls_restr.dev_ideal_target 
_refine_ls_restr.weight 
_refine_ls_restr.number 
_refine_ls_restr.pdbx_refine_id 
_refine_ls_restr.pdbx_restraint_function 
r_bond_refined_d             0.018  0.022  ? 1221 'X-RAY DIFFRACTION' ? 
r_bond_other_d               ?      ?      ? ?    'X-RAY DIFFRACTION' ? 
r_angle_refined_deg          1.891  1.943  ? 1649 'X-RAY DIFFRACTION' ? 
r_angle_other_deg            ?      ?      ? ?    'X-RAY DIFFRACTION' ? 
r_dihedral_angle_1_deg       13.809 5.000  ? 155  'X-RAY DIFFRACTION' ? 
r_dihedral_angle_2_deg       35.949 22.881 ? 59   'X-RAY DIFFRACTION' ? 
r_dihedral_angle_3_deg       19.728 15.000 ? 193  'X-RAY DIFFRACTION' ? 
r_dihedral_angle_4_deg       18.817 15.000 ? 11   'X-RAY DIFFRACTION' ? 
r_chiral_restr               0.215  0.200  ? 180  'X-RAY DIFFRACTION' ? 
r_gen_planes_refined         0.007  0.020  ? 947  'X-RAY DIFFRACTION' ? 
r_gen_planes_other           ?      ?      ? ?    'X-RAY DIFFRACTION' ? 
r_nbd_refined                0.231  0.200  ? 561  'X-RAY DIFFRACTION' ? 
r_nbd_other                  ?      ?      ? ?    'X-RAY DIFFRACTION' ? 
r_nbtor_refined              0.310  0.200  ? 852  'X-RAY DIFFRACTION' ? 
r_nbtor_other                ?      ?      ? ?    'X-RAY DIFFRACTION' ? 
r_xyhbond_nbd_refined        0.119  0.200  ? 43   'X-RAY DIFFRACTION' ? 
r_xyhbond_nbd_other          ?      ?      ? ?    'X-RAY DIFFRACTION' ? 
r_metal_ion_refined          ?      ?      ? ?    'X-RAY DIFFRACTION' ? 
r_metal_ion_other            ?      ?      ? ?    'X-RAY DIFFRACTION' ? 
r_symmetry_vdw_refined       0.241  0.200  ? 26   'X-RAY DIFFRACTION' ? 
r_symmetry_vdw_other         ?      ?      ? ?    'X-RAY DIFFRACTION' ? 
r_symmetry_hbond_refined     0.513  0.200  ? 9    'X-RAY DIFFRACTION' ? 
r_symmetry_hbond_other       ?      ?      ? ?    'X-RAY DIFFRACTION' ? 
r_symmetry_metal_ion_refined ?      ?      ? ?    'X-RAY DIFFRACTION' ? 
r_symmetry_metal_ion_other   ?      ?      ? ?    'X-RAY DIFFRACTION' ? 
r_mcbond_it                  1.063  1.500  ? 784  'X-RAY DIFFRACTION' ? 
r_mcbond_other               ?      ?      ? ?    'X-RAY DIFFRACTION' ? 
r_mcangle_it                 1.469  2.000  ? 1214 'X-RAY DIFFRACTION' ? 
r_scbond_it                  2.557  3.000  ? 480  'X-RAY DIFFRACTION' ? 
r_scangle_it                 3.789  4.500  ? 435  'X-RAY DIFFRACTION' ? 
r_rigid_bond_restr           ?      ?      ? ?    'X-RAY DIFFRACTION' ? 
r_sphericity_free            ?      ?      ? ?    'X-RAY DIFFRACTION' ? 
r_sphericity_bonded          ?      ?      ? ?    'X-RAY DIFFRACTION' ? 
# 
_refine_ls_shell.pdbx_total_number_of_bins_used   20 
_refine_ls_shell.d_res_high                       2.60 
_refine_ls_shell.d_res_low                        2.668 
_refine_ls_shell.number_reflns_R_work             924 
_refine_ls_shell.R_factor_R_work                  0.297 
_refine_ls_shell.percent_reflns_obs               100.00 
_refine_ls_shell.R_factor_R_free                  0.341 
_refine_ls_shell.R_factor_R_free_error            ? 
_refine_ls_shell.percent_reflns_R_free            ? 
_refine_ls_shell.number_reflns_R_free             39 
_refine_ls_shell.number_reflns_all                ? 
_refine_ls_shell.R_factor_all                     ? 
_refine_ls_shell.number_reflns_obs                ? 
_refine_ls_shell.redundancy_reflns_obs            ? 
_refine_ls_shell.pdbx_refine_id                   'X-RAY DIFFRACTION' 
# 
_struct.entry_id                  2O8I 
_struct.title                     'Crystal structure of protein Atu2327 from Agrobacterium tumefaciens str. C58' 
_struct.pdbx_model_details        ? 
_struct.pdbx_CASP_flag            ? 
_struct.pdbx_model_type_details   ? 
# 
_struct_keywords.entry_id        2O8I 
_struct_keywords.pdbx_keywords   'STRUCTURAL GENOMICS, UNKNOWN FUNCTION' 
_struct_keywords.text            
;Atu2327, Agrobacterium tumefaciens str. C58, Structural Genomics, PSI-2, Protein Structure Initiative, Midwest Center for Structural Genomics, MCSG, UNKNOWN FUNCTION
;
# 
loop_
_struct_asym.id 
_struct_asym.pdbx_blank_PDB_chainid_flag 
_struct_asym.pdbx_modified 
_struct_asym.entity_id 
_struct_asym.details 
A N N 1 ? 
B N N 2 ? 
# 
_struct_ref.id                         1 
_struct_ref.db_name                    UNP 
_struct_ref.db_code                    Q8UD01_AGRT5 
_struct_ref.pdbx_db_accession          Q8UD01 
_struct_ref.entity_id                  1 
_struct_ref.pdbx_seq_one_letter_code   
;MVTREEFVARFGGVFEHSPFIAERAYDAGGAGLELTAKAVHGALCAQFRVASEAERLGVLRAHPDLAGKLAIAGELTADS
RNEQAGAGLDRLSPQEHARFTQLNSAYTEKFGFPFIIAVKGLNRHDILSAFDTRIDNNAAQEFATATGQVEKIAWLRLAS
MLPEG
;
_struct_ref.pdbx_align_begin           1 
_struct_ref.pdbx_db_isoform            ? 
# 
_struct_ref_seq.align_id                      1 
_struct_ref_seq.ref_id                        1 
_struct_ref_seq.pdbx_PDB_id_code              2O8I 
_struct_ref_seq.pdbx_strand_id                A 
_struct_ref_seq.seq_align_beg                 1 
_struct_ref_seq.pdbx_seq_align_beg_ins_code   ? 
_struct_ref_seq.seq_align_end                 165 
_struct_ref_seq.pdbx_seq_align_end_ins_code   ? 
_struct_ref_seq.pdbx_db_accession             Q8UD01 
_struct_ref_seq.db_align_beg                  1 
_struct_ref_seq.pdbx_db_align_beg_ins_code    ? 
_struct_ref_seq.db_align_end                  165 
_struct_ref_seq.pdbx_db_align_end_ins_code    ? 
_struct_ref_seq.pdbx_auth_seq_align_beg       1 
_struct_ref_seq.pdbx_auth_seq_align_end       165 
# 
loop_
_struct_ref_seq_dif.align_id 
_struct_ref_seq_dif.pdbx_pdb_id_code 
_struct_ref_seq_dif.mon_id 
_struct_ref_seq_dif.pdbx_pdb_strand_id 
_struct_ref_seq_dif.seq_num 
_struct_ref_seq_dif.pdbx_pdb_ins_code 
_struct_ref_seq_dif.pdbx_seq_db_name 
_struct_ref_seq_dif.pdbx_seq_db_accession_code 
_struct_ref_seq_dif.db_mon_id 
_struct_ref_seq_dif.pdbx_seq_db_seq_num 
_struct_ref_seq_dif.details 
_struct_ref_seq_dif.pdbx_auth_seq_num 
_struct_ref_seq_dif.pdbx_ordinal 
1 2O8I MSE A 1   ? UNP Q8UD01 MET 1   'engineered mutation' 1   1 
1 2O8I MSE A 161 ? UNP Q8UD01 MET 161 'engineered mutation' 161 2 
# 
_pdbx_struct_assembly.id                   1 
_pdbx_struct_assembly.details              author_defined_assembly 
_pdbx_struct_assembly.method_details       ? 
_pdbx_struct_assembly.oligomeric_details   dimeric 
_pdbx_struct_assembly.oligomeric_count     2 
# 
_pdbx_struct_assembly_gen.assembly_id       1 
_pdbx_struct_assembly_gen.oper_expression   1,2 
_pdbx_struct_assembly_gen.asym_id_list      A,B 
# 
loop_
_pdbx_struct_oper_list.id 
_pdbx_struct_oper_list.type 
_pdbx_struct_oper_list.name 
_pdbx_struct_oper_list.symmetry_operation 
_pdbx_struct_oper_list.matrix[1][1] 
_pdbx_struct_oper_list.matrix[1][2] 
_pdbx_struct_oper_list.matrix[1][3] 
_pdbx_struct_oper_list.vector[1] 
_pdbx_struct_oper_list.matrix[2][1] 
_pdbx_struct_oper_list.matrix[2][2] 
_pdbx_struct_oper_list.matrix[2][3] 
_pdbx_struct_oper_list.vector[2] 
_pdbx_struct_oper_list.matrix[3][1] 
_pdbx_struct_oper_list.matrix[3][2] 
_pdbx_struct_oper_list.matrix[3][3] 
_pdbx_struct_oper_list.vector[3] 
1 'identity operation'         1_555 x,y,z      1.0000000000  0.0000000000  0.0000000000 0.0000000000   0.0000000000  1.0000000000  0.0000000000  0.0000000000 0.0000000000 0.0000000000  1.0000000000 0.0000000000 
2 'crystal symmetry operation' 7_555 y,x,-z+2/3 -0.9489629255 -0.2072231569 0.2377560288 -17.3054431853 -0.2072231569 -0.1586226837 -0.9653483348 6.3515280449 0.2377560288 -0.9653483348 0.1075856092 9.2506713550 
# 
_struct_biol.id   1 
# 
loop_
_struct_conf.conf_type_id 
_struct_conf.id 
_struct_conf.pdbx_PDB_helix_id 
_struct_conf.beg_label_comp_id 
_struct_conf.beg_label_asym_id 
_struct_conf.beg_label_seq_id 
_struct_conf.pdbx_beg_PDB_ins_code 
_struct_conf.end_label_comp_id 
_struct_conf.end_label_asym_id 
_struct_conf.end_label_seq_id 
_struct_conf.pdbx_end_PDB_ins_code 
_struct_conf.beg_auth_comp_id 
_struct_conf.beg_auth_asym_id 
_struct_conf.beg_auth_seq_id 
_struct_conf.end_auth_comp_id 
_struct_conf.end_auth_asym_id 
_struct_conf.end_auth_seq_id 
_struct_conf.pdbx_PDB_helix_class 
_struct_conf.details 
_struct_conf.pdbx_PDB_helix_length 
HELX_P HELX_P1 1 THR A 3   ? GLY A 12  ? THR A 3   GLY A 12  1 ? 10 
HELX_P HELX_P2 2 SER A 18  ? ALA A 28  ? SER A 18  ALA A 28  1 ? 11 
HELX_P HELX_P3 3 GLY A 29  ? LEU A 33  ? GLY A 29  LEU A 33  5 ? 5  
HELX_P HELX_P4 4 THR A 36  ? ALA A 51  ? THR A 36  ALA A 51  1 ? 16 
HELX_P HELX_P5 5 SER A 52  ? HIS A 63  ? SER A 52  HIS A 63  1 ? 12 
HELX_P HELX_P6 6 ASP A 65  ? GLU A 75  ? ASP A 65  GLU A 75  1 ? 11 
HELX_P HELX_P7 7 SER A 93  ? GLY A 112 ? SER A 93  GLY A 112 1 ? 20 
HELX_P HELX_P8 8 ASN A 123 ? ASP A 136 ? ASN A 123 ASP A 136 1 ? 14 
HELX_P HELX_P9 9 ASN A 138 ? LEU A 162 ? ASN A 138 LEU A 162 1 ? 25 
# 
_struct_conf_type.id          HELX_P 
_struct_conf_type.criteria    ? 
_struct_conf_type.reference   ? 
# 
loop_
_struct_conn.id 
_struct_conn.conn_type_id 
_struct_conn.pdbx_leaving_atom_flag 
_struct_conn.pdbx_PDB_id 
_struct_conn.ptnr1_label_asym_id 
_struct_conn.ptnr1_label_comp_id 
_struct_conn.ptnr1_label_seq_id 
_struct_conn.ptnr1_label_atom_id 
_struct_conn.pdbx_ptnr1_label_alt_id 
_struct_conn.pdbx_ptnr1_PDB_ins_code 
_struct_conn.pdbx_ptnr1_standard_comp_id 
_struct_conn.ptnr1_symmetry 
_struct_conn.ptnr2_label_asym_id 
_struct_conn.ptnr2_label_comp_id 
_struct_conn.ptnr2_label_seq_id 
_struct_conn.ptnr2_label_atom_id 
_struct_conn.pdbx_ptnr2_label_alt_id 
_struct_conn.pdbx_ptnr2_PDB_ins_code 
_struct_conn.ptnr1_auth_asym_id 
_struct_conn.ptnr1_auth_comp_id 
_struct_conn.ptnr1_auth_seq_id 
_struct_conn.ptnr2_auth_asym_id 
_struct_conn.ptnr2_auth_comp_id 
_struct_conn.ptnr2_auth_seq_id 
_struct_conn.ptnr2_symmetry 
_struct_conn.pdbx_ptnr3_label_atom_id 
_struct_conn.pdbx_ptnr3_label_seq_id 
_struct_conn.pdbx_ptnr3_label_comp_id 
_struct_conn.pdbx_ptnr3_label_asym_id 
_struct_conn.pdbx_ptnr3_label_alt_id 
_struct_conn.pdbx_ptnr3_PDB_ins_code 
_struct_conn.details 
_struct_conn.pdbx_dist_value 
_struct_conn.pdbx_value_order 
_struct_conn.pdbx_role 
covale1 covale both ? A MSE 1   C ? ? ? 1_555 A VAL 2   N ? ? A MSE 1   A VAL 2   1_555 ? ? ? ? ? ? ? 1.313 ? ? 
covale2 covale both ? A SER 160 C ? ? ? 1_555 A MSE 161 N ? ? A SER 160 A MSE 161 1_555 ? ? ? ? ? ? ? 1.330 ? ? 
covale3 covale both ? A MSE 161 C ? ? ? 1_555 A LEU 162 N ? ? A MSE 161 A LEU 162 1_555 ? ? ? ? ? ? ? 1.329 ? ? 
# 
_struct_conn_type.id          covale 
_struct_conn_type.criteria    ? 
_struct_conn_type.reference   ? 
# 
loop_
_pdbx_modification_feature.ordinal 
_pdbx_modification_feature.label_comp_id 
_pdbx_modification_feature.label_asym_id 
_pdbx_modification_feature.label_seq_id 
_pdbx_modification_feature.label_alt_id 
_pdbx_modification_feature.modified_residue_label_comp_id 
_pdbx_modification_feature.modified_residue_label_asym_id 
_pdbx_modification_feature.modified_residue_label_seq_id 
_pdbx_modification_feature.modified_residue_label_alt_id 
_pdbx_modification_feature.auth_comp_id 
_pdbx_modification_feature.auth_asym_id 
_pdbx_modification_feature.auth_seq_id 
_pdbx_modification_feature.PDB_ins_code 
_pdbx_modification_feature.symmetry 
_pdbx_modification_feature.modified_residue_auth_comp_id 
_pdbx_modification_feature.modified_residue_auth_asym_id 
_pdbx_modification_feature.modified_residue_auth_seq_id 
_pdbx_modification_feature.modified_residue_PDB_ins_code 
_pdbx_modification_feature.modified_residue_symmetry 
_pdbx_modification_feature.comp_id_linking_atom 
_pdbx_modification_feature.modified_residue_id_linking_atom 
_pdbx_modification_feature.modified_residue_id 
_pdbx_modification_feature.ref_pcm_id 
_pdbx_modification_feature.ref_comp_id 
_pdbx_modification_feature.type 
_pdbx_modification_feature.category 
1 MSE A 1   ? . . . . MSE A 1   ? 1_555 . . . . . . . MET 1 MSE Selenomethionine 'Named protein modification' 
2 MSE A 161 ? . . . . MSE A 161 ? 1_555 . . . . . . . MET 1 MSE Selenomethionine 'Named protein modification' 
# 
_pdbx_entry_details.entry_id                   2O8I 
_pdbx_entry_details.compound_details           ? 
_pdbx_entry_details.source_details             ? 
_pdbx_entry_details.nonpolymer_details         ? 
_pdbx_entry_details.sequence_details           ? 
_pdbx_entry_details.has_ligand_of_interest     ? 
_pdbx_entry_details.has_protein_modification   Y 
# 
_pdbx_validate_close_contact.id               1 
_pdbx_validate_close_contact.PDB_model_num    1 
_pdbx_validate_close_contact.auth_atom_id_1   CE1 
_pdbx_validate_close_contact.auth_asym_id_1   A 
_pdbx_validate_close_contact.auth_comp_id_1   HIS 
_pdbx_validate_close_contact.auth_seq_id_1    17 
_pdbx_validate_close_contact.PDB_ins_code_1   ? 
_pdbx_validate_close_contact.label_alt_id_1   ? 
_pdbx_validate_close_contact.auth_atom_id_2   O 
_pdbx_validate_close_contact.auth_asym_id_2   A 
_pdbx_validate_close_contact.auth_comp_id_2   HOH 
_pdbx_validate_close_contact.auth_seq_id_2    168 
_pdbx_validate_close_contact.PDB_ins_code_2   ? 
_pdbx_validate_close_contact.label_alt_id_2   ? 
_pdbx_validate_close_contact.dist             2.15 
# 
loop_
_pdbx_validate_symm_contact.id 
_pdbx_validate_symm_contact.PDB_model_num 
_pdbx_validate_symm_contact.auth_atom_id_1 
_pdbx_validate_symm_contact.auth_asym_id_1 
_pdbx_validate_symm_contact.auth_comp_id_1 
_pdbx_validate_symm_contact.auth_seq_id_1 
_pdbx_validate_symm_contact.PDB_ins_code_1 
_pdbx_validate_symm_contact.label_alt_id_1 
_pdbx_validate_symm_contact.site_symmetry_1 
_pdbx_validate_symm_contact.auth_atom_id_2 
_pdbx_validate_symm_contact.auth_asym_id_2 
_pdbx_validate_symm_contact.auth_comp_id_2 
_pdbx_validate_symm_contact.auth_seq_id_2 
_pdbx_validate_symm_contact.PDB_ins_code_2 
_pdbx_validate_symm_contact.label_alt_id_2 
_pdbx_validate_symm_contact.site_symmetry_2 
_pdbx_validate_symm_contact.dist 
1 1 O A HOH 193 ? ? 1_555 O A HOH 193 ? ? 10_665 1.61 
2 1 O A HOH 168 ? ? 1_555 O A HOH 168 ? ? 7_555  2.08 
# 
_pdbx_validate_rmsd_bond.id                        1 
_pdbx_validate_rmsd_bond.PDB_model_num             1 
_pdbx_validate_rmsd_bond.auth_atom_id_1            CD 
_pdbx_validate_rmsd_bond.auth_asym_id_1            A 
_pdbx_validate_rmsd_bond.auth_comp_id_1            GLU 
_pdbx_validate_rmsd_bond.auth_seq_id_1             6 
_pdbx_validate_rmsd_bond.PDB_ins_code_1            ? 
_pdbx_validate_rmsd_bond.label_alt_id_1            ? 
_pdbx_validate_rmsd_bond.auth_atom_id_2            OE1 
_pdbx_validate_rmsd_bond.auth_asym_id_2            A 
_pdbx_validate_rmsd_bond.auth_comp_id_2            GLU 
_pdbx_validate_rmsd_bond.auth_seq_id_2             6 
_pdbx_validate_rmsd_bond.PDB_ins_code_2            ? 
_pdbx_validate_rmsd_bond.label_alt_id_2            ? 
_pdbx_validate_rmsd_bond.bond_value                1.330 
_pdbx_validate_rmsd_bond.bond_target_value         1.252 
_pdbx_validate_rmsd_bond.bond_deviation            0.078 
_pdbx_validate_rmsd_bond.bond_standard_deviation   0.011 
_pdbx_validate_rmsd_bond.linker_flag               N 
# 
_pdbx_validate_rmsd_angle.id                         1 
_pdbx_validate_rmsd_angle.PDB_model_num              1 
_pdbx_validate_rmsd_angle.auth_atom_id_1             NE 
_pdbx_validate_rmsd_angle.auth_asym_id_1             A 
_pdbx_validate_rmsd_angle.auth_comp_id_1             ARG 
_pdbx_validate_rmsd_angle.auth_seq_id_1              10 
_pdbx_validate_rmsd_angle.PDB_ins_code_1             ? 
_pdbx_validate_rmsd_angle.label_alt_id_1             ? 
_pdbx_validate_rmsd_angle.auth_atom_id_2             CZ 
_pdbx_validate_rmsd_angle.auth_asym_id_2             A 
_pdbx_validate_rmsd_angle.auth_comp_id_2             ARG 
_pdbx_validate_rmsd_angle.auth_seq_id_2              10 
_pdbx_validate_rmsd_angle.PDB_ins_code_2             ? 
_pdbx_validate_rmsd_angle.label_alt_id_2             ? 
_pdbx_validate_rmsd_angle.auth_atom_id_3             NH1 
_pdbx_validate_rmsd_angle.auth_asym_id_3             A 
_pdbx_validate_rmsd_angle.auth_comp_id_3             ARG 
_pdbx_validate_rmsd_angle.auth_seq_id_3              10 
_pdbx_validate_rmsd_angle.PDB_ins_code_3             ? 
_pdbx_validate_rmsd_angle.label_alt_id_3             ? 
_pdbx_validate_rmsd_angle.angle_value                124.12 
_pdbx_validate_rmsd_angle.angle_target_value         120.30 
_pdbx_validate_rmsd_angle.angle_deviation            3.82 
_pdbx_validate_rmsd_angle.angle_standard_deviation   0.50 
_pdbx_validate_rmsd_angle.linker_flag                N 
# 
loop_
_pdbx_validate_torsion.id 
_pdbx_validate_torsion.PDB_model_num 
_pdbx_validate_torsion.auth_comp_id 
_pdbx_validate_torsion.auth_asym_id 
_pdbx_validate_torsion.auth_seq_id 
_pdbx_validate_torsion.PDB_ins_code 
_pdbx_validate_torsion.label_alt_id 
_pdbx_validate_torsion.phi 
_pdbx_validate_torsion.psi 
1 1 ARG A 10  ? ? 34.42 -90.41 
2 1 HIS A 17  ? ? 48.73 22.80  
3 1 LYS A 152 ? ? 10.62 -79.77 
# 
loop_
_pdbx_validate_peptide_omega.id 
_pdbx_validate_peptide_omega.PDB_model_num 
_pdbx_validate_peptide_omega.auth_comp_id_1 
_pdbx_validate_peptide_omega.auth_asym_id_1 
_pdbx_validate_peptide_omega.auth_seq_id_1 
_pdbx_validate_peptide_omega.PDB_ins_code_1 
_pdbx_validate_peptide_omega.label_alt_id_1 
_pdbx_validate_peptide_omega.auth_comp_id_2 
_pdbx_validate_peptide_omega.auth_asym_id_2 
_pdbx_validate_peptide_omega.auth_seq_id_2 
_pdbx_validate_peptide_omega.PDB_ins_code_2 
_pdbx_validate_peptide_omega.label_alt_id_2 
_pdbx_validate_peptide_omega.omega 
1 1 ALA A 9   ? ? ARG A 10  ? ? 102.97 
2 1 GLU A 151 ? ? LYS A 152 ? ? 115.66 
# 
_pdbx_SG_project.id                    1 
_pdbx_SG_project.project_name          'PSI, Protein Structure Initiative' 
_pdbx_SG_project.full_name_of_center   'Midwest Center for Structural Genomics' 
_pdbx_SG_project.initial_of_center     MCSG 
# 
loop_
_pdbx_struct_mod_residue.id 
_pdbx_struct_mod_residue.label_asym_id 
_pdbx_struct_mod_residue.label_comp_id 
_pdbx_struct_mod_residue.label_seq_id 
_pdbx_struct_mod_residue.auth_asym_id 
_pdbx_struct_mod_residue.auth_comp_id 
_pdbx_struct_mod_residue.auth_seq_id 
_pdbx_struct_mod_residue.PDB_ins_code 
_pdbx_struct_mod_residue.parent_comp_id 
_pdbx_struct_mod_residue.details 
1 A MSE 1   A MSE 1   ? MET SELENOMETHIONINE 
2 A MSE 161 A MSE 161 ? MET SELENOMETHIONINE 
# 
loop_
_pdbx_unobs_or_zero_occ_residues.id 
_pdbx_unobs_or_zero_occ_residues.PDB_model_num 
_pdbx_unobs_or_zero_occ_residues.polymer_flag 
_pdbx_unobs_or_zero_occ_residues.occupancy_flag 
_pdbx_unobs_or_zero_occ_residues.auth_asym_id 
_pdbx_unobs_or_zero_occ_residues.auth_comp_id 
_pdbx_unobs_or_zero_occ_residues.auth_seq_id 
_pdbx_unobs_or_zero_occ_residues.PDB_ins_code 
_pdbx_unobs_or_zero_occ_residues.label_asym_id 
_pdbx_unobs_or_zero_occ_residues.label_comp_id 
_pdbx_unobs_or_zero_occ_residues.label_seq_id 
1  1 Y 1 A ALA 78 ? A ALA 78 
2  1 Y 1 A ASP 79 ? A ASP 79 
3  1 Y 1 A SER 80 ? A SER 80 
4  1 Y 1 A ARG 81 ? A ARG 81 
5  1 Y 1 A ASN 82 ? A ASN 82 
6  1 Y 1 A GLU 83 ? A GLU 83 
7  1 Y 1 A GLN 84 ? A GLN 84 
8  1 Y 1 A ALA 85 ? A ALA 85 
9  1 Y 1 A GLY 86 ? A GLY 86 
10 1 Y 1 A ALA 87 ? A ALA 87 
# 
loop_
_chem_comp_atom.comp_id 
_chem_comp_atom.atom_id 
_chem_comp_atom.type_symbol 
_chem_comp_atom.pdbx_aromatic_flag 
_chem_comp_atom.pdbx_stereo_config 
_chem_comp_atom.pdbx_ordinal 
ALA N    N  N N 1   
ALA CA   C  N S 2   
ALA C    C  N N 3   
ALA O    O  N N 4   
ALA CB   C  N N 5   
ALA OXT  O  N N 6   
ALA H    H  N N 7   
ALA H2   H  N N 8   
ALA HA   H  N N 9   
ALA HB1  H  N N 10  
ALA HB2  H  N N 11  
ALA HB3  H  N N 12  
ALA HXT  H  N N 13  
ARG N    N  N N 14  
ARG CA   C  N S 15  
ARG C    C  N N 16  
ARG O    O  N N 17  
ARG CB   C  N N 18  
ARG CG   C  N N 19  
ARG CD   C  N N 20  
ARG NE   N  N N 21  
ARG CZ   C  N N 22  
ARG NH1  N  N N 23  
ARG NH2  N  N N 24  
ARG OXT  O  N N 25  
ARG H    H  N N 26  
ARG H2   H  N N 27  
ARG HA   H  N N 28  
ARG HB2  H  N N 29  
ARG HB3  H  N N 30  
ARG HG2  H  N N 31  
ARG HG3  H  N N 32  
ARG HD2  H  N N 33  
ARG HD3  H  N N 34  
ARG HE   H  N N 35  
ARG HH11 H  N N 36  
ARG HH12 H  N N 37  
ARG HH21 H  N N 38  
ARG HH22 H  N N 39  
ARG HXT  H  N N 40  
ASN N    N  N N 41  
ASN CA   C  N S 42  
ASN C    C  N N 43  
ASN O    O  N N 44  
ASN CB   C  N N 45  
ASN CG   C  N N 46  
ASN OD1  O  N N 47  
ASN ND2  N  N N 48  
ASN OXT  O  N N 49  
ASN H    H  N N 50  
ASN H2   H  N N 51  
ASN HA   H  N N 52  
ASN HB2  H  N N 53  
ASN HB3  H  N N 54  
ASN HD21 H  N N 55  
ASN HD22 H  N N 56  
ASN HXT  H  N N 57  
ASP N    N  N N 58  
ASP CA   C  N S 59  
ASP C    C  N N 60  
ASP O    O  N N 61  
ASP CB   C  N N 62  
ASP CG   C  N N 63  
ASP OD1  O  N N 64  
ASP OD2  O  N N 65  
ASP OXT  O  N N 66  
ASP H    H  N N 67  
ASP H2   H  N N 68  
ASP HA   H  N N 69  
ASP HB2  H  N N 70  
ASP HB3  H  N N 71  
ASP HD2  H  N N 72  
ASP HXT  H  N N 73  
CYS N    N  N N 74  
CYS CA   C  N R 75  
CYS C    C  N N 76  
CYS O    O  N N 77  
CYS CB   C  N N 78  
CYS SG   S  N N 79  
CYS OXT  O  N N 80  
CYS H    H  N N 81  
CYS H2   H  N N 82  
CYS HA   H  N N 83  
CYS HB2  H  N N 84  
CYS HB3  H  N N 85  
CYS HG   H  N N 86  
CYS HXT  H  N N 87  
GLN N    N  N N 88  
GLN CA   C  N S 89  
GLN C    C  N N 90  
GLN O    O  N N 91  
GLN CB   C  N N 92  
GLN CG   C  N N 93  
GLN CD   C  N N 94  
GLN OE1  O  N N 95  
GLN NE2  N  N N 96  
GLN OXT  O  N N 97  
GLN H    H  N N 98  
GLN H2   H  N N 99  
GLN HA   H  N N 100 
GLN HB2  H  N N 101 
GLN HB3  H  N N 102 
GLN HG2  H  N N 103 
GLN HG3  H  N N 104 
GLN HE21 H  N N 105 
GLN HE22 H  N N 106 
GLN HXT  H  N N 107 
GLU N    N  N N 108 
GLU CA   C  N S 109 
GLU C    C  N N 110 
GLU O    O  N N 111 
GLU CB   C  N N 112 
GLU CG   C  N N 113 
GLU CD   C  N N 114 
GLU OE1  O  N N 115 
GLU OE2  O  N N 116 
GLU OXT  O  N N 117 
GLU H    H  N N 118 
GLU H2   H  N N 119 
GLU HA   H  N N 120 
GLU HB2  H  N N 121 
GLU HB3  H  N N 122 
GLU HG2  H  N N 123 
GLU HG3  H  N N 124 
GLU HE2  H  N N 125 
GLU HXT  H  N N 126 
GLY N    N  N N 127 
GLY CA   C  N N 128 
GLY C    C  N N 129 
GLY O    O  N N 130 
GLY OXT  O  N N 131 
GLY H    H  N N 132 
GLY H2   H  N N 133 
GLY HA2  H  N N 134 
GLY HA3  H  N N 135 
GLY HXT  H  N N 136 
HIS N    N  N N 137 
HIS CA   C  N S 138 
HIS C    C  N N 139 
HIS O    O  N N 140 
HIS CB   C  N N 141 
HIS CG   C  Y N 142 
HIS ND1  N  Y N 143 
HIS CD2  C  Y N 144 
HIS CE1  C  Y N 145 
HIS NE2  N  Y N 146 
HIS OXT  O  N N 147 
HIS H    H  N N 148 
HIS H2   H  N N 149 
HIS HA   H  N N 150 
HIS HB2  H  N N 151 
HIS HB3  H  N N 152 
HIS HD1  H  N N 153 
HIS HD2  H  N N 154 
HIS HE1  H  N N 155 
HIS HE2  H  N N 156 
HIS HXT  H  N N 157 
HOH O    O  N N 158 
HOH H1   H  N N 159 
HOH H2   H  N N 160 
ILE N    N  N N 161 
ILE CA   C  N S 162 
ILE C    C  N N 163 
ILE O    O  N N 164 
ILE CB   C  N S 165 
ILE CG1  C  N N 166 
ILE CG2  C  N N 167 
ILE CD1  C  N N 168 
ILE OXT  O  N N 169 
ILE H    H  N N 170 
ILE H2   H  N N 171 
ILE HA   H  N N 172 
ILE HB   H  N N 173 
ILE HG12 H  N N 174 
ILE HG13 H  N N 175 
ILE HG21 H  N N 176 
ILE HG22 H  N N 177 
ILE HG23 H  N N 178 
ILE HD11 H  N N 179 
ILE HD12 H  N N 180 
ILE HD13 H  N N 181 
ILE HXT  H  N N 182 
LEU N    N  N N 183 
LEU CA   C  N S 184 
LEU C    C  N N 185 
LEU O    O  N N 186 
LEU CB   C  N N 187 
LEU CG   C  N N 188 
LEU CD1  C  N N 189 
LEU CD2  C  N N 190 
LEU OXT  O  N N 191 
LEU H    H  N N 192 
LEU H2   H  N N 193 
LEU HA   H  N N 194 
LEU HB2  H  N N 195 
LEU HB3  H  N N 196 
LEU HG   H  N N 197 
LEU HD11 H  N N 198 
LEU HD12 H  N N 199 
LEU HD13 H  N N 200 
LEU HD21 H  N N 201 
LEU HD22 H  N N 202 
LEU HD23 H  N N 203 
LEU HXT  H  N N 204 
LYS N    N  N N 205 
LYS CA   C  N S 206 
LYS C    C  N N 207 
LYS O    O  N N 208 
LYS CB   C  N N 209 
LYS CG   C  N N 210 
LYS CD   C  N N 211 
LYS CE   C  N N 212 
LYS NZ   N  N N 213 
LYS OXT  O  N N 214 
LYS H    H  N N 215 
LYS H2   H  N N 216 
LYS HA   H  N N 217 
LYS HB2  H  N N 218 
LYS HB3  H  N N 219 
LYS HG2  H  N N 220 
LYS HG3  H  N N 221 
LYS HD2  H  N N 222 
LYS HD3  H  N N 223 
LYS HE2  H  N N 224 
LYS HE3  H  N N 225 
LYS HZ1  H  N N 226 
LYS HZ2  H  N N 227 
LYS HZ3  H  N N 228 
LYS HXT  H  N N 229 
MET N    N  N N 230 
MET CA   C  N S 231 
MET C    C  N N 232 
MET O    O  N N 233 
MET CB   C  N N 234 
MET CG   C  N N 235 
MET SD   S  N N 236 
MET CE   C  N N 237 
MET OXT  O  N N 238 
MET H    H  N N 239 
MET H2   H  N N 240 
MET HA   H  N N 241 
MET HB2  H  N N 242 
MET HB3  H  N N 243 
MET HG2  H  N N 244 
MET HG3  H  N N 245 
MET HE1  H  N N 246 
MET HE2  H  N N 247 
MET HE3  H  N N 248 
MET HXT  H  N N 249 
MSE N    N  N N 250 
MSE CA   C  N S 251 
MSE C    C  N N 252 
MSE O    O  N N 253 
MSE OXT  O  N N 254 
MSE CB   C  N N 255 
MSE CG   C  N N 256 
MSE SE   SE N N 257 
MSE CE   C  N N 258 
MSE H    H  N N 259 
MSE H2   H  N N 260 
MSE HA   H  N N 261 
MSE HXT  H  N N 262 
MSE HB2  H  N N 263 
MSE HB3  H  N N 264 
MSE HG2  H  N N 265 
MSE HG3  H  N N 266 
MSE HE1  H  N N 267 
MSE HE2  H  N N 268 
MSE HE3  H  N N 269 
PHE N    N  N N 270 
PHE CA   C  N S 271 
PHE C    C  N N 272 
PHE O    O  N N 273 
PHE CB   C  N N 274 
PHE CG   C  Y N 275 
PHE CD1  C  Y N 276 
PHE CD2  C  Y N 277 
PHE CE1  C  Y N 278 
PHE CE2  C  Y N 279 
PHE CZ   C  Y N 280 
PHE OXT  O  N N 281 
PHE H    H  N N 282 
PHE H2   H  N N 283 
PHE HA   H  N N 284 
PHE HB2  H  N N 285 
PHE HB3  H  N N 286 
PHE HD1  H  N N 287 
PHE HD2  H  N N 288 
PHE HE1  H  N N 289 
PHE HE2  H  N N 290 
PHE HZ   H  N N 291 
PHE HXT  H  N N 292 
PRO N    N  N N 293 
PRO CA   C  N S 294 
PRO C    C  N N 295 
PRO O    O  N N 296 
PRO CB   C  N N 297 
PRO CG   C  N N 298 
PRO CD   C  N N 299 
PRO OXT  O  N N 300 
PRO H    H  N N 301 
PRO HA   H  N N 302 
PRO HB2  H  N N 303 
PRO HB3  H  N N 304 
PRO HG2  H  N N 305 
PRO HG3  H  N N 306 
PRO HD2  H  N N 307 
PRO HD3  H  N N 308 
PRO HXT  H  N N 309 
SER N    N  N N 310 
SER CA   C  N S 311 
SER C    C  N N 312 
SER O    O  N N 313 
SER CB   C  N N 314 
SER OG   O  N N 315 
SER OXT  O  N N 316 
SER H    H  N N 317 
SER H2   H  N N 318 
SER HA   H  N N 319 
SER HB2  H  N N 320 
SER HB3  H  N N 321 
SER HG   H  N N 322 
SER HXT  H  N N 323 
THR N    N  N N 324 
THR CA   C  N S 325 
THR C    C  N N 326 
THR O    O  N N 327 
THR CB   C  N R 328 
THR OG1  O  N N 329 
THR CG2  C  N N 330 
THR OXT  O  N N 331 
THR H    H  N N 332 
THR H2   H  N N 333 
THR HA   H  N N 334 
THR HB   H  N N 335 
THR HG1  H  N N 336 
THR HG21 H  N N 337 
THR HG22 H  N N 338 
THR HG23 H  N N 339 
THR HXT  H  N N 340 
TRP N    N  N N 341 
TRP CA   C  N S 342 
TRP C    C  N N 343 
TRP O    O  N N 344 
TRP CB   C  N N 345 
TRP CG   C  Y N 346 
TRP CD1  C  Y N 347 
TRP CD2  C  Y N 348 
TRP NE1  N  Y N 349 
TRP CE2  C  Y N 350 
TRP CE3  C  Y N 351 
TRP CZ2  C  Y N 352 
TRP CZ3  C  Y N 353 
TRP CH2  C  Y N 354 
TRP OXT  O  N N 355 
TRP H    H  N N 356 
TRP H2   H  N N 357 
TRP HA   H  N N 358 
TRP HB2  H  N N 359 
TRP HB3  H  N N 360 
TRP HD1  H  N N 361 
TRP HE1  H  N N 362 
TRP HE3  H  N N 363 
TRP HZ2  H  N N 364 
TRP HZ3  H  N N 365 
TRP HH2  H  N N 366 
TRP HXT  H  N N 367 
TYR N    N  N N 368 
TYR CA   C  N S 369 
TYR C    C  N N 370 
TYR O    O  N N 371 
TYR CB   C  N N 372 
TYR CG   C  Y N 373 
TYR CD1  C  Y N 374 
TYR CD2  C  Y N 375 
TYR CE1  C  Y N 376 
TYR CE2  C  Y N 377 
TYR CZ   C  Y N 378 
TYR OH   O  N N 379 
TYR OXT  O  N N 380 
TYR H    H  N N 381 
TYR H2   H  N N 382 
TYR HA   H  N N 383 
TYR HB2  H  N N 384 
TYR HB3  H  N N 385 
TYR HD1  H  N N 386 
TYR HD2  H  N N 387 
TYR HE1  H  N N 388 
TYR HE2  H  N N 389 
TYR HH   H  N N 390 
TYR HXT  H  N N 391 
VAL N    N  N N 392 
VAL CA   C  N S 393 
VAL C    C  N N 394 
VAL O    O  N N 395 
VAL CB   C  N N 396 
VAL CG1  C  N N 397 
VAL CG2  C  N N 398 
VAL OXT  O  N N 399 
VAL H    H  N N 400 
VAL H2   H  N N 401 
VAL HA   H  N N 402 
VAL HB   H  N N 403 
VAL HG11 H  N N 404 
VAL HG12 H  N N 405 
VAL HG13 H  N N 406 
VAL HG21 H  N N 407 
VAL HG22 H  N N 408 
VAL HG23 H  N N 409 
VAL HXT  H  N N 410 
# 
loop_
_chem_comp_bond.comp_id 
_chem_comp_bond.atom_id_1 
_chem_comp_bond.atom_id_2 
_chem_comp_bond.value_order 
_chem_comp_bond.pdbx_aromatic_flag 
_chem_comp_bond.pdbx_stereo_config 
_chem_comp_bond.pdbx_ordinal 
ALA N   CA   sing N N 1   
ALA N   H    sing N N 2   
ALA N   H2   sing N N 3   
ALA CA  C    sing N N 4   
ALA CA  CB   sing N N 5   
ALA CA  HA   sing N N 6   
ALA C   O    doub N N 7   
ALA C   OXT  sing N N 8   
ALA CB  HB1  sing N N 9   
ALA CB  HB2  sing N N 10  
ALA CB  HB3  sing N N 11  
ALA OXT HXT  sing N N 12  
ARG N   CA   sing N N 13  
ARG N   H    sing N N 14  
ARG N   H2   sing N N 15  
ARG CA  C    sing N N 16  
ARG CA  CB   sing N N 17  
ARG CA  HA   sing N N 18  
ARG C   O    doub N N 19  
ARG C   OXT  sing N N 20  
ARG CB  CG   sing N N 21  
ARG CB  HB2  sing N N 22  
ARG CB  HB3  sing N N 23  
ARG CG  CD   sing N N 24  
ARG CG  HG2  sing N N 25  
ARG CG  HG3  sing N N 26  
ARG CD  NE   sing N N 27  
ARG CD  HD2  sing N N 28  
ARG CD  HD3  sing N N 29  
ARG NE  CZ   sing N N 30  
ARG NE  HE   sing N N 31  
ARG CZ  NH1  sing N N 32  
ARG CZ  NH2  doub N N 33  
ARG NH1 HH11 sing N N 34  
ARG NH1 HH12 sing N N 35  
ARG NH2 HH21 sing N N 36  
ARG NH2 HH22 sing N N 37  
ARG OXT HXT  sing N N 38  
ASN N   CA   sing N N 39  
ASN N   H    sing N N 40  
ASN N   H2   sing N N 41  
ASN CA  C    sing N N 42  
ASN CA  CB   sing N N 43  
ASN CA  HA   sing N N 44  
ASN C   O    doub N N 45  
ASN C   OXT  sing N N 46  
ASN CB  CG   sing N N 47  
ASN CB  HB2  sing N N 48  
ASN CB  HB3  sing N N 49  
ASN CG  OD1  doub N N 50  
ASN CG  ND2  sing N N 51  
ASN ND2 HD21 sing N N 52  
ASN ND2 HD22 sing N N 53  
ASN OXT HXT  sing N N 54  
ASP N   CA   sing N N 55  
ASP N   H    sing N N 56  
ASP N   H2   sing N N 57  
ASP CA  C    sing N N 58  
ASP CA  CB   sing N N 59  
ASP CA  HA   sing N N 60  
ASP C   O    doub N N 61  
ASP C   OXT  sing N N 62  
ASP CB  CG   sing N N 63  
ASP CB  HB2  sing N N 64  
ASP CB  HB3  sing N N 65  
ASP CG  OD1  doub N N 66  
ASP CG  OD2  sing N N 67  
ASP OD2 HD2  sing N N 68  
ASP OXT HXT  sing N N 69  
CYS N   CA   sing N N 70  
CYS N   H    sing N N 71  
CYS N   H2   sing N N 72  
CYS CA  C    sing N N 73  
CYS CA  CB   sing N N 74  
CYS CA  HA   sing N N 75  
CYS C   O    doub N N 76  
CYS C   OXT  sing N N 77  
CYS CB  SG   sing N N 78  
CYS CB  HB2  sing N N 79  
CYS CB  HB3  sing N N 80  
CYS SG  HG   sing N N 81  
CYS OXT HXT  sing N N 82  
GLN N   CA   sing N N 83  
GLN N   H    sing N N 84  
GLN N   H2   sing N N 85  
GLN CA  C    sing N N 86  
GLN CA  CB   sing N N 87  
GLN CA  HA   sing N N 88  
GLN C   O    doub N N 89  
GLN C   OXT  sing N N 90  
GLN CB  CG   sing N N 91  
GLN CB  HB2  sing N N 92  
GLN CB  HB3  sing N N 93  
GLN CG  CD   sing N N 94  
GLN CG  HG2  sing N N 95  
GLN CG  HG3  sing N N 96  
GLN CD  OE1  doub N N 97  
GLN CD  NE2  sing N N 98  
GLN NE2 HE21 sing N N 99  
GLN NE2 HE22 sing N N 100 
GLN OXT HXT  sing N N 101 
GLU N   CA   sing N N 102 
GLU N   H    sing N N 103 
GLU N   H2   sing N N 104 
GLU CA  C    sing N N 105 
GLU CA  CB   sing N N 106 
GLU CA  HA   sing N N 107 
GLU C   O    doub N N 108 
GLU C   OXT  sing N N 109 
GLU CB  CG   sing N N 110 
GLU CB  HB2  sing N N 111 
GLU CB  HB3  sing N N 112 
GLU CG  CD   sing N N 113 
GLU CG  HG2  sing N N 114 
GLU CG  HG3  sing N N 115 
GLU CD  OE1  doub N N 116 
GLU CD  OE2  sing N N 117 
GLU OE2 HE2  sing N N 118 
GLU OXT HXT  sing N N 119 
GLY N   CA   sing N N 120 
GLY N   H    sing N N 121 
GLY N   H2   sing N N 122 
GLY CA  C    sing N N 123 
GLY CA  HA2  sing N N 124 
GLY CA  HA3  sing N N 125 
GLY C   O    doub N N 126 
GLY C   OXT  sing N N 127 
GLY OXT HXT  sing N N 128 
HIS N   CA   sing N N 129 
HIS N   H    sing N N 130 
HIS N   H2   sing N N 131 
HIS CA  C    sing N N 132 
HIS CA  CB   sing N N 133 
HIS CA  HA   sing N N 134 
HIS C   O    doub N N 135 
HIS C   OXT  sing N N 136 
HIS CB  CG   sing N N 137 
HIS CB  HB2  sing N N 138 
HIS CB  HB3  sing N N 139 
HIS CG  ND1  sing Y N 140 
HIS CG  CD2  doub Y N 141 
HIS ND1 CE1  doub Y N 142 
HIS ND1 HD1  sing N N 143 
HIS CD2 NE2  sing Y N 144 
HIS CD2 HD2  sing N N 145 
HIS CE1 NE2  sing Y N 146 
HIS CE1 HE1  sing N N 147 
HIS NE2 HE2  sing N N 148 
HIS OXT HXT  sing N N 149 
HOH O   H1   sing N N 150 
HOH O   H2   sing N N 151 
ILE N   CA   sing N N 152 
ILE N   H    sing N N 153 
ILE N   H2   sing N N 154 
ILE CA  C    sing N N 155 
ILE CA  CB   sing N N 156 
ILE CA  HA   sing N N 157 
ILE C   O    doub N N 158 
ILE C   OXT  sing N N 159 
ILE CB  CG1  sing N N 160 
ILE CB  CG2  sing N N 161 
ILE CB  HB   sing N N 162 
ILE CG1 CD1  sing N N 163 
ILE CG1 HG12 sing N N 164 
ILE CG1 HG13 sing N N 165 
ILE CG2 HG21 sing N N 166 
ILE CG2 HG22 sing N N 167 
ILE CG2 HG23 sing N N 168 
ILE CD1 HD11 sing N N 169 
ILE CD1 HD12 sing N N 170 
ILE CD1 HD13 sing N N 171 
ILE OXT HXT  sing N N 172 
LEU N   CA   sing N N 173 
LEU N   H    sing N N 174 
LEU N   H2   sing N N 175 
LEU CA  C    sing N N 176 
LEU CA  CB   sing N N 177 
LEU CA  HA   sing N N 178 
LEU C   O    doub N N 179 
LEU C   OXT  sing N N 180 
LEU CB  CG   sing N N 181 
LEU CB  HB2  sing N N 182 
LEU CB  HB3  sing N N 183 
LEU CG  CD1  sing N N 184 
LEU CG  CD2  sing N N 185 
LEU CG  HG   sing N N 186 
LEU CD1 HD11 sing N N 187 
LEU CD1 HD12 sing N N 188 
LEU CD1 HD13 sing N N 189 
LEU CD2 HD21 sing N N 190 
LEU CD2 HD22 sing N N 191 
LEU CD2 HD23 sing N N 192 
LEU OXT HXT  sing N N 193 
LYS N   CA   sing N N 194 
LYS N   H    sing N N 195 
LYS N   H2   sing N N 196 
LYS CA  C    sing N N 197 
LYS CA  CB   sing N N 198 
LYS CA  HA   sing N N 199 
LYS C   O    doub N N 200 
LYS C   OXT  sing N N 201 
LYS CB  CG   sing N N 202 
LYS CB  HB2  sing N N 203 
LYS CB  HB3  sing N N 204 
LYS CG  CD   sing N N 205 
LYS CG  HG2  sing N N 206 
LYS CG  HG3  sing N N 207 
LYS CD  CE   sing N N 208 
LYS CD  HD2  sing N N 209 
LYS CD  HD3  sing N N 210 
LYS CE  NZ   sing N N 211 
LYS CE  HE2  sing N N 212 
LYS CE  HE3  sing N N 213 
LYS NZ  HZ1  sing N N 214 
LYS NZ  HZ2  sing N N 215 
LYS NZ  HZ3  sing N N 216 
LYS OXT HXT  sing N N 217 
MET N   CA   sing N N 218 
MET N   H    sing N N 219 
MET N   H2   sing N N 220 
MET CA  C    sing N N 221 
MET CA  CB   sing N N 222 
MET CA  HA   sing N N 223 
MET C   O    doub N N 224 
MET C   OXT  sing N N 225 
MET CB  CG   sing N N 226 
MET CB  HB2  sing N N 227 
MET CB  HB3  sing N N 228 
MET CG  SD   sing N N 229 
MET CG  HG2  sing N N 230 
MET CG  HG3  sing N N 231 
MET SD  CE   sing N N 232 
MET CE  HE1  sing N N 233 
MET CE  HE2  sing N N 234 
MET CE  HE3  sing N N 235 
MET OXT HXT  sing N N 236 
MSE N   CA   sing N N 237 
MSE N   H    sing N N 238 
MSE N   H2   sing N N 239 
MSE CA  C    sing N N 240 
MSE CA  CB   sing N N 241 
MSE CA  HA   sing N N 242 
MSE C   O    doub N N 243 
MSE C   OXT  sing N N 244 
MSE OXT HXT  sing N N 245 
MSE CB  CG   sing N N 246 
MSE CB  HB2  sing N N 247 
MSE CB  HB3  sing N N 248 
MSE CG  SE   sing N N 249 
MSE CG  HG2  sing N N 250 
MSE CG  HG3  sing N N 251 
MSE SE  CE   sing N N 252 
MSE CE  HE1  sing N N 253 
MSE CE  HE2  sing N N 254 
MSE CE  HE3  sing N N 255 
PHE N   CA   sing N N 256 
PHE N   H    sing N N 257 
PHE N   H2   sing N N 258 
PHE CA  C    sing N N 259 
PHE CA  CB   sing N N 260 
PHE CA  HA   sing N N 261 
PHE C   O    doub N N 262 
PHE C   OXT  sing N N 263 
PHE CB  CG   sing N N 264 
PHE CB  HB2  sing N N 265 
PHE CB  HB3  sing N N 266 
PHE CG  CD1  doub Y N 267 
PHE CG  CD2  sing Y N 268 
PHE CD1 CE1  sing Y N 269 
PHE CD1 HD1  sing N N 270 
PHE CD2 CE2  doub Y N 271 
PHE CD2 HD2  sing N N 272 
PHE CE1 CZ   doub Y N 273 
PHE CE1 HE1  sing N N 274 
PHE CE2 CZ   sing Y N 275 
PHE CE2 HE2  sing N N 276 
PHE CZ  HZ   sing N N 277 
PHE OXT HXT  sing N N 278 
PRO N   CA   sing N N 279 
PRO N   CD   sing N N 280 
PRO N   H    sing N N 281 
PRO CA  C    sing N N 282 
PRO CA  CB   sing N N 283 
PRO CA  HA   sing N N 284 
PRO C   O    doub N N 285 
PRO C   OXT  sing N N 286 
PRO CB  CG   sing N N 287 
PRO CB  HB2  sing N N 288 
PRO CB  HB3  sing N N 289 
PRO CG  CD   sing N N 290 
PRO CG  HG2  sing N N 291 
PRO CG  HG3  sing N N 292 
PRO CD  HD2  sing N N 293 
PRO CD  HD3  sing N N 294 
PRO OXT HXT  sing N N 295 
SER N   CA   sing N N 296 
SER N   H    sing N N 297 
SER N   H2   sing N N 298 
SER CA  C    sing N N 299 
SER CA  CB   sing N N 300 
SER CA  HA   sing N N 301 
SER C   O    doub N N 302 
SER C   OXT  sing N N 303 
SER CB  OG   sing N N 304 
SER CB  HB2  sing N N 305 
SER CB  HB3  sing N N 306 
SER OG  HG   sing N N 307 
SER OXT HXT  sing N N 308 
THR N   CA   sing N N 309 
THR N   H    sing N N 310 
THR N   H2   sing N N 311 
THR CA  C    sing N N 312 
THR CA  CB   sing N N 313 
THR CA  HA   sing N N 314 
THR C   O    doub N N 315 
THR C   OXT  sing N N 316 
THR CB  OG1  sing N N 317 
THR CB  CG2  sing N N 318 
THR CB  HB   sing N N 319 
THR OG1 HG1  sing N N 320 
THR CG2 HG21 sing N N 321 
THR CG2 HG22 sing N N 322 
THR CG2 HG23 sing N N 323 
THR OXT HXT  sing N N 324 
TRP N   CA   sing N N 325 
TRP N   H    sing N N 326 
TRP N   H2   sing N N 327 
TRP CA  C    sing N N 328 
TRP CA  CB   sing N N 329 
TRP CA  HA   sing N N 330 
TRP C   O    doub N N 331 
TRP C   OXT  sing N N 332 
TRP CB  CG   sing N N 333 
TRP CB  HB2  sing N N 334 
TRP CB  HB3  sing N N 335 
TRP CG  CD1  doub Y N 336 
TRP CG  CD2  sing Y N 337 
TRP CD1 NE1  sing Y N 338 
TRP CD1 HD1  sing N N 339 
TRP CD2 CE2  doub Y N 340 
TRP CD2 CE3  sing Y N 341 
TRP NE1 CE2  sing Y N 342 
TRP NE1 HE1  sing N N 343 
TRP CE2 CZ2  sing Y N 344 
TRP CE3 CZ3  doub Y N 345 
TRP CE3 HE3  sing N N 346 
TRP CZ2 CH2  doub Y N 347 
TRP CZ2 HZ2  sing N N 348 
TRP CZ3 CH2  sing Y N 349 
TRP CZ3 HZ3  sing N N 350 
TRP CH2 HH2  sing N N 351 
TRP OXT HXT  sing N N 352 
TYR N   CA   sing N N 353 
TYR N   H    sing N N 354 
TYR N   H2   sing N N 355 
TYR CA  C    sing N N 356 
TYR CA  CB   sing N N 357 
TYR CA  HA   sing N N 358 
TYR C   O    doub N N 359 
TYR C   OXT  sing N N 360 
TYR CB  CG   sing N N 361 
TYR CB  HB2  sing N N 362 
TYR CB  HB3  sing N N 363 
TYR CG  CD1  doub Y N 364 
TYR CG  CD2  sing Y N 365 
TYR CD1 CE1  sing Y N 366 
TYR CD1 HD1  sing N N 367 
TYR CD2 CE2  doub Y N 368 
TYR CD2 HD2  sing N N 369 
TYR CE1 CZ   doub Y N 370 
TYR CE1 HE1  sing N N 371 
TYR CE2 CZ   sing Y N 372 
TYR CE2 HE2  sing N N 373 
TYR CZ  OH   sing N N 374 
TYR OH  HH   sing N N 375 
TYR OXT HXT  sing N N 376 
VAL N   CA   sing N N 377 
VAL N   H    sing N N 378 
VAL N   H2   sing N N 379 
VAL CA  C    sing N N 380 
VAL CA  CB   sing N N 381 
VAL CA  HA   sing N N 382 
VAL C   O    doub N N 383 
VAL C   OXT  sing N N 384 
VAL CB  CG1  sing N N 385 
VAL CB  CG2  sing N N 386 
VAL CB  HB   sing N N 387 
VAL CG1 HG11 sing N N 388 
VAL CG1 HG12 sing N N 389 
VAL CG1 HG13 sing N N 390 
VAL CG2 HG21 sing N N 391 
VAL CG2 HG22 sing N N 392 
VAL CG2 HG23 sing N N 393 
VAL OXT HXT  sing N N 394 
# 
_atom_sites.entry_id                    2O8I 
_atom_sites.fract_transf_matrix[1][1]   -0.00211232 
_atom_sites.fract_transf_matrix[1][2]   0.00815494 
_atom_sites.fract_transf_matrix[1][3]   -0.00275217 
_atom_sites.fract_transf_matrix[2][1]   -0.00033975 
_atom_sites.fract_transf_matrix[2][2]   0.00180105 
_atom_sites.fract_transf_matrix[2][3]   -0.00867040 
_atom_sites.fract_transf_matrix[3][1]   -0.01159054 
_atom_sites.fract_transf_matrix[3][2]   -0.00306372 
_atom_sites.fract_transf_matrix[3][3]   -0.00018223 
_atom_sites.fract_transf_vector[1]      0.569286 
_atom_sites.fract_transf_vector[2]      0.632164 
_atom_sites.fract_transf_vector[3]      0.243613 
# 
loop_
_atom_type.symbol 
C  
N  
O  
S  
SE 
# 
loop_
_atom_site.group_PDB 
_atom_site.id 
_atom_site.type_symbol 
_atom_site.label_atom_id 
_atom_site.label_alt_id 
_atom_site.label_comp_id 
_atom_site.label_asym_id 
_atom_site.label_entity_id 
_atom_site.label_seq_id 
_atom_site.pdbx_PDB_ins_code 
_atom_site.Cartn_x 
_atom_site.Cartn_y 
_atom_site.Cartn_z 
_atom_site.occupancy 
_atom_site.B_iso_or_equiv 
_atom_site.pdbx_formal_charge 
_atom_site.auth_seq_id 
_atom_site.auth_comp_id 
_atom_site.auth_asym_id 
_atom_site.auth_atom_id 
_atom_site.pdbx_PDB_model_num 
HETATM 1    N  N   . MSE A 1 1   ? -17.434 -18.654 -12.601 1.00 31.03 ? 1   MSE A N   1 
HETATM 2    C  CA  . MSE A 1 1   ? -16.659 -17.721 -13.472 1.00 31.40 ? 1   MSE A CA  1 
HETATM 3    C  C   . MSE A 1 1   ? -16.621 -16.337 -12.867 1.00 30.06 ? 1   MSE A C   1 
HETATM 4    O  O   . MSE A 1 1   ? -17.638 -15.799 -12.466 1.00 30.01 ? 1   MSE A O   1 
HETATM 5    C  CB  . MSE A 1 1   ? -17.327 -17.604 -14.844 1.00 33.40 ? 1   MSE A CB  1 
HETATM 6    C  CG  . MSE A 1 1   ? -17.315 -18.895 -15.727 1.00 38.46 ? 1   MSE A CG  1 
HETATM 7    SE SE  . MSE A 1 1   ? -15.470 -19.611 -16.021 1.00 50.75 ? 1   MSE A SE  1 
HETATM 8    C  CE  . MSE A 1 1   ? -15.961 -21.537 -16.122 1.00 40.99 ? 1   MSE A CE  1 
ATOM   9    N  N   . VAL A 1 2   ? -15.464 -15.717 -12.838 1.00 28.23 ? 2   VAL A N   1 
ATOM   10   C  CA  . VAL A 1 2   ? -15.375 -14.384 -12.256 1.00 26.78 ? 2   VAL A CA  1 
ATOM   11   C  C   . VAL A 1 2   ? -15.648 -13.275 -13.285 1.00 26.60 ? 2   VAL A C   1 
ATOM   12   O  O   . VAL A 1 2   ? -14.824 -13.031 -14.146 1.00 26.50 ? 2   VAL A O   1 
ATOM   13   C  CB  . VAL A 1 2   ? -13.987 -14.188 -11.587 1.00 26.22 ? 2   VAL A CB  1 
ATOM   14   C  CG1 . VAL A 1 2   ? -13.883 -12.857 -10.935 1.00 24.60 ? 2   VAL A CG1 1 
ATOM   15   C  CG2 . VAL A 1 2   ? -13.745 -15.298 -10.588 1.00 24.62 ? 2   VAL A CG2 1 
ATOM   16   N  N   . THR A 1 3   ? -16.791 -12.599 -13.200 1.00 26.68 ? 3   THR A N   1 
ATOM   17   C  CA  . THR A 1 3   ? -17.063 -11.481 -14.101 1.00 27.04 ? 3   THR A CA  1 
ATOM   18   C  C   . THR A 1 3   ? -16.145 -10.305 -13.842 1.00 28.49 ? 3   THR A C   1 
ATOM   19   O  O   . THR A 1 3   ? -15.450 -10.249 -12.830 1.00 29.52 ? 3   THR A O   1 
ATOM   20   C  CB  . THR A 1 3   ? -18.456 -10.937 -13.961 1.00 26.70 ? 3   THR A CB  1 
ATOM   21   O  OG1 . THR A 1 3   ? -18.545 -10.295 -12.711 1.00 29.18 ? 3   THR A OG1 1 
ATOM   22   C  CG2 . THR A 1 3   ? -19.514 -12.015 -14.045 1.00 23.74 ? 3   THR A CG2 1 
ATOM   23   N  N   . ARG A 1 4   ? -16.137 -9.345  -14.762 1.00 29.82 ? 4   ARG A N   1 
ATOM   24   C  CA  . ARG A 1 4   ? -15.274 -8.160  -14.656 1.00 30.34 ? 4   ARG A CA  1 
ATOM   25   C  C   . ARG A 1 4   ? -15.653 -7.322  -13.449 1.00 30.82 ? 4   ARG A C   1 
ATOM   26   O  O   . ARG A 1 4   ? -14.808 -6.819  -12.735 1.00 31.95 ? 4   ARG A O   1 
ATOM   27   C  CB  . ARG A 1 4   ? -15.490 -7.290  -15.886 1.00 30.68 ? 4   ARG A CB  1 
ATOM   28   C  CG  . ARG A 1 4   ? -14.414 -6.305  -16.166 1.00 32.45 ? 4   ARG A CG  1 
ATOM   29   C  CD  . ARG A 1 4   ? -14.938 -5.109  -17.003 1.00 36.09 ? 4   ARG A CD  1 
ATOM   30   N  NE  . ARG A 1 4   ? -13.859 -4.140  -17.157 1.00 33.74 ? 4   ARG A NE  1 
ATOM   31   C  CZ  . ARG A 1 4   ? -12.803 -4.352  -17.921 1.00 35.60 ? 4   ARG A CZ  1 
ATOM   32   N  NH1 . ARG A 1 4   ? -12.717 -5.476  -18.639 1.00 33.73 ? 4   ARG A NH1 1 
ATOM   33   N  NH2 . ARG A 1 4   ? -11.825 -3.448  -17.948 1.00 35.33 ? 4   ARG A NH2 1 
ATOM   34   N  N   . GLU A 1 5   ? -16.950 -7.168  -13.258 1.00 31.31 ? 5   GLU A N   1 
ATOM   35   C  CA  . GLU A 1 5   ? -17.516 -6.280  -12.308 1.00 32.09 ? 5   GLU A CA  1 
ATOM   36   C  C   . GLU A 1 5   ? -17.097 -6.802  -10.962 1.00 31.55 ? 5   GLU A C   1 
ATOM   37   O  O   . GLU A 1 5   ? -16.745 -6.046  -10.060 1.00 31.78 ? 5   GLU A O   1 
ATOM   38   C  CB  . GLU A 1 5   ? -19.033 -6.318  -12.443 1.00 32.97 ? 5   GLU A CB  1 
ATOM   39   C  CG  . GLU A 1 5   ? -19.724 -5.206  -11.721 1.00 39.35 ? 5   GLU A CG  1 
ATOM   40   C  CD  . GLU A 1 5   ? -20.853 -5.710  -10.803 1.00 46.51 ? 5   GLU A CD  1 
ATOM   41   O  OE1 . GLU A 1 5   ? -21.883 -6.155  -11.380 1.00 46.48 ? 5   GLU A OE1 1 
ATOM   42   O  OE2 . GLU A 1 5   ? -20.702 -5.654  -9.528  1.00 47.35 ? 5   GLU A OE2 1 
ATOM   43   N  N   . GLU A 1 6   ? -17.095 -8.113  -10.855 1.00 30.43 ? 6   GLU A N   1 
ATOM   44   C  CA  . GLU A 1 6   ? -16.796 -8.735  -9.624  1.00 29.82 ? 6   GLU A CA  1 
ATOM   45   C  C   . GLU A 1 6   ? -15.290 -8.700  -9.311  1.00 28.60 ? 6   GLU A C   1 
ATOM   46   O  O   . GLU A 1 6   ? -14.876 -8.293  -8.228  1.00 29.72 ? 6   GLU A O   1 
ATOM   47   C  CB  . GLU A 1 6   ? -17.395 -10.130 -9.612  1.00 30.01 ? 6   GLU A CB  1 
ATOM   48   C  CG  . GLU A 1 6   ? -16.727 -11.015 -8.598  1.00 33.44 ? 6   GLU A CG  1 
ATOM   49   C  CD  . GLU A 1 6   ? -17.113 -12.500 -8.681  1.00 39.85 ? 6   GLU A CD  1 
ATOM   50   O  OE1 . GLU A 1 6   ? -17.920 -12.968 -9.628  1.00 38.82 ? 6   GLU A OE1 1 
ATOM   51   O  OE2 . GLU A 1 6   ? -16.532 -13.164 -7.755  1.00 37.21 ? 6   GLU A OE2 1 
ATOM   52   N  N   . PHE A 1 7   ? -14.463 -9.076  -10.252 1.00 27.12 ? 7   PHE A N   1 
ATOM   53   C  CA  . PHE A 1 7   ? -13.022 -8.917  -10.086 1.00 26.30 ? 7   PHE A CA  1 
ATOM   54   C  C   . PHE A 1 7   ? -12.569 -7.520  -9.680  1.00 27.13 ? 7   PHE A C   1 
ATOM   55   O  O   . PHE A 1 7   ? -11.719 -7.358  -8.823  1.00 27.75 ? 7   PHE A O   1 
ATOM   56   C  CB  . PHE A 1 7   ? -12.341 -9.276  -11.385 1.00 25.15 ? 7   PHE A CB  1 
ATOM   57   C  CG  . PHE A 1 7   ? -10.849 -9.387  -11.309 1.00 22.19 ? 7   PHE A CG  1 
ATOM   58   C  CD1 . PHE A 1 7   ? -10.242 -10.627 -11.102 1.00 21.03 ? 7   PHE A CD1 1 
ATOM   59   C  CD2 . PHE A 1 7   ? -10.047 -8.287  -11.567 1.00 20.26 ? 7   PHE A CD2 1 
ATOM   60   C  CE1 . PHE A 1 7   ? -8.842  -10.763 -11.086 1.00 20.26 ? 7   PHE A CE1 1 
ATOM   61   C  CE2 . PHE A 1 7   ? -8.624  -8.400  -11.573 1.00 20.38 ? 7   PHE A CE2 1 
ATOM   62   C  CZ  . PHE A 1 7   ? -8.025  -9.636  -11.306 1.00 21.64 ? 7   PHE A CZ  1 
ATOM   63   N  N   . VAL A 1 8   ? -13.110 -6.501  -10.310 1.00 28.05 ? 8   VAL A N   1 
ATOM   64   C  CA  . VAL A 1 8   ? -12.673 -5.160  -10.036 1.00 28.60 ? 8   VAL A CA  1 
ATOM   65   C  C   . VAL A 1 8   ? -13.217 -4.766  -8.694  1.00 29.92 ? 8   VAL A C   1 
ATOM   66   O  O   . VAL A 1 8   ? -12.609 -3.978  -7.984  1.00 31.07 ? 8   VAL A O   1 
ATOM   67   C  CB  . VAL A 1 8   ? -13.148 -4.196  -11.153 1.00 29.71 ? 8   VAL A CB  1 
ATOM   68   C  CG1 . VAL A 1 8   ? -12.997 -2.732  -10.744 1.00 27.39 ? 8   VAL A CG1 1 
ATOM   69   C  CG2 . VAL A 1 8   ? -12.363 -4.513  -12.453 1.00 28.12 ? 8   VAL A CG2 1 
ATOM   70   N  N   . ALA A 1 9   ? -14.323 -5.375  -8.289  1.00 29.87 ? 9   ALA A N   1 
ATOM   71   C  CA  . ALA A 1 9   ? -14.931 -4.963  -7.086  1.00 29.34 ? 9   ALA A CA  1 
ATOM   72   C  C   . ALA A 1 9   ? -14.287 -5.376  -5.761  1.00 30.85 ? 9   ALA A C   1 
ATOM   73   O  O   . ALA A 1 9   ? -13.821 -4.513  -5.046  1.00 32.60 ? 9   ALA A O   1 
ATOM   74   C  CB  . ALA A 1 9   ? -16.398 -5.312  -7.072  1.00 28.31 ? 9   ALA A CB  1 
ATOM   75   N  N   . ARG A 1 10  ? -14.133 -6.637  -5.385  1.00 31.55 ? 10  ARG A N   1 
ATOM   76   C  CA  . ARG A 1 10  ? -12.958 -7.452  -5.392  1.00 29.86 ? 10  ARG A CA  1 
ATOM   77   C  C   . ARG A 1 10  ? -11.563 -6.956  -5.128  1.00 29.35 ? 10  ARG A C   1 
ATOM   78   O  O   . ARG A 1 10  ? -11.118 -6.973  -3.978  1.00 27.84 ? 10  ARG A O   1 
ATOM   79   C  CB  . ARG A 1 10  ? -13.041 -8.763  -6.105  1.00 31.94 ? 10  ARG A CB  1 
ATOM   80   C  CG  . ARG A 1 10  ? -12.891 -9.860  -5.117  1.00 30.81 ? 10  ARG A CG  1 
ATOM   81   C  CD  . ARG A 1 10  ? -14.137 -10.537 -4.999  1.00 28.50 ? 10  ARG A CD  1 
ATOM   82   N  NE  . ARG A 1 10  ? -14.157 -11.892 -5.543  1.00 33.25 ? 10  ARG A NE  1 
ATOM   83   C  CZ  . ARG A 1 10  ? -13.588 -13.030 -5.059  1.00 32.61 ? 10  ARG A CZ  1 
ATOM   84   N  NH1 . ARG A 1 10  ? -12.744 -13.065 -4.022  1.00 29.08 ? 10  ARG A NH1 1 
ATOM   85   N  NH2 . ARG A 1 10  ? -13.869 -14.182 -5.690  1.00 28.71 ? 10  ARG A NH2 1 
ATOM   86   N  N   . PHE A 1 11  ? -10.869 -6.551  -6.191  1.00 28.10 ? 11  PHE A N   1 
ATOM   87   C  CA  . PHE A 1 11  ? -9.458  -6.341  -6.101  1.00 27.76 ? 11  PHE A CA  1 
ATOM   88   C  C   . PHE A 1 11  ? -9.146  -4.910  -6.533  1.00 29.05 ? 11  PHE A C   1 
ATOM   89   O  O   . PHE A 1 11  ? -7.988  -4.501  -6.542  1.00 29.42 ? 11  PHE A O   1 
ATOM   90   C  CB  . PHE A 1 11  ? -8.702  -7.361  -6.945  1.00 28.15 ? 11  PHE A CB  1 
ATOM   91   C  CG  . PHE A 1 11  ? -9.064  -8.813  -6.656  1.00 28.07 ? 11  PHE A CG  1 
ATOM   92   C  CD1 . PHE A 1 11  ? -8.838  -9.376  -5.404  1.00 28.23 ? 11  PHE A CD1 1 
ATOM   93   C  CD2 . PHE A 1 11  ? -9.610  -9.616  -7.651  1.00 25.79 ? 11  PHE A CD2 1 
ATOM   94   C  CE1 . PHE A 1 11  ? -9.169  -10.739 -5.150  1.00 28.95 ? 11  PHE A CE1 1 
ATOM   95   C  CE2 . PHE A 1 11  ? -9.948  -10.958 -7.414  1.00 26.89 ? 11  PHE A CE2 1 
ATOM   96   C  CZ  . PHE A 1 11  ? -9.714  -11.525 -6.160  1.00 28.59 ? 11  PHE A CZ  1 
ATOM   97   N  N   . GLY A 1 12  ? -10.177 -4.136  -6.875  1.00 29.67 ? 12  GLY A N   1 
ATOM   98   C  CA  . GLY A 1 12  ? -10.007 -2.720  -7.180  1.00 31.44 ? 12  GLY A CA  1 
ATOM   99   C  C   . GLY A 1 12  ? -9.329  -1.874  -6.100  1.00 33.33 ? 12  GLY A C   1 
ATOM   100  O  O   . GLY A 1 12  ? -8.631  -0.923  -6.440  1.00 33.46 ? 12  GLY A O   1 
ATOM   101  N  N   . GLY A 1 13  ? -9.540  -2.221  -4.811  1.00 34.15 ? 13  GLY A N   1 
ATOM   102  C  CA  . GLY A 1 13  ? -8.984  -1.493  -3.686  1.00 34.01 ? 13  GLY A CA  1 
ATOM   103  C  C   . GLY A 1 13  ? -7.632  -1.988  -3.193  1.00 34.90 ? 13  GLY A C   1 
ATOM   104  O  O   . GLY A 1 13  ? -7.073  -1.429  -2.251  1.00 35.79 ? 13  GLY A O   1 
ATOM   105  N  N   . VAL A 1 14  ? -7.098  -3.052  -3.765  1.00 34.35 ? 14  VAL A N   1 
ATOM   106  C  CA  . VAL A 1 14  ? -5.877  -3.623  -3.207  1.00 35.18 ? 14  VAL A CA  1 
ATOM   107  C  C   . VAL A 1 14  ? -4.734  -2.601  -3.360  1.00 36.04 ? 14  VAL A C   1 
ATOM   108  O  O   . VAL A 1 14  ? -3.853  -2.477  -2.506  1.00 37.41 ? 14  VAL A O   1 
ATOM   109  C  CB  . VAL A 1 14  ? -5.539  -5.014  -3.878  1.00 35.30 ? 14  VAL A CB  1 
ATOM   110  C  CG1 . VAL A 1 14  ? -4.100  -5.454  -3.603  1.00 32.89 ? 14  VAL A CG1 1 
ATOM   111  C  CG2 . VAL A 1 14  ? -6.531  -6.072  -3.425  1.00 33.63 ? 14  VAL A CG2 1 
ATOM   112  N  N   . PHE A 1 15  ? -4.733  -1.910  -4.481  1.00 36.37 ? 15  PHE A N   1 
ATOM   113  C  CA  . PHE A 1 15  ? -3.970  -0.700  -4.642  1.00 36.25 ? 15  PHE A CA  1 
ATOM   114  C  C   . PHE A 1 15  ? -5.029  0.354   -4.413  1.00 36.46 ? 15  PHE A C   1 
ATOM   115  O  O   . PHE A 1 15  ? -5.972  0.508   -5.183  1.00 36.34 ? 15  PHE A O   1 
ATOM   116  C  CB  . PHE A 1 15  ? -3.344  -0.615  -6.059  1.00 36.61 ? 15  PHE A CB  1 
ATOM   117  C  CG  . PHE A 1 15  ? -2.212  -1.580  -6.267  1.00 34.84 ? 15  PHE A CG  1 
ATOM   118  C  CD1 . PHE A 1 15  ? -2.451  -2.924  -6.484  1.00 37.46 ? 15  PHE A CD1 1 
ATOM   119  C  CD2 . PHE A 1 15  ? -0.919  -1.170  -6.186  1.00 36.13 ? 15  PHE A CD2 1 
ATOM   120  C  CE1 . PHE A 1 15  ? -1.392  -3.861  -6.656  1.00 35.11 ? 15  PHE A CE1 1 
ATOM   121  C  CE2 . PHE A 1 15  ? 0.143   -2.072  -6.342  1.00 37.38 ? 15  PHE A CE2 1 
ATOM   122  C  CZ  . PHE A 1 15  ? -0.111  -3.426  -6.586  1.00 38.38 ? 15  PHE A CZ  1 
ATOM   123  N  N   . GLU A 1 16  ? -4.873  1.059   -3.312  1.00 36.98 ? 16  GLU A N   1 
ATOM   124  C  CA  . GLU A 1 16  ? -5.868  1.947   -2.817  1.00 37.53 ? 16  GLU A CA  1 
ATOM   125  C  C   . GLU A 1 16  ? -6.338  2.949   -3.870  1.00 37.81 ? 16  GLU A C   1 
ATOM   126  O  O   . GLU A 1 16  ? -5.523  3.510   -4.569  1.00 37.82 ? 16  GLU A O   1 
ATOM   127  C  CB  . GLU A 1 16  ? -5.303  2.650   -1.590  1.00 37.56 ? 16  GLU A CB  1 
ATOM   128  C  CG  . GLU A 1 16  ? -6.382  3.269   -0.783  1.00 39.08 ? 16  GLU A CG  1 
ATOM   129  C  CD  . GLU A 1 16  ? -6.848  2.364   0.316   1.00 39.98 ? 16  GLU A CD  1 
ATOM   130  O  OE1 . GLU A 1 16  ? -6.176  1.377   0.609   1.00 41.84 ? 16  GLU A OE1 1 
ATOM   131  O  OE2 . GLU A 1 16  ? -7.860  2.657   0.919   1.00 41.88 ? 16  GLU A OE2 1 
ATOM   132  N  N   . HIS A 1 17  ? -7.656  3.149   -3.982  1.00 38.90 ? 17  HIS A N   1 
ATOM   133  C  CA  . HIS A 1 17  ? -8.240  4.069   -4.951  1.00 39.59 ? 17  HIS A CA  1 
ATOM   134  C  C   . HIS A 1 17  ? -7.686  3.876   -6.365  1.00 40.79 ? 17  HIS A C   1 
ATOM   135  O  O   . HIS A 1 17  ? -7.787  4.794   -7.206  1.00 42.07 ? 17  HIS A O   1 
ATOM   136  C  CB  . HIS A 1 17  ? -8.107  5.537   -4.500  1.00 40.26 ? 17  HIS A CB  1 
ATOM   137  C  CG  . HIS A 1 17  ? -8.737  5.816   -3.163  1.00 41.77 ? 17  HIS A CG  1 
ATOM   138  N  ND1 . HIS A 1 17  ? -7.993  6.001   -2.024  1.00 44.09 ? 17  HIS A ND1 1 
ATOM   139  C  CD2 . HIS A 1 17  ? -10.035 5.885   -2.774  1.00 42.74 ? 17  HIS A CD2 1 
ATOM   140  C  CE1 . HIS A 1 17  ? -8.799  6.178   -0.988  1.00 45.57 ? 17  HIS A CE1 1 
ATOM   141  N  NE2 . HIS A 1 17  ? -10.044 6.110   -1.414  1.00 42.81 ? 17  HIS A NE2 1 
ATOM   142  N  N   . SER A 1 18  ? -7.149  2.686   -6.671  1.00 40.04 ? 18  SER A N   1 
ATOM   143  C  CA  . SER A 1 18  ? -6.595  2.452   -8.012  1.00 39.88 ? 18  SER A CA  1 
ATOM   144  C  C   . SER A 1 18  ? -7.262  1.283   -8.829  1.00 40.18 ? 18  SER A C   1 
ATOM   145  O  O   . SER A 1 18  ? -6.589  0.316   -9.263  1.00 38.83 ? 18  SER A O   1 
ATOM   146  C  CB  . SER A 1 18  ? -5.083  2.349   -7.885  1.00 39.48 ? 18  SER A CB  1 
ATOM   147  O  OG  . SER A 1 18  ? -4.633  3.463   -7.137  1.00 38.22 ? 18  SER A OG  1 
ATOM   148  N  N   . PRO A 1 19  ? -8.610  1.380   -9.034  1.00 40.02 ? 19  PRO A N   1 
ATOM   149  C  CA  . PRO A 1 19  ? -9.312  0.317   -9.739  1.00 39.77 ? 19  PRO A CA  1 
ATOM   150  C  C   . PRO A 1 19  ? -8.725  0.047   -11.120 1.00 39.44 ? 19  PRO A C   1 
ATOM   151  O  O   . PRO A 1 19  ? -8.782  -1.088  -11.563 1.00 40.35 ? 19  PRO A O   1 
ATOM   152  C  CB  . PRO A 1 19  ? -10.775 0.822   -9.812  1.00 39.99 ? 19  PRO A CB  1 
ATOM   153  C  CG  . PRO A 1 19  ? -10.704 2.298   -9.570  1.00 37.95 ? 19  PRO A CG  1 
ATOM   154  C  CD  . PRO A 1 19  ? -9.534  2.475   -8.658  1.00 39.70 ? 19  PRO A CD  1 
ATOM   155  N  N   . PHE A 1 20  ? -8.105  1.032   -11.774 1.00 39.02 ? 20  PHE A N   1 
ATOM   156  C  CA  . PHE A 1 20  ? -7.515  0.782   -13.114 1.00 38.11 ? 20  PHE A CA  1 
ATOM   157  C  C   . PHE A 1 20  ? -6.512  -0.372  -13.094 1.00 37.92 ? 20  PHE A C   1 
ATOM   158  O  O   . PHE A 1 20  ? -6.390  -1.102  -14.094 1.00 38.56 ? 20  PHE A O   1 
ATOM   159  C  CB  . PHE A 1 20  ? -6.895  2.043   -13.727 1.00 38.25 ? 20  PHE A CB  1 
ATOM   160  C  CG  . PHE A 1 20  ? -5.521  2.370   -13.193 1.00 39.13 ? 20  PHE A CG  1 
ATOM   161  C  CD1 . PHE A 1 20  ? -5.367  3.109   -12.006 1.00 41.20 ? 20  PHE A CD1 1 
ATOM   162  C  CD2 . PHE A 1 20  ? -4.390  1.933   -13.850 1.00 37.99 ? 20  PHE A CD2 1 
ATOM   163  C  CE1 . PHE A 1 20  ? -4.064  3.399   -11.490 1.00 40.56 ? 20  PHE A CE1 1 
ATOM   164  C  CE2 . PHE A 1 20  ? -3.110  2.201   -13.343 1.00 39.31 ? 20  PHE A CE2 1 
ATOM   165  C  CZ  . PHE A 1 20  ? -2.944  2.924   -12.167 1.00 38.44 ? 20  PHE A CZ  1 
ATOM   166  N  N   . ILE A 1 21  ? -5.791  -0.549  -11.978 1.00 37.56 ? 21  ILE A N   1 
ATOM   167  C  CA  . ILE A 1 21  ? -4.876  -1.704  -11.818 1.00 37.33 ? 21  ILE A CA  1 
ATOM   168  C  C   . ILE A 1 21  ? -5.651  -3.004  -12.047 1.00 38.31 ? 21  ILE A C   1 
ATOM   169  O  O   . ILE A 1 21  ? -5.201  -3.877  -12.811 1.00 38.38 ? 21  ILE A O   1 
ATOM   170  C  CB  . ILE A 1 21  ? -4.169  -1.736  -10.441 1.00 37.08 ? 21  ILE A CB  1 
ATOM   171  C  CG1 . ILE A 1 21  ? -3.267  -0.519  -10.264 1.00 36.84 ? 21  ILE A CG1 1 
ATOM   172  C  CG2 . ILE A 1 21  ? -3.305  -2.972  -10.279 1.00 35.68 ? 21  ILE A CG2 1 
ATOM   173  C  CD1 . ILE A 1 21  ? -2.029  -0.562  -11.123 1.00 39.56 ? 21  ILE A CD1 1 
ATOM   174  N  N   . ALA A 1 22  ? -6.842  -3.097  -11.436 1.00 38.79 ? 22  ALA A N   1 
ATOM   175  C  CA  . ALA A 1 22  ? -7.650  -4.307  -11.474 1.00 38.78 ? 22  ALA A CA  1 
ATOM   176  C  C   . ALA A 1 22  ? -8.331  -4.451  -12.820 1.00 39.57 ? 22  ALA A C   1 
ATOM   177  O  O   . ALA A 1 22  ? -8.449  -5.572  -13.291 1.00 40.89 ? 22  ALA A O   1 
ATOM   178  C  CB  . ALA A 1 22  ? -8.665  -4.321  -10.339 1.00 37.62 ? 22  ALA A CB  1 
ATOM   179  N  N   . GLU A 1 23  ? -8.790  -3.346  -13.425 1.00 39.78 ? 23  GLU A N   1 
ATOM   180  C  CA  . GLU A 1 23  ? -9.388  -3.353  -14.779 1.00 40.68 ? 23  GLU A CA  1 
ATOM   181  C  C   . GLU A 1 23  ? -8.397  -3.949  -15.792 1.00 40.35 ? 23  GLU A C   1 
ATOM   182  O  O   . GLU A 1 23  ? -8.721  -4.890  -16.526 1.00 41.60 ? 23  GLU A O   1 
ATOM   183  C  CB  . GLU A 1 23  ? -9.689  -1.941  -15.276 1.00 41.74 ? 23  GLU A CB  1 
ATOM   184  C  CG  . GLU A 1 23  ? -10.514 -1.046  -14.399 1.00 44.43 ? 23  GLU A CG  1 
ATOM   185  C  CD  . GLU A 1 23  ? -11.968 -1.117  -14.759 1.00 52.98 ? 23  GLU A CD  1 
ATOM   186  O  OE1 . GLU A 1 23  ? -12.287 -1.753  -15.817 1.00 56.54 ? 23  GLU A OE1 1 
ATOM   187  O  OE2 . GLU A 1 23  ? -12.806 -0.552  -13.988 1.00 56.90 ? 23  GLU A OE2 1 
ATOM   188  N  N   . ARG A 1 24  ? -7.184  -3.410  -15.836 1.00 39.01 ? 24  ARG A N   1 
ATOM   189  C  CA  . ARG A 1 24  ? -6.196  -3.894  -16.779 1.00 38.18 ? 24  ARG A CA  1 
ATOM   190  C  C   . ARG A 1 24  ? -5.813  -5.318  -16.497 1.00 37.92 ? 24  ARG A C   1 
ATOM   191  O  O   . ARG A 1 24  ? -5.659  -6.107  -17.441 1.00 39.58 ? 24  ARG A O   1 
ATOM   192  C  CB  . ARG A 1 24  ? -4.950  -3.044  -16.751 1.00 38.20 ? 24  ARG A CB  1 
ATOM   193  C  CG  . ARG A 1 24  ? -5.214  -1.650  -17.216 1.00 38.14 ? 24  ARG A CG  1 
ATOM   194  C  CD  . ARG A 1 24  ? -3.927  -0.863  -17.222 1.00 38.72 ? 24  ARG A CD  1 
ATOM   195  N  NE  . ARG A 1 24  ? -4.265  0.521   -17.491 1.00 38.16 ? 24  ARG A NE  1 
ATOM   196  C  CZ  . ARG A 1 24  ? -3.446  1.542   -17.284 1.00 37.14 ? 24  ARG A CZ  1 
ATOM   197  N  NH1 . ARG A 1 24  ? -2.236  1.326   -16.765 1.00 35.16 ? 24  ARG A NH1 1 
ATOM   198  N  NH2 . ARG A 1 24  ? -3.867  2.779   -17.574 1.00 32.75 ? 24  ARG A NH2 1 
ATOM   199  N  N   . ALA A 1 25  ? -5.645  -5.675  -15.219 1.00 36.87 ? 25  ALA A N   1 
ATOM   200  C  CA  . ALA A 1 25  ? -5.364  -7.090  -14.885 1.00 34.67 ? 25  ALA A CA  1 
ATOM   201  C  C   . ALA A 1 25  ? -6.465  -7.988  -15.444 1.00 33.25 ? 25  ALA A C   1 
ATOM   202  O  O   . ALA A 1 25  ? -6.180  -9.116  -15.860 1.00 32.41 ? 25  ALA A O   1 
ATOM   203  C  CB  . ALA A 1 25  ? -5.226  -7.302  -13.403 1.00 33.27 ? 25  ALA A CB  1 
ATOM   204  N  N   . TYR A 1 26  ? -7.707  -7.492  -15.441 1.00 31.21 ? 26  TYR A N   1 
ATOM   205  C  CA  . TYR A 1 26  ? -8.802  -8.316  -15.886 1.00 31.18 ? 26  TYR A CA  1 
ATOM   206  C  C   . TYR A 1 26  ? -8.706  -8.541  -17.400 1.00 32.43 ? 26  TYR A C   1 
ATOM   207  O  O   . TYR A 1 26  ? -8.934  -9.665  -17.889 1.00 32.11 ? 26  TYR A O   1 
ATOM   208  C  CB  . TYR A 1 26  ? -10.181 -7.756  -15.486 1.00 29.72 ? 26  TYR A CB  1 
ATOM   209  C  CG  . TYR A 1 26  ? -11.286 -8.804  -15.705 1.00 28.93 ? 26  TYR A CG  1 
ATOM   210  C  CD1 . TYR A 1 26  ? -11.932 -8.943  -16.962 1.00 28.35 ? 26  TYR A CD1 1 
ATOM   211  C  CD2 . TYR A 1 26  ? -11.642 -9.692  -14.699 1.00 25.96 ? 26  TYR A CD2 1 
ATOM   212  C  CE1 . TYR A 1 26  ? -12.916 -9.894  -17.168 1.00 26.79 ? 26  TYR A CE1 1 
ATOM   213  C  CE2 . TYR A 1 26  ? -12.639 -10.677 -14.910 1.00 26.20 ? 26  TYR A CE2 1 
ATOM   214  C  CZ  . TYR A 1 26  ? -13.264 -10.765 -16.141 1.00 26.92 ? 26  TYR A CZ  1 
ATOM   215  O  OH  . TYR A 1 26  ? -14.252 -11.701 -16.351 1.00 26.15 ? 26  TYR A OH  1 
ATOM   216  N  N   . ASP A 1 27  ? -8.339  -7.475  -18.125 1.00 33.43 ? 27  ASP A N   1 
ATOM   217  C  CA  . ASP A 1 27  ? -8.154  -7.545  -19.563 1.00 34.19 ? 27  ASP A CA  1 
ATOM   218  C  C   . ASP A 1 27  ? -6.921  -8.329  -19.967 1.00 33.77 ? 27  ASP A C   1 
ATOM   219  O  O   . ASP A 1 27  ? -6.855  -8.801  -21.101 1.00 34.92 ? 27  ASP A O   1 
ATOM   220  C  CB  . ASP A 1 27  ? -8.216  -6.155  -20.202 1.00 34.74 ? 27  ASP A CB  1 
ATOM   221  C  CG  . ASP A 1 27  ? -9.614  -5.521  -20.074 1.00 37.87 ? 27  ASP A CG  1 
ATOM   222  O  OD1 . ASP A 1 27  ? -10.612 -6.267  -19.915 1.00 39.97 ? 27  ASP A OD1 1 
ATOM   223  O  OD2 . ASP A 1 27  ? -9.725  -4.282  -20.125 1.00 39.05 ? 27  ASP A OD2 1 
ATOM   224  N  N   . ALA A 1 28  ? -5.985  -8.527  -19.048 1.00 32.56 ? 28  ALA A N   1 
ATOM   225  C  CA  . ALA A 1 28  ? -4.859  -9.437  -19.273 1.00 32.12 ? 28  ALA A CA  1 
ATOM   226  C  C   . ALA A 1 28  ? -5.169  -10.898 -18.952 1.00 32.74 ? 28  ALA A C   1 
ATOM   227  O  O   . ALA A 1 28  ? -4.280  -11.773 -19.043 1.00 33.47 ? 28  ALA A O   1 
ATOM   228  C  CB  . ALA A 1 28  ? -3.638  -8.992  -18.480 1.00 31.23 ? 28  ALA A CB  1 
ATOM   229  N  N   . GLY A 1 29  ? -6.415  -11.191 -18.586 1.00 32.87 ? 29  GLY A N   1 
ATOM   230  C  CA  . GLY A 1 29  ? -6.814  -12.581 -18.388 1.00 32.67 ? 29  GLY A CA  1 
ATOM   231  C  C   . GLY A 1 29  ? -6.990  -12.930 -16.921 1.00 32.40 ? 29  GLY A C   1 
ATOM   232  O  O   . GLY A 1 29  ? -6.957  -14.106 -16.546 1.00 32.19 ? 29  GLY A O   1 
ATOM   233  N  N   . GLY A 1 30  ? -7.190  -11.905 -16.100 1.00 32.28 ? 30  GLY A N   1 
ATOM   234  C  CA  . GLY A 1 30  ? -7.476  -12.072 -14.659 1.00 31.82 ? 30  GLY A CA  1 
ATOM   235  C  C   . GLY A 1 30  ? -8.434  -13.208 -14.286 1.00 31.19 ? 30  GLY A C   1 
ATOM   236  O  O   . GLY A 1 30  ? -8.137  -13.994 -13.370 1.00 32.09 ? 30  GLY A O   1 
ATOM   237  N  N   . ALA A 1 31  ? -9.552  -13.338 -15.002 1.00 29.17 ? 31  ALA A N   1 
ATOM   238  C  CA  . ALA A 1 31  ? -10.532 -14.388 -14.689 1.00 28.17 ? 31  ALA A CA  1 
ATOM   239  C  C   . ALA A 1 31  ? -10.019 -15.811 -14.797 1.00 27.67 ? 31  ALA A C   1 
ATOM   240  O  O   . ALA A 1 31  ? -10.715 -16.712 -14.391 1.00 27.56 ? 31  ALA A O   1 
ATOM   241  C  CB  . ALA A 1 31  ? -11.809 -14.233 -15.526 1.00 27.77 ? 31  ALA A CB  1 
ATOM   242  N  N   . GLY A 1 32  ? -8.837  -16.017 -15.379 1.00 27.88 ? 32  GLY A N   1 
ATOM   243  C  CA  . GLY A 1 32  ? -8.247  -17.358 -15.521 1.00 27.46 ? 32  GLY A CA  1 
ATOM   244  C  C   . GLY A 1 32  ? -7.251  -17.644 -14.396 1.00 27.80 ? 32  GLY A C   1 
ATOM   245  O  O   . GLY A 1 32  ? -6.702  -18.760 -14.305 1.00 27.33 ? 32  GLY A O   1 
ATOM   246  N  N   . LEU A 1 33  ? -7.007  -16.633 -13.539 1.00 27.37 ? 33  LEU A N   1 
ATOM   247  C  CA  . LEU A 1 33  ? -6.114  -16.794 -12.379 1.00 27.42 ? 33  LEU A CA  1 
ATOM   248  C  C   . LEU A 1 33  ? -6.698  -17.770 -11.372 1.00 27.04 ? 33  LEU A C   1 
ATOM   249  O  O   . LEU A 1 33  ? -7.895  -17.802 -11.167 1.00 26.99 ? 33  LEU A O   1 
ATOM   250  C  CB  . LEU A 1 33  ? -5.864  -15.446 -11.681 1.00 27.92 ? 33  LEU A CB  1 
ATOM   251  C  CG  . LEU A 1 33  ? -5.116  -14.360 -12.483 1.00 27.64 ? 33  LEU A CG  1 
ATOM   252  C  CD1 . LEU A 1 33  ? -5.055  -13.107 -11.723 1.00 25.44 ? 33  LEU A CD1 1 
ATOM   253  C  CD2 . LEU A 1 33  ? -3.691  -14.815 -12.822 1.00 28.50 ? 33  LEU A CD2 1 
ATOM   254  N  N   . GLU A 1 34  ? -5.844  -18.588 -10.780 1.00 26.75 ? 34  GLU A N   1 
ATOM   255  C  CA  . GLU A 1 34  ? -6.130  -19.227 -9.508  1.00 26.57 ? 34  GLU A CA  1 
ATOM   256  C  C   . GLU A 1 34  ? -6.355  -18.084 -8.469  1.00 25.86 ? 34  GLU A C   1 
ATOM   257  O  O   . GLU A 1 34  ? -5.585  -17.079 -8.413  1.00 23.80 ? 34  GLU A O   1 
ATOM   258  C  CB  . GLU A 1 34  ? -4.906  -20.033 -9.100  1.00 27.42 ? 34  GLU A CB  1 
ATOM   259  C  CG  . GLU A 1 34  ? -4.827  -21.436 -9.630  1.00 31.09 ? 34  GLU A CG  1 
ATOM   260  C  CD  . GLU A 1 34  ? -5.343  -22.427 -8.597  1.00 37.13 ? 34  GLU A CD  1 
ATOM   261  O  OE1 . GLU A 1 34  ? -4.798  -22.472 -7.444  1.00 36.68 ? 34  GLU A OE1 1 
ATOM   262  O  OE2 . GLU A 1 34  ? -6.312  -23.143 -8.941  1.00 38.45 ? 34  GLU A OE2 1 
ATOM   263  N  N   . LEU A 1 35  ? -7.404  -18.211 -7.658  1.00 24.86 ? 35  LEU A N   1 
ATOM   264  C  CA  . LEU A 1 35  ? -7.661  -17.143 -6.706  1.00 24.30 ? 35  LEU A CA  1 
ATOM   265  C  C   . LEU A 1 35  ? -6.867  -17.391 -5.417  1.00 24.31 ? 35  LEU A C   1 
ATOM   266  O  O   . LEU A 1 35  ? -7.387  -17.904 -4.404  1.00 24.18 ? 35  LEU A O   1 
ATOM   267  C  CB  . LEU A 1 35  ? -9.155  -16.950 -6.461  1.00 24.45 ? 35  LEU A CB  1 
ATOM   268  C  CG  . LEU A 1 35  ? -9.964  -16.452 -7.653  1.00 22.90 ? 35  LEU A CG  1 
ATOM   269  C  CD1 . LEU A 1 35  ? -11.423 -16.518 -7.325  1.00 22.72 ? 35  LEU A CD1 1 
ATOM   270  C  CD2 . LEU A 1 35  ? -9.549  -15.092 -8.094  1.00 20.04 ? 35  LEU A CD2 1 
ATOM   271  N  N   . THR A 1 36  ? -5.585  -17.060 -5.510  1.00 23.78 ? 36  THR A N   1 
ATOM   272  C  CA  . THR A 1 36  ? -4.665  -17.168 -4.414  1.00 24.17 ? 36  THR A CA  1 
ATOM   273  C  C   . THR A 1 36  ? -3.990  -15.823 -4.320  1.00 25.05 ? 36  THR A C   1 
ATOM   274  O  O   . THR A 1 36  ? -3.922  -15.095 -5.310  1.00 25.20 ? 36  THR A O   1 
ATOM   275  C  CB  . THR A 1 36  ? -3.578  -18.277 -4.620  1.00 23.78 ? 36  THR A CB  1 
ATOM   276  O  OG1 . THR A 1 36  ? -2.707  -17.914 -5.696  1.00 23.56 ? 36  THR A OG1 1 
ATOM   277  C  CG2 . THR A 1 36  ? -4.191  -19.613 -4.866  1.00 21.10 ? 36  THR A CG2 1 
ATOM   278  N  N   . ALA A 1 37  ? -3.492  -15.491 -3.136  1.00 25.94 ? 37  ALA A N   1 
ATOM   279  C  CA  . ALA A 1 37  ? -2.744  -14.272 -2.982  1.00 27.30 ? 37  ALA A CA  1 
ATOM   280  C  C   . ALA A 1 37  ? -1.558  -14.240 -3.930  1.00 28.92 ? 37  ALA A C   1 
ATOM   281  O  O   . ALA A 1 37  ? -1.376  -13.230 -4.558  1.00 30.38 ? 37  ALA A O   1 
ATOM   282  C  CB  . ALA A 1 37  ? -2.294  -14.093 -1.558  1.00 27.66 ? 37  ALA A CB  1 
ATOM   283  N  N   . LYS A 1 38  ? -0.773  -15.323 -4.069  1.00 30.28 ? 38  LYS A N   1 
ATOM   284  C  CA  . LYS A 1 38  ? 0.373   -15.341 -5.005  1.00 32.30 ? 38  LYS A CA  1 
ATOM   285  C  C   . LYS A 1 38  ? -0.018  -14.999 -6.426  1.00 31.07 ? 38  LYS A C   1 
ATOM   286  O  O   . LYS A 1 38  ? 0.549   -14.063 -7.021  1.00 30.93 ? 38  LYS A O   1 
ATOM   287  C  CB  . LYS A 1 38  ? 1.100   -16.679 -4.994  1.00 32.40 ? 38  LYS A CB  1 
ATOM   288  C  CG  . LYS A 1 38  ? 2.244   -16.722 -3.953  1.00 37.41 ? 38  LYS A CG  1 
ATOM   289  C  CD  . LYS A 1 38  ? 3.165   -18.017 -4.115  1.00 38.30 ? 38  LYS A CD  1 
ATOM   290  C  CE  . LYS A 1 38  ? 4.139   -17.969 -5.395  1.00 44.48 ? 38  LYS A CE  1 
ATOM   291  N  NZ  . LYS A 1 38  ? 3.528   -18.558 -6.669  1.00 45.10 ? 38  LYS A NZ  1 
ATOM   292  N  N   . ALA A 1 39  ? -1.000  -15.736 -6.963  1.00 30.19 ? 39  ALA A N   1 
ATOM   293  C  CA  . ALA A 1 39  ? -1.475  -15.513 -8.327  1.00 29.80 ? 39  ALA A CA  1 
ATOM   294  C  C   . ALA A 1 39  ? -1.993  -14.094 -8.501  1.00 30.12 ? 39  ALA A C   1 
ATOM   295  O  O   . ALA A 1 39  ? -1.479  -13.358 -9.317  1.00 30.99 ? 39  ALA A O   1 
ATOM   296  C  CB  . ALA A 1 39  ? -2.529  -16.529 -8.728  1.00 29.19 ? 39  ALA A CB  1 
ATOM   297  N  N   . VAL A 1 40  ? -2.971  -13.673 -7.704  1.00 30.60 ? 40  VAL A N   1 
ATOM   298  C  CA  . VAL A 1 40  ? -3.601  -12.362 -7.927  1.00 30.11 ? 40  VAL A CA  1 
ATOM   299  C  C   . VAL A 1 40  ? -2.589  -11.222 -7.706  1.00 31.90 ? 40  VAL A C   1 
ATOM   300  O  O   . VAL A 1 40  ? -2.598  -10.212 -8.437  1.00 32.88 ? 40  VAL A O   1 
ATOM   301  C  CB  . VAL A 1 40  ? -4.859  -12.160 -7.052  1.00 29.67 ? 40  VAL A CB  1 
ATOM   302  C  CG1 . VAL A 1 40  ? -5.433  -10.792 -7.253  1.00 26.91 ? 40  VAL A CG1 1 
ATOM   303  C  CG2 . VAL A 1 40  ? -5.909  -13.222 -7.338  1.00 25.79 ? 40  VAL A CG2 1 
ATOM   304  N  N   . HIS A 1 41  ? -1.710  -11.377 -6.720  1.00 32.21 ? 41  HIS A N   1 
ATOM   305  C  CA  . HIS A 1 41  ? -0.689  -10.370 -6.473  1.00 33.14 ? 41  HIS A CA  1 
ATOM   306  C  C   . HIS A 1 41  ? 0.276   -10.241 -7.647  1.00 33.82 ? 41  HIS A C   1 
ATOM   307  O  O   . HIS A 1 41  ? 0.632   -9.115  -8.011  1.00 33.73 ? 41  HIS A O   1 
ATOM   308  C  CB  . HIS A 1 41  ? 0.093   -10.718 -5.222  1.00 33.52 ? 41  HIS A CB  1 
ATOM   309  C  CG  . HIS A 1 41  ? 1.123   -9.700  -4.839  1.00 36.59 ? 41  HIS A CG  1 
ATOM   310  N  ND1 . HIS A 1 41  ? 2.460   -9.833  -5.169  1.00 38.31 ? 41  HIS A ND1 1 
ATOM   311  C  CD2 . HIS A 1 41  ? 1.024   -8.566  -4.101  1.00 35.15 ? 41  HIS A CD2 1 
ATOM   312  C  CE1 . HIS A 1 41  ? 3.138   -8.815  -4.664  1.00 37.10 ? 41  HIS A CE1 1 
ATOM   313  N  NE2 . HIS A 1 41  ? 2.289   -8.033  -4.015  1.00 38.44 ? 41  HIS A NE2 1 
ATOM   314  N  N   . GLY A 1 42  ? 0.709   -11.379 -8.226  1.00 33.67 ? 42  GLY A N   1 
ATOM   315  C  CA  . GLY A 1 42  ? 1.616   -11.333 -9.349  1.00 33.71 ? 42  GLY A CA  1 
ATOM   316  C  C   . GLY A 1 42  ? 0.947   -10.535 -10.477 1.00 35.10 ? 42  GLY A C   1 
ATOM   317  O  O   . GLY A 1 42  ? 1.594   -9.693  -11.129 1.00 35.46 ? 42  GLY A O   1 
ATOM   318  N  N   . ALA A 1 43  ? -0.358  -10.782 -10.680 1.00 34.90 ? 43  ALA A N   1 
ATOM   319  C  CA  . ALA A 1 43  ? -1.114  -10.201 -11.785 1.00 35.08 ? 43  ALA A CA  1 
ATOM   320  C  C   . ALA A 1 43  ? -1.303  -8.709  -11.585 1.00 35.53 ? 43  ALA A C   1 
ATOM   321  O  O   . ALA A 1 43  ? -1.100  -7.926  -12.514 1.00 36.07 ? 43  ALA A O   1 
ATOM   322  C  CB  . ALA A 1 43  ? -2.445  -10.892 -11.935 1.00 34.41 ? 43  ALA A CB  1 
ATOM   323  N  N   . LEU A 1 44  ? -1.659  -8.318  -10.364 1.00 36.02 ? 44  LEU A N   1 
ATOM   324  C  CA  . LEU A 1 44  ? -1.824  -6.906  -10.023 1.00 36.36 ? 44  LEU A CA  1 
ATOM   325  C  C   . LEU A 1 44  ? -0.493  -6.126  -10.052 1.00 37.11 ? 44  LEU A C   1 
ATOM   326  O  O   . LEU A 1 44  ? -0.436  -5.035  -10.660 1.00 38.01 ? 44  LEU A O   1 
ATOM   327  C  CB  . LEU A 1 44  ? -2.559  -6.750  -8.688  1.00 35.68 ? 44  LEU A CB  1 
ATOM   328  C  CG  . LEU A 1 44  ? -3.983  -7.334  -8.647  1.00 36.01 ? 44  LEU A CG  1 
ATOM   329  C  CD1 . LEU A 1 44  ? -4.624  -7.049  -7.291  1.00 33.97 ? 44  LEU A CD1 1 
ATOM   330  C  CD2 . LEU A 1 44  ? -4.910  -6.821  -9.794  1.00 32.70 ? 44  LEU A CD2 1 
ATOM   331  N  N   . CYS A 1 45  ? 0.573   -6.673  -9.453  1.00 36.93 ? 45  CYS A N   1 
ATOM   332  C  CA  . CYS A 1 45  ? 1.891   -6.039  -9.554  1.00 37.43 ? 45  CYS A CA  1 
ATOM   333  C  C   . CYS A 1 45  ? 2.323   -5.851  -11.001 1.00 38.22 ? 45  CYS A C   1 
ATOM   334  O  O   . CYS A 1 45  ? 2.885   -4.801  -11.357 1.00 39.42 ? 45  CYS A O   1 
ATOM   335  C  CB  . CYS A 1 45  ? 2.954   -6.794  -8.766  1.00 36.54 ? 45  CYS A CB  1 
ATOM   336  S  SG  . CYS A 1 45  ? 2.636   -6.644  -7.005  1.00 39.62 ? 45  CYS A SG  1 
ATOM   337  N  N   . ALA A 1 46  ? 2.053   -6.849  -11.840 1.00 38.43 ? 46  ALA A N   1 
ATOM   338  C  CA  . ALA A 1 46  ? 2.386   -6.746  -13.244 1.00 38.82 ? 46  ALA A CA  1 
ATOM   339  C  C   . ALA A 1 46  ? 1.813   -5.480  -13.853 1.00 39.07 ? 46  ALA A C   1 
ATOM   340  O  O   . ALA A 1 46  ? 2.532   -4.758  -14.545 1.00 39.95 ? 46  ALA A O   1 
ATOM   341  C  CB  . ALA A 1 46  ? 1.941   -7.976  -14.023 1.00 38.75 ? 46  ALA A CB  1 
ATOM   342  N  N   . GLN A 1 47  ? 0.545   -5.185  -13.603 1.00 39.24 ? 47  GLN A N   1 
ATOM   343  C  CA  . GLN A 1 47  ? -0.015  -3.946  -14.122 1.00 39.82 ? 47  GLN A CA  1 
ATOM   344  C  C   . GLN A 1 47  ? 0.585   -2.701  -13.454 1.00 40.93 ? 47  GLN A C   1 
ATOM   345  O  O   . GLN A 1 47  ? 0.704   -1.641  -14.091 1.00 41.92 ? 47  GLN A O   1 
ATOM   346  C  CB  . GLN A 1 47  ? -1.525  -3.910  -13.975 1.00 38.92 ? 47  GLN A CB  1 
ATOM   347  C  CG  . GLN A 1 47  ? -2.266  -5.005  -14.644 1.00 40.16 ? 47  GLN A CG  1 
ATOM   348  C  CD  . GLN A 1 47  ? -1.932  -5.128  -16.120 1.00 41.31 ? 47  GLN A CD  1 
ATOM   349  O  OE1 . GLN A 1 47  ? -1.766  -6.229  -16.612 1.00 40.08 ? 47  GLN A OE1 1 
ATOM   350  N  NE2 . GLN A 1 47  ? -1.833  -3.997  -16.827 1.00 41.61 ? 47  GLN A NE2 1 
ATOM   351  N  N   . PHE A 1 48  ? 0.925   -2.805  -12.175 1.00 41.39 ? 48  PHE A N   1 
ATOM   352  C  CA  . PHE A 1 48  ? 1.447   -1.661  -11.453 1.00 42.57 ? 48  PHE A CA  1 
ATOM   353  C  C   . PHE A 1 48  ? 2.817   -1.335  -12.014 1.00 43.73 ? 48  PHE A C   1 
ATOM   354  O  O   . PHE A 1 48  ? 3.203   -0.163  -12.115 1.00 44.01 ? 48  PHE A O   1 
ATOM   355  C  CB  . PHE A 1 48  ? 1.569   -2.021  -9.974  1.00 42.34 ? 48  PHE A CB  1 
ATOM   356  C  CG  . PHE A 1 48  ? 2.173   -0.949  -9.107  1.00 41.57 ? 48  PHE A CG  1 
ATOM   357  C  CD1 . PHE A 1 48  ? 1.682   0.346   -9.115  1.00 42.04 ? 48  PHE A CD1 1 
ATOM   358  C  CD2 . PHE A 1 48  ? 3.206   -1.260  -8.232  1.00 40.90 ? 48  PHE A CD2 1 
ATOM   359  C  CE1 . PHE A 1 48  ? 2.223   1.318   -8.269  1.00 41.62 ? 48  PHE A CE1 1 
ATOM   360  C  CE2 . PHE A 1 48  ? 3.756   -0.297  -7.381  1.00 40.36 ? 48  PHE A CE2 1 
ATOM   361  C  CZ  . PHE A 1 48  ? 3.266   0.990   -7.397  1.00 40.61 ? 48  PHE A CZ  1 
ATOM   362  N  N   . ARG A 1 49  ? 3.559   -2.377  -12.368 1.00 44.12 ? 49  ARG A N   1 
ATOM   363  C  CA  . ARG A 1 49  ? 4.897   -2.180  -12.857 1.00 45.27 ? 49  ARG A CA  1 
ATOM   364  C  C   . ARG A 1 49  ? 4.946   -1.595  -14.251 1.00 45.48 ? 49  ARG A C   1 
ATOM   365  O  O   . ARG A 1 49  ? 5.925   -0.994  -14.627 1.00 46.31 ? 49  ARG A O   1 
ATOM   366  C  CB  . ARG A 1 49  ? 5.646   -3.487  -12.828 1.00 45.15 ? 49  ARG A CB  1 
ATOM   367  C  CG  . ARG A 1 49  ? 6.370   -3.636  -11.564 1.00 47.13 ? 49  ARG A CG  1 
ATOM   368  C  CD  . ARG A 1 49  ? 6.423   -5.076  -11.182 1.00 51.35 ? 49  ARG A CD  1 
ATOM   369  N  NE  . ARG A 1 49  ? 6.972   -5.176  -9.847  1.00 52.79 ? 49  ARG A NE  1 
ATOM   370  C  CZ  . ARG A 1 49  ? 7.676   -6.201  -9.398  1.00 53.44 ? 49  ARG A CZ  1 
ATOM   371  N  NH1 . ARG A 1 49  ? 7.932   -7.239  -10.171 1.00 51.02 ? 49  ARG A NH1 1 
ATOM   372  N  NH2 . ARG A 1 49  ? 8.130   -6.167  -8.162  1.00 54.69 ? 49  ARG A NH2 1 
ATOM   373  N  N   . VAL A 1 50  ? 3.884   -1.765  -15.007 1.00 45.73 ? 50  VAL A N   1 
ATOM   374  C  CA  . VAL A 1 50  ? 3.896   -1.452  -16.417 1.00 46.29 ? 50  VAL A CA  1 
ATOM   375  C  C   . VAL A 1 50  ? 3.140   -0.161  -16.713 1.00 45.92 ? 50  VAL A C   1 
ATOM   376  O  O   . VAL A 1 50  ? 3.106   0.306   -17.839 1.00 45.62 ? 50  VAL A O   1 
ATOM   377  C  CB  . VAL A 1 50  ? 3.381   -2.694  -17.210 1.00 46.82 ? 50  VAL A CB  1 
ATOM   378  C  CG1 . VAL A 1 50  ? 2.074   -2.429  -17.987 1.00 46.52 ? 50  VAL A CG1 1 
ATOM   379  C  CG2 . VAL A 1 50  ? 4.510   -3.264  -18.064 1.00 46.60 ? 50  VAL A CG2 1 
ATOM   380  N  N   . ALA A 1 51  ? 2.545   0.399   -15.665 1.00 46.04 ? 51  ALA A N   1 
ATOM   381  C  CA  . ALA A 1 51  ? 1.797   1.651   -15.694 1.00 45.88 ? 51  ALA A CA  1 
ATOM   382  C  C   . ALA A 1 51  ? 2.788   2.788   -15.904 1.00 45.91 ? 51  ALA A C   1 
ATOM   383  O  O   . ALA A 1 51  ? 3.971   2.613   -15.649 1.00 46.15 ? 51  ALA A O   1 
ATOM   384  C  CB  . ALA A 1 51  ? 1.064   1.819   -14.384 1.00 45.59 ? 51  ALA A CB  1 
ATOM   385  N  N   . SER A 1 52  ? 2.326   3.942   -16.370 1.00 46.00 ? 52  SER A N   1 
ATOM   386  C  CA  . SER A 1 52  ? 3.231   5.050   -16.673 1.00 46.32 ? 52  SER A CA  1 
ATOM   387  C  C   . SER A 1 52  ? 3.831   5.504   -15.344 1.00 47.02 ? 52  SER A C   1 
ATOM   388  O  O   . SER A 1 52  ? 3.287   5.161   -14.289 1.00 46.87 ? 52  SER A O   1 
ATOM   389  C  CB  . SER A 1 52  ? 2.465   6.184   -17.379 1.00 46.15 ? 52  SER A CB  1 
ATOM   390  O  OG  . SER A 1 52  ? 1.478   6.785   -16.533 1.00 45.96 ? 52  SER A OG  1 
ATOM   391  N  N   . GLU A 1 53  ? 4.948   6.244   -15.362 1.00 47.69 ? 53  GLU A N   1 
ATOM   392  C  CA  . GLU A 1 53  ? 5.439   6.836   -14.091 1.00 47.77 ? 53  GLU A CA  1 
ATOM   393  C  C   . GLU A 1 53  ? 4.412   7.794   -13.448 1.00 46.87 ? 53  GLU A C   1 
ATOM   394  O  O   . GLU A 1 53  ? 4.266   7.790   -12.229 1.00 46.97 ? 53  GLU A O   1 
ATOM   395  C  CB  . GLU A 1 53  ? 6.838   7.486   -14.205 1.00 48.30 ? 53  GLU A CB  1 
ATOM   396  C  CG  . GLU A 1 53  ? 8.073   6.513   -14.386 1.00 51.58 ? 53  GLU A CG  1 
ATOM   397  C  CD  . GLU A 1 53  ? 8.112   5.304   -13.408 1.00 54.51 ? 53  GLU A CD  1 
ATOM   398  O  OE1 . GLU A 1 53  ? 8.962   5.260   -12.482 1.00 52.81 ? 53  GLU A OE1 1 
ATOM   399  O  OE2 . GLU A 1 53  ? 7.294   4.380   -13.588 1.00 56.92 ? 53  GLU A OE2 1 
ATOM   400  N  N   . ALA A 1 54  ? 3.686   8.582   -14.248 1.00 45.74 ? 54  ALA A N   1 
ATOM   401  C  CA  . ALA A 1 54  ? 2.595   9.411   -13.702 1.00 44.94 ? 54  ALA A CA  1 
ATOM   402  C  C   . ALA A 1 54  ? 1.569   8.551   -12.945 1.00 44.57 ? 54  ALA A C   1 
ATOM   403  O  O   . ALA A 1 54  ? 1.137   8.912   -11.852 1.00 43.80 ? 54  ALA A O   1 
ATOM   404  C  CB  . ALA A 1 54  ? 1.890   10.222  -14.808 1.00 44.16 ? 54  ALA A CB  1 
ATOM   405  N  N   . GLU A 1 55  ? 1.187   7.420   -13.544 1.00 44.08 ? 55  GLU A N   1 
ATOM   406  C  CA  . GLU A 1 55  ? 0.165   6.562   -12.956 1.00 44.08 ? 55  GLU A CA  1 
ATOM   407  C  C   . GLU A 1 55  ? 0.640   5.961   -11.639 1.00 43.22 ? 55  GLU A C   1 
ATOM   408  O  O   . GLU A 1 55  ? -0.094  5.998   -10.646 1.00 43.69 ? 55  GLU A O   1 
ATOM   409  C  CB  . GLU A 1 55  ? -0.304  5.485   -13.950 1.00 43.90 ? 55  GLU A CB  1 
ATOM   410  C  CG  . GLU A 1 55  ? -1.133  6.044   -15.131 1.00 43.89 ? 55  GLU A CG  1 
ATOM   411  C  CD  . GLU A 1 55  ? -1.390  4.990   -16.234 1.00 45.38 ? 55  GLU A CD  1 
ATOM   412  O  OE1 . GLU A 1 55  ? -0.543  4.058   -16.397 1.00 45.96 ? 55  GLU A OE1 1 
ATOM   413  O  OE2 . GLU A 1 55  ? -2.439  5.096   -16.933 1.00 43.74 ? 55  GLU A OE2 1 
ATOM   414  N  N   . ARG A 1 56  ? 1.870   5.455   -11.617 1.00 42.10 ? 56  ARG A N   1 
ATOM   415  C  CA  . ARG A 1 56  ? 2.486   4.970   -10.397 1.00 41.75 ? 56  ARG A CA  1 
ATOM   416  C  C   . ARG A 1 56  ? 2.560   6.071   -9.320  1.00 41.82 ? 56  ARG A C   1 
ATOM   417  O  O   . ARG A 1 56  ? 2.276   5.826   -8.126  1.00 41.69 ? 56  ARG A O   1 
ATOM   418  C  CB  . ARG A 1 56  ? 3.850   4.365   -10.695 1.00 41.68 ? 56  ARG A CB  1 
ATOM   419  C  CG  . ARG A 1 56  ? 3.732   3.086   -11.530 1.00 41.44 ? 56  ARG A CG  1 
ATOM   420  C  CD  . ARG A 1 56  ? 5.001   2.726   -12.346 1.00 41.44 ? 56  ARG A CD  1 
ATOM   421  N  NE  . ARG A 1 56  ? 6.206   2.613   -11.520 1.00 42.32 ? 56  ARG A NE  1 
ATOM   422  C  CZ  . ARG A 1 56  ? 6.492   1.594   -10.705 1.00 43.18 ? 56  ARG A CZ  1 
ATOM   423  N  NH1 . ARG A 1 56  ? 5.669   0.555   -10.579 1.00 43.91 ? 56  ARG A NH1 1 
ATOM   424  N  NH2 . ARG A 1 56  ? 7.608   1.620   -9.989  1.00 42.95 ? 56  ARG A NH2 1 
ATOM   425  N  N   . LEU A 1 57  ? 2.889   7.291   -9.738  1.00 41.49 ? 57  LEU A N   1 
ATOM   426  C  CA  . LEU A 1 57  ? 2.920   8.430   -8.811  1.00 41.39 ? 57  LEU A CA  1 
ATOM   427  C  C   . LEU A 1 57  ? 1.525   8.701   -8.234  1.00 41.09 ? 57  LEU A C   1 
ATOM   428  O  O   . LEU A 1 57  ? 1.390   9.030   -7.027  1.00 40.92 ? 57  LEU A O   1 
ATOM   429  C  CB  . LEU A 1 57  ? 3.494   9.684   -9.469  1.00 40.56 ? 57  LEU A CB  1 
ATOM   430  C  CG  . LEU A 1 57  ? 3.641   10.893  -8.535  1.00 42.27 ? 57  LEU A CG  1 
ATOM   431  C  CD1 . LEU A 1 57  ? 4.687   10.626  -7.443  1.00 40.47 ? 57  LEU A CD1 1 
ATOM   432  C  CD2 . LEU A 1 57  ? 4.008   12.167  -9.325  1.00 42.31 ? 57  LEU A CD2 1 
ATOM   433  N  N   . GLY A 1 58  ? 0.497   8.536   -9.080  1.00 40.39 ? 58  GLY A N   1 
ATOM   434  C  CA  . GLY A 1 58  ? -0.903  8.631   -8.639  1.00 39.92 ? 58  GLY A CA  1 
ATOM   435  C  C   . GLY A 1 58  ? -1.266  7.593   -7.574  1.00 40.08 ? 58  GLY A C   1 
ATOM   436  O  O   . GLY A 1 58  ? -2.041  7.861   -6.655  1.00 40.17 ? 58  GLY A O   1 
ATOM   437  N  N   . VAL A 1 59  ? -0.687  6.405   -7.673  1.00 40.39 ? 59  VAL A N   1 
ATOM   438  C  CA  . VAL A 1 59  ? -1.014  5.335   -6.738  1.00 40.24 ? 59  VAL A CA  1 
ATOM   439  C  C   . VAL A 1 59  ? -0.426  5.687   -5.399  1.00 40.85 ? 59  VAL A C   1 
ATOM   440  O  O   . VAL A 1 59  ? -1.082  5.514   -4.376  1.00 41.83 ? 59  VAL A O   1 
ATOM   441  C  CB  . VAL A 1 59  ? -0.464  3.970   -7.223  1.00 40.44 ? 59  VAL A CB  1 
ATOM   442  C  CG1 . VAL A 1 59  ? -0.511  2.922   -6.132  1.00 37.44 ? 59  VAL A CG1 1 
ATOM   443  C  CG2 . VAL A 1 59  ? -1.190  3.510   -8.514  1.00 39.65 ? 59  VAL A CG2 1 
ATOM   444  N  N   . LEU A 1 60  ? 0.802   6.193   -5.403  1.00 40.98 ? 60  LEU A N   1 
ATOM   445  C  CA  . LEU A 1 60  ? 1.481   6.567   -4.155  1.00 41.20 ? 60  LEU A CA  1 
ATOM   446  C  C   . LEU A 1 60  ? 0.698   7.639   -3.446  1.00 41.56 ? 60  LEU A C   1 
ATOM   447  O  O   . LEU A 1 60  ? 0.497   7.584   -2.240  1.00 41.84 ? 60  LEU A O   1 
ATOM   448  C  CB  . LEU A 1 60  ? 2.872   7.092   -4.456  1.00 41.08 ? 60  LEU A CB  1 
ATOM   449  C  CG  . LEU A 1 60  ? 4.085   6.154   -4.409  1.00 41.69 ? 60  LEU A CG  1 
ATOM   450  C  CD1 . LEU A 1 60  ? 3.791   4.731   -4.719  1.00 37.80 ? 60  LEU A CD1 1 
ATOM   451  C  CD2 . LEU A 1 60  ? 5.164   6.676   -5.318  1.00 40.66 ? 60  LEU A CD2 1 
ATOM   452  N  N   . ARG A 1 61  ? 0.253   8.622   -4.219  1.00 41.76 ? 61  ARG A N   1 
ATOM   453  C  CA  . ARG A 1 61  ? -0.439  9.748   -3.663  1.00 42.28 ? 61  ARG A CA  1 
ATOM   454  C  C   . ARG A 1 61  ? -1.811  9.390   -3.128  1.00 42.09 ? 61  ARG A C   1 
ATOM   455  O  O   . ARG A 1 61  ? -2.306  10.069  -2.262  1.00 42.36 ? 61  ARG A O   1 
ATOM   456  C  CB  . ARG A 1 61  ? -0.542  10.858  -4.709  1.00 42.65 ? 61  ARG A CB  1 
ATOM   457  C  CG  . ARG A 1 61  ? 0.795   11.502  -5.004  1.00 44.01 ? 61  ARG A CG  1 
ATOM   458  C  CD  . ARG A 1 61  ? 0.646   12.676  -5.917  1.00 43.58 ? 61  ARG A CD  1 
ATOM   459  N  NE  . ARG A 1 61  ? 1.827   13.536  -5.835  1.00 46.74 ? 61  ARG A NE  1 
ATOM   460  C  CZ  . ARG A 1 61  ? 2.244   14.352  -6.809  1.00 45.46 ? 61  ARG A CZ  1 
ATOM   461  N  NH1 . ARG A 1 61  ? 1.575   14.405  -7.944  1.00 42.38 ? 61  ARG A NH1 1 
ATOM   462  N  NH2 . ARG A 1 61  ? 3.341   15.097  -6.646  1.00 43.22 ? 61  ARG A NH2 1 
ATOM   463  N  N   . ALA A 1 62  ? -2.427  8.333   -3.640  1.00 42.41 ? 62  ALA A N   1 
ATOM   464  C  CA  . ALA A 1 62  ? -3.776  7.940   -3.193  1.00 42.56 ? 62  ALA A CA  1 
ATOM   465  C  C   . ALA A 1 62  ? -3.700  7.078   -1.929  1.00 42.83 ? 62  ALA A C   1 
ATOM   466  O  O   . ALA A 1 62  ? -4.684  6.938   -1.203  1.00 42.93 ? 62  ALA A O   1 
ATOM   467  C  CB  . ALA A 1 62  ? -4.524  7.187   -4.309  1.00 41.82 ? 62  ALA A CB  1 
ATOM   468  N  N   . HIS A 1 63  ? -2.534  6.490   -1.679  1.00 42.59 ? 63  HIS A N   1 
ATOM   469  C  CA  . HIS A 1 63  ? -2.367  5.607   -0.555  1.00 42.97 ? 63  HIS A CA  1 
ATOM   470  C  C   . HIS A 1 63  ? -2.597  6.297   0.813   1.00 44.09 ? 63  HIS A C   1 
ATOM   471  O  O   . HIS A 1 63  ? -2.183  7.436   1.028   1.00 44.24 ? 63  HIS A O   1 
ATOM   472  C  CB  . HIS A 1 63  ? -0.993  4.984   -0.622  1.00 42.29 ? 63  HIS A CB  1 
ATOM   473  C  CG  . HIS A 1 63  ? -0.864  3.758   0.202   1.00 42.32 ? 63  HIS A CG  1 
ATOM   474  N  ND1 . HIS A 1 63  ? -1.035  2.498   -0.320  1.00 41.35 ? 63  HIS A ND1 1 
ATOM   475  C  CD2 . HIS A 1 63  ? -0.615  3.591   1.521   1.00 44.07 ? 63  HIS A CD2 1 
ATOM   476  C  CE1 . HIS A 1 63  ? -0.868  1.599   0.635   1.00 41.31 ? 63  HIS A CE1 1 
ATOM   477  N  NE2 . HIS A 1 63  ? -0.604  2.234   1.760   1.00 43.56 ? 63  HIS A NE2 1 
ATOM   478  N  N   . PRO A 1 64  ? -3.321  5.632   1.730   1.00 45.09 ? 64  PRO A N   1 
ATOM   479  C  CA  . PRO A 1 64  ? -3.557  6.283   3.021   1.00 45.24 ? 64  PRO A CA  1 
ATOM   480  C  C   . PRO A 1 64  ? -2.292  6.424   3.860   1.00 45.54 ? 64  PRO A C   1 
ATOM   481  O  O   . PRO A 1 64  ? -1.363  5.583   3.770   1.00 45.40 ? 64  PRO A O   1 
ATOM   482  C  CB  . PRO A 1 64  ? -4.532  5.337   3.732   1.00 45.40 ? 64  PRO A CB  1 
ATOM   483  C  CG  . PRO A 1 64  ? -4.396  4.037   3.043   1.00 46.24 ? 64  PRO A CG  1 
ATOM   484  C  CD  . PRO A 1 64  ? -4.016  4.331   1.621   1.00 45.23 ? 64  PRO A CD  1 
ATOM   485  N  N   . ASP A 1 65  ? -2.267  7.483   4.667   1.00 44.61 ? 65  ASP A N   1 
ATOM   486  C  CA  . ASP A 1 65  ? -1.186  7.673   5.618   1.00 44.56 ? 65  ASP A CA  1 
ATOM   487  C  C   . ASP A 1 65  ? -1.350  6.756   6.840   1.00 44.00 ? 65  ASP A C   1 
ATOM   488  O  O   . ASP A 1 65  ? -2.424  6.192   7.108   1.00 43.68 ? 65  ASP A O   1 
ATOM   489  C  CB  . ASP A 1 65  ? -1.044  9.146   6.016   1.00 44.34 ? 65  ASP A CB  1 
ATOM   490  C  CG  . ASP A 1 65  ? -2.304  9.712   6.622   1.00 46.47 ? 65  ASP A CG  1 
ATOM   491  O  OD1 . ASP A 1 65  ? -3.178  8.987   7.112   1.00 48.33 ? 65  ASP A OD1 1 
ATOM   492  O  OD2 . ASP A 1 65  ? -2.429  10.926  6.633   1.00 51.91 ? 65  ASP A OD2 1 
ATOM   493  N  N   . LEU A 1 66  ? -0.255  6.595   7.554   1.00 42.92 ? 66  LEU A N   1 
ATOM   494  C  CA  . LEU A 1 66  ? -0.216  5.739   8.687   1.00 42.99 ? 66  LEU A CA  1 
ATOM   495  C  C   . LEU A 1 66  ? -1.322  6.004   9.746   1.00 42.77 ? 66  LEU A C   1 
ATOM   496  O  O   . LEU A 1 66  ? -2.044  5.091   10.170  1.00 43.25 ? 66  LEU A O   1 
ATOM   497  C  CB  . LEU A 1 66  ? 1.172   5.884   9.263   1.00 43.28 ? 66  LEU A CB  1 
ATOM   498  C  CG  . LEU A 1 66  ? 1.607   4.747   10.150  1.00 44.42 ? 66  LEU A CG  1 
ATOM   499  C  CD1 . LEU A 1 66  ? 1.122   3.453   9.625   1.00 42.56 ? 66  LEU A CD1 1 
ATOM   500  C  CD2 . LEU A 1 66  ? 3.091   4.817   10.116  1.00 47.39 ? 66  LEU A CD2 1 
ATOM   501  N  N   . ALA A 1 67  ? -1.494  7.246   10.158  1.00 43.01 ? 67  ALA A N   1 
ATOM   502  C  CA  . ALA A 1 67  ? -2.570  7.562   11.136  1.00 42.71 ? 67  ALA A CA  1 
ATOM   503  C  C   . ALA A 1 67  ? -3.935  7.118   10.662  1.00 42.29 ? 67  ALA A C   1 
ATOM   504  O  O   . ALA A 1 67  ? -4.719  6.583   11.446  1.00 43.66 ? 67  ALA A O   1 
ATOM   505  C  CB  . ALA A 1 67  ? -2.574  8.992   11.476  1.00 41.31 ? 67  ALA A CB  1 
ATOM   506  N  N   . GLY A 1 68  ? -4.212  7.291   9.380   1.00 42.33 ? 68  GLY A N   1 
ATOM   507  C  CA  . GLY A 1 68  ? -5.442  6.811   8.788   1.00 42.60 ? 68  GLY A CA  1 
ATOM   508  C  C   . GLY A 1 68  ? -5.563  5.298   8.860   1.00 44.43 ? 68  GLY A C   1 
ATOM   509  O  O   . GLY A 1 68  ? -6.677  4.774   9.025   1.00 46.01 ? 68  GLY A O   1 
ATOM   510  N  N   . LYS A 1 69  ? -4.452  4.566   8.729   1.00 43.76 ? 69  LYS A N   1 
ATOM   511  C  CA  . LYS A 1 69  ? -4.555  3.119   8.825   1.00 43.99 ? 69  LYS A CA  1 
ATOM   512  C  C   . LYS A 1 69  ? -4.826  2.730   10.279  1.00 42.68 ? 69  LYS A C   1 
ATOM   513  O  O   . LYS A 1 69  ? -5.639  1.839   10.555  1.00 42.68 ? 69  LYS A O   1 
ATOM   514  C  CB  . LYS A 1 69  ? -3.316  2.402   8.287   1.00 43.58 ? 69  LYS A CB  1 
ATOM   515  C  CG  . LYS A 1 69  ? -3.053  2.608   6.813   1.00 46.33 ? 69  LYS A CG  1 
ATOM   516  C  CD  . LYS A 1 69  ? -1.791  1.823   6.316   1.00 46.36 ? 69  LYS A CD  1 
ATOM   517  C  CE  . LYS A 1 69  ? -1.832  1.673   4.771   1.00 48.07 ? 69  LYS A CE  1 
ATOM   518  N  NZ  . LYS A 1 69  ? -0.603  0.991   4.226   1.00 49.45 ? 69  LYS A NZ  1 
ATOM   519  N  N   . LEU A 1 70  ? -4.142  3.397   11.203  1.00 41.01 ? 70  LEU A N   1 
ATOM   520  C  CA  . LEU A 1 70  ? -4.288  3.090   12.628  1.00 40.27 ? 70  LEU A CA  1 
ATOM   521  C  C   . LEU A 1 70  ? -5.719  3.347   13.101  1.00 39.79 ? 70  LEU A C   1 
ATOM   522  O  O   . LEU A 1 70  ? -6.292  2.558   13.866  1.00 39.26 ? 70  LEU A O   1 
ATOM   523  C  CB  . LEU A 1 70  ? -3.267  3.881   13.455  1.00 39.95 ? 70  LEU A CB  1 
ATOM   524  C  CG  . LEU A 1 70  ? -1.818  3.437   13.167  1.00 39.73 ? 70  LEU A CG  1 
ATOM   525  C  CD1 . LEU A 1 70  ? -0.861  4.342   13.864  1.00 40.38 ? 70  LEU A CD1 1 
ATOM   526  C  CD2 . LEU A 1 70  ? -1.567  2.038   13.659  1.00 37.64 ? 70  LEU A CD2 1 
ATOM   527  N  N   . ALA A 1 71  ? -6.307  4.430   12.607  1.00 39.34 ? 71  ALA A N   1 
ATOM   528  C  CA  . ALA A 1 71  ? -7.681  4.733   12.945  1.00 39.28 ? 71  ALA A CA  1 
ATOM   529  C  C   . ALA A 1 71  ? -8.674  3.709   12.396  1.00 38.73 ? 71  ALA A C   1 
ATOM   530  O  O   . ALA A 1 71  ? -9.627  3.324   13.065  1.00 38.22 ? 71  ALA A O   1 
ATOM   531  C  CB  . ALA A 1 71  ? -8.037  6.123   12.490  1.00 40.20 ? 71  ALA A CB  1 
ATOM   532  N  N   . ILE A 1 72  ? -8.451  3.236   11.185  1.00 38.79 ? 72  ILE A N   1 
ATOM   533  C  CA  . ILE A 1 72  ? -9.302  2.156   10.712  1.00 39.47 ? 72  ILE A CA  1 
ATOM   534  C  C   . ILE A 1 72  ? -9.153  0.885   11.570  1.00 39.09 ? 72  ILE A C   1 
ATOM   535  O  O   . ILE A 1 72  ? -10.158 0.245   11.898  1.00 38.89 ? 72  ILE A O   1 
ATOM   536  C  CB  . ILE A 1 72  ? -9.142  1.902   9.206   1.00 40.00 ? 72  ILE A CB  1 
ATOM   537  C  CG1 . ILE A 1 72  ? -9.953  2.952   8.432   1.00 41.60 ? 72  ILE A CG1 1 
ATOM   538  C  CG2 . ILE A 1 72  ? -9.665  0.541   8.852   1.00 39.36 ? 72  ILE A CG2 1 
ATOM   539  C  CD1 . ILE A 1 72  ? -9.225  3.602   7.256   1.00 45.84 ? 72  ILE A CD1 1 
ATOM   540  N  N   . ALA A 1 73  ? -7.924  0.558   11.973  1.00 38.22 ? 73  ALA A N   1 
ATOM   541  C  CA  . ALA A 1 73  ? -7.705  -0.535  12.913  1.00 38.44 ? 73  ALA A CA  1 
ATOM   542  C  C   . ALA A 1 73  ? -8.445  -0.313  14.268  1.00 38.71 ? 73  ALA A C   1 
ATOM   543  O  O   . ALA A 1 73  ? -9.148  -1.209  14.757  1.00 39.29 ? 73  ALA A O   1 
ATOM   544  C  CB  . ALA A 1 73  ? -6.219  -0.774  13.117  1.00 37.99 ? 73  ALA A CB  1 
ATOM   545  N  N   . GLY A 1 74  ? -8.310  0.871   14.857  1.00 38.56 ? 74  GLY A N   1 
ATOM   546  C  CA  . GLY A 1 74  ? -9.105  1.241   16.037  1.00 38.97 ? 74  GLY A CA  1 
ATOM   547  C  C   . GLY A 1 74  ? -10.612 1.027   15.970  1.00 39.07 ? 74  GLY A C   1 
ATOM   548  O  O   . GLY A 1 74  ? -11.261 0.916   17.003  1.00 38.78 ? 74  GLY A O   1 
ATOM   549  N  N   . GLU A 1 75  ? -11.179 0.982   14.762  1.00 40.01 ? 75  GLU A N   1 
ATOM   550  C  CA  . GLU A 1 75  ? -12.598 0.646   14.584  1.00 40.36 ? 75  GLU A CA  1 
ATOM   551  C  C   . GLU A 1 75  ? -12.898 -0.806  14.739  1.00 41.04 ? 75  GLU A C   1 
ATOM   552  O  O   . GLU A 1 75  ? -14.048 -1.147  14.958  1.00 41.47 ? 75  GLU A O   1 
ATOM   553  C  CB  . GLU A 1 75  ? -13.090 0.943   13.188  1.00 40.34 ? 75  GLU A CB  1 
ATOM   554  C  CG  . GLU A 1 75  ? -13.232 2.361   12.814  1.00 38.46 ? 75  GLU A CG  1 
ATOM   555  C  CD  . GLU A 1 75  ? -13.671 2.462   11.377  1.00 35.23 ? 75  GLU A CD  1 
ATOM   556  O  OE1 . GLU A 1 75  ? -14.758 1.874   11.049  1.00 31.59 ? 75  GLU A OE1 1 
ATOM   557  O  OE2 . GLU A 1 75  ? -12.901 3.108   10.606  1.00 29.38 ? 75  GLU A OE2 1 
ATOM   558  N  N   . LEU A 1 76  ? -11.905 -1.667  14.562  1.00 41.98 ? 76  LEU A N   1 
ATOM   559  C  CA  . LEU A 1 76  ? -12.182 -3.092  14.570  1.00 43.85 ? 76  LEU A CA  1 
ATOM   560  C  C   . LEU A 1 76  ? -11.631 -3.818  15.794  1.00 44.19 ? 76  LEU A C   1 
ATOM   561  O  O   . LEU A 1 76  ? -12.294 -4.704  16.324  1.00 44.43 ? 76  LEU A O   1 
ATOM   562  C  CB  . LEU A 1 76  ? -11.692 -3.753  13.273  1.00 44.69 ? 76  LEU A CB  1 
ATOM   563  C  CG  . LEU A 1 76  ? -11.619 -3.058  11.874  1.00 47.88 ? 76  LEU A CG  1 
ATOM   564  C  CD1 . LEU A 1 76  ? -11.538 -4.084  10.719  1.00 49.86 ? 76  LEU A CD1 1 
ATOM   565  C  CD2 . LEU A 1 76  ? -12.755 -2.070  11.519  1.00 50.59 ? 76  LEU A CD2 1 
ATOM   566  N  N   . THR A 1 77  ? -10.439 -3.415  16.255  1.00 44.93 ? 77  THR A N   1 
ATOM   567  C  CA  . THR A 1 77  ? -9.655  -4.139  17.301  1.00 44.73 ? 77  THR A CA  1 
ATOM   568  C  C   . THR A 1 77  ? -10.285 -4.122  18.713  1.00 44.00 ? 77  THR A C   1 
ATOM   569  O  O   . THR A 1 77  ? -11.232 -4.854  19.000  1.00 42.49 ? 77  THR A O   1 
ATOM   570  C  CB  . THR A 1 77  ? -8.177  -3.615  17.335  1.00 44.56 ? 77  THR A CB  1 
ATOM   571  N  N   . GLY A 1 88  ? 3.599   -3.297  19.092  1.00 60.57 ? 88  GLY A N   1 
ATOM   572  C  CA  . GLY A 1 88  ? 2.605   -2.561  19.876  1.00 61.19 ? 88  GLY A CA  1 
ATOM   573  C  C   . GLY A 1 88  ? 2.043   -1.291  19.214  1.00 61.53 ? 88  GLY A C   1 
ATOM   574  O  O   . GLY A 1 88  ? 1.937   -0.216  19.871  1.00 61.77 ? 88  GLY A O   1 
ATOM   575  N  N   . LEU A 1 89  ? 1.671   -1.393  17.927  1.00 60.77 ? 89  LEU A N   1 
ATOM   576  C  CA  . LEU A 1 89  ? 1.006   -0.271  17.241  1.00 59.83 ? 89  LEU A CA  1 
ATOM   577  C  C   . LEU A 1 89  ? -0.446  -0.076  17.653  1.00 59.81 ? 89  LEU A C   1 
ATOM   578  O  O   . LEU A 1 89  ? -1.053  0.929   17.330  1.00 60.29 ? 89  LEU A O   1 
ATOM   579  C  CB  . LEU A 1 89  ? 1.110   -0.381  15.734  1.00 58.76 ? 89  LEU A CB  1 
ATOM   580  C  CG  . LEU A 1 89  ? 2.459   -0.080  15.110  1.00 57.88 ? 89  LEU A CG  1 
ATOM   581  C  CD1 . LEU A 1 89  ? 2.213   0.267   13.678  1.00 58.54 ? 89  LEU A CD1 1 
ATOM   582  C  CD2 . LEU A 1 89  ? 3.178   1.057   15.768  1.00 56.28 ? 89  LEU A CD2 1 
ATOM   583  N  N   . ASP A 1 90  ? -0.990  -1.035  18.379  1.00 59.91 ? 90  ASP A N   1 
ATOM   584  C  CA  . ASP A 1 90  ? -2.352  -0.949  18.886  1.00 60.40 ? 90  ASP A CA  1 
ATOM   585  C  C   . ASP A 1 90  ? -2.439  -0.152  20.224  1.00 60.11 ? 90  ASP A C   1 
ATOM   586  O  O   . ASP A 1 90  ? -3.536  0.197   20.678  1.00 60.35 ? 90  ASP A O   1 
ATOM   587  C  CB  . ASP A 1 90  ? -2.922  -2.378  19.052  1.00 60.66 ? 90  ASP A CB  1 
ATOM   588  C  CG  . ASP A 1 90  ? -1.931  -3.349  19.758  1.00 62.71 ? 90  ASP A CG  1 
ATOM   589  O  OD1 . ASP A 1 90  ? -0.734  -2.996  19.990  1.00 64.34 ? 90  ASP A OD1 1 
ATOM   590  O  OD2 . ASP A 1 90  ? -2.347  -4.492  20.077  1.00 64.18 ? 90  ASP A OD2 1 
ATOM   591  N  N   . ARG A 1 91  ? -1.294  0.118   20.862  1.00 59.02 ? 91  ARG A N   1 
ATOM   592  C  CA  . ARG A 1 91  ? -1.287  0.751   22.190  1.00 57.71 ? 91  ARG A CA  1 
ATOM   593  C  C   . ARG A 1 91  ? -0.583  2.123   22.187  1.00 55.80 ? 91  ARG A C   1 
ATOM   594  O  O   . ARG A 1 91  ? 0.084   2.496   23.160  1.00 55.02 ? 91  ARG A O   1 
ATOM   595  C  CB  . ARG A 1 91  ? -0.668  -0.204  23.233  1.00 57.93 ? 91  ARG A CB  1 
ATOM   596  C  CG  . ARG A 1 91  ? -1.529  -1.442  23.529  1.00 59.15 ? 91  ARG A CG  1 
ATOM   597  C  CD  . ARG A 1 91  ? -1.186  -2.080  24.878  1.00 59.68 ? 91  ARG A CD  1 
ATOM   598  N  NE  . ARG A 1 91  ? -0.817  -3.497  24.704  1.00 63.92 ? 91  ARG A NE  1 
ATOM   599  C  CZ  . ARG A 1 91  ? -0.950  -4.465  25.622  1.00 63.74 ? 91  ARG A CZ  1 
ATOM   600  N  NH1 . ARG A 1 91  ? -1.475  -4.202  26.823  1.00 64.03 ? 91  ARG A NH1 1 
ATOM   601  N  NH2 . ARG A 1 91  ? -0.566  -5.709  25.328  1.00 62.40 ? 91  ARG A NH2 1 
ATOM   602  N  N   . LEU A 1 92  ? -0.734  2.872   21.092  1.00 53.63 ? 92  LEU A N   1 
ATOM   603  C  CA  . LEU A 1 92  ? -0.017  4.138   20.945  1.00 51.49 ? 92  LEU A CA  1 
ATOM   604  C  C   . LEU A 1 92  ? -0.591  5.246   21.791  1.00 49.74 ? 92  LEU A C   1 
ATOM   605  O  O   . LEU A 1 92  ? -1.795  5.318   21.984  1.00 49.56 ? 92  LEU A O   1 
ATOM   606  C  CB  . LEU A 1 92  ? -0.050  4.608   19.500  1.00 51.82 ? 92  LEU A CB  1 
ATOM   607  C  CG  . LEU A 1 92  ? 0.801   3.871   18.478  1.00 52.57 ? 92  LEU A CG  1 
ATOM   608  C  CD1 . LEU A 1 92  ? 0.468   4.468   17.136  1.00 51.87 ? 92  LEU A CD1 1 
ATOM   609  C  CD2 . LEU A 1 92  ? 2.305   3.984   18.793  1.00 52.15 ? 92  LEU A CD2 1 
ATOM   610  N  N   . SER A 1 93  ? 0.285   6.125   22.263  1.00 47.73 ? 93  SER A N   1 
ATOM   611  C  CA  . SER A 1 93  ? -0.106  7.383   22.905  1.00 45.50 ? 93  SER A CA  1 
ATOM   612  C  C   . SER A 1 93  ? -0.952  8.296   22.018  1.00 44.85 ? 93  SER A C   1 
ATOM   613  O  O   . SER A 1 93  ? -0.802  8.275   20.782  1.00 44.40 ? 93  SER A O   1 
ATOM   614  C  CB  . SER A 1 93  ? 1.136   8.186   23.198  1.00 44.69 ? 93  SER A CB  1 
ATOM   615  O  OG  . SER A 1 93  ? 1.608   7.795   24.405  1.00 40.89 ? 93  SER A OG  1 
ATOM   616  N  N   . PRO A 1 94  ? -1.807  9.133   22.649  1.00 43.97 ? 94  PRO A N   1 
ATOM   617  C  CA  . PRO A 1 94  ? -2.242  10.344  21.937  1.00 43.80 ? 94  PRO A CA  1 
ATOM   618  C  C   . PRO A 1 94  ? -1.045  11.107  21.342  1.00 44.21 ? 94  PRO A C   1 
ATOM   619  O  O   . PRO A 1 94  ? -1.083  11.458  20.169  1.00 43.87 ? 94  PRO A O   1 
ATOM   620  C  CB  . PRO A 1 94  ? -2.953  11.128  23.019  1.00 42.86 ? 94  PRO A CB  1 
ATOM   621  C  CG  . PRO A 1 94  ? -3.531  10.011  23.888  1.00 42.93 ? 94  PRO A CG  1 
ATOM   622  C  CD  . PRO A 1 94  ? -2.435  9.022   23.980  1.00 42.89 ? 94  PRO A CD  1 
ATOM   623  N  N   . GLN A 1 95  ? 0.021   11.273  22.121  1.00 45.02 ? 95  GLN A N   1 
ATOM   624  C  CA  . GLN A 1 95  ? 1.275   11.874  21.678  1.00 47.18 ? 95  GLN A CA  1 
ATOM   625  C  C   . GLN A 1 95  ? 1.991   11.137  20.541  1.00 47.28 ? 95  GLN A C   1 
ATOM   626  O  O   . GLN A 1 95  ? 2.504   11.787  19.617  1.00 47.46 ? 95  GLN A O   1 
ATOM   627  C  CB  . GLN A 1 95  ? 2.228   11.969  22.861  1.00 48.38 ? 95  GLN A CB  1 
ATOM   628  C  CG  . GLN A 1 95  ? 2.717   13.398  23.180  1.00 56.20 ? 95  GLN A CG  1 
ATOM   629  C  CD  . GLN A 1 95  ? 3.982   13.808  22.368  1.00 63.66 ? 95  GLN A CD  1 
ATOM   630  O  OE1 . GLN A 1 95  ? 3.956   13.863  21.105  1.00 65.55 ? 95  GLN A OE1 1 
ATOM   631  N  NE2 . GLN A 1 95  ? 5.092   14.111  23.098  1.00 62.68 ? 95  GLN A NE2 1 
ATOM   632  N  N   . GLU A 1 96  ? 2.066   9.798   20.614  1.00 47.12 ? 96  GLU A N   1 
ATOM   633  C  CA  . GLU A 1 96  ? 2.685   9.003   19.523  1.00 46.71 ? 96  GLU A CA  1 
ATOM   634  C  C   . GLU A 1 96  ? 1.867   9.019   18.219  1.00 46.27 ? 96  GLU A C   1 
ATOM   635  O  O   . GLU A 1 96  ? 2.448   9.204   17.126  1.00 46.60 ? 96  GLU A O   1 
ATOM   636  C  CB  . GLU A 1 96  ? 3.063   7.579   19.967  1.00 46.65 ? 96  GLU A CB  1 
ATOM   637  C  CG  . GLU A 1 96  ? 4.111   7.574   21.107  1.00 46.36 ? 96  GLU A CG  1 
ATOM   638  C  CD  . GLU A 1 96  ? 3.972   6.393   22.104  1.00 46.20 ? 96  GLU A CD  1 
ATOM   639  O  OE1 . GLU A 1 96  ? 3.069   5.522   21.904  1.00 43.69 ? 96  GLU A OE1 1 
ATOM   640  O  OE2 . GLU A 1 96  ? 4.769   6.364   23.097  1.00 44.05 ? 96  GLU A OE2 1 
ATOM   641  N  N   . HIS A 1 97  ? 0.538   8.872   18.319  1.00 45.01 ? 97  HIS A N   1 
ATOM   642  C  CA  . HIS A 1 97  ? -0.321  9.163   17.179  1.00 44.22 ? 97  HIS A CA  1 
ATOM   643  C  C   . HIS A 1 97  ? 0.036   10.509  16.536  1.00 43.83 ? 97  HIS A C   1 
ATOM   644  O  O   . HIS A 1 97  ? 0.240   10.595  15.319  1.00 42.70 ? 97  HIS A O   1 
ATOM   645  C  CB  . HIS A 1 97  ? -1.763  9.215   17.605  1.00 44.03 ? 97  HIS A CB  1 
ATOM   646  C  CG  . HIS A 1 97  ? -2.399  7.878   17.685  1.00 46.62 ? 97  HIS A CG  1 
ATOM   647  N  ND1 . HIS A 1 97  ? -2.910  7.235   16.572  1.00 45.93 ? 97  HIS A ND1 1 
ATOM   648  C  CD2 . HIS A 1 97  ? -2.612  7.052   18.744  1.00 47.28 ? 97  HIS A CD2 1 
ATOM   649  C  CE1 . HIS A 1 97  ? -3.419  6.072   16.950  1.00 47.52 ? 97  HIS A CE1 1 
ATOM   650  N  NE2 . HIS A 1 97  ? -3.240  5.931   18.258  1.00 47.05 ? 97  HIS A NE2 1 
ATOM   651  N  N   . ALA A 1 98  ? 0.113   11.553  17.366  1.00 43.19 ? 98  ALA A N   1 
ATOM   652  C  CA  . ALA A 1 98  ? 0.419   12.895  16.877  1.00 43.39 ? 98  ALA A CA  1 
ATOM   653  C  C   . ALA A 1 98  ? 1.783   12.968  16.182  1.00 43.58 ? 98  ALA A C   1 
ATOM   654  O  O   . ALA A 1 98  ? 1.924   13.655  15.159  1.00 43.30 ? 98  ALA A O   1 
ATOM   655  C  CB  . ALA A 1 98  ? 0.310   13.950  18.002  1.00 42.72 ? 98  ALA A CB  1 
ATOM   656  N  N   . ARG A 1 99  ? 2.779   12.253  16.722  1.00 44.10 ? 99  ARG A N   1 
ATOM   657  C  CA  . ARG A 1 99  ? 4.103   12.253  16.106  1.00 44.95 ? 99  ARG A CA  1 
ATOM   658  C  C   . ARG A 1 99  ? 3.979   11.637  14.719  1.00 43.68 ? 99  ARG A C   1 
ATOM   659  O  O   . ARG A 1 99  ? 4.559   12.155  13.775  1.00 43.46 ? 99  ARG A O   1 
ATOM   660  C  CB  . ARG A 1 99  ? 5.147   11.530  16.971  1.00 43.99 ? 99  ARG A CB  1 
ATOM   661  C  CG  . ARG A 1 99  ? 6.609   11.880  16.687  1.00 45.44 ? 99  ARG A CG  1 
ATOM   662  C  CD  . ARG A 1 99  ? 7.476   10.990  17.633  1.00 50.25 ? 99  ARG A CD  1 
ATOM   663  N  NE  . ARG A 1 99  ? 8.948   10.979  17.418  1.00 60.37 ? 99  ARG A NE  1 
ATOM   664  C  CZ  . ARG A 1 99  ? 9.859   10.492  18.286  1.00 63.60 ? 99  ARG A CZ  1 
ATOM   665  N  NH1 . ARG A 1 99  ? 9.487   9.966   19.457  1.00 65.46 ? 99  ARG A NH1 1 
ATOM   666  N  NH2 . ARG A 1 99  ? 11.160  10.509  17.989  1.00 63.86 ? 99  ARG A NH2 1 
ATOM   667  N  N   . PHE A 1 100 ? 3.211   10.557  14.581  1.00 43.22 ? 100 PHE A N   1 
ATOM   668  C  CA  . PHE A 1 100 ? 3.071   9.945   13.247  1.00 43.55 ? 100 PHE A CA  1 
ATOM   669  C  C   . PHE A 1 100 ? 2.524   10.928  12.236  1.00 43.43 ? 100 PHE A C   1 
ATOM   670  O  O   . PHE A 1 100 ? 3.087   11.055  11.141  1.00 43.54 ? 100 PHE A O   1 
ATOM   671  C  CB  . PHE A 1 100 ? 2.251   8.660   13.258  1.00 43.21 ? 100 PHE A CB  1 
ATOM   672  C  CG  . PHE A 1 100 ? 2.998   7.481   13.829  1.00 45.25 ? 100 PHE A CG  1 
ATOM   673  C  CD1 . PHE A 1 100 ? 4.395   7.514   13.957  1.00 46.09 ? 100 PHE A CD1 1 
ATOM   674  C  CD2 . PHE A 1 100 ? 2.330   6.333   14.206  1.00 46.18 ? 100 PHE A CD2 1 
ATOM   675  C  CE1 . PHE A 1 100 ? 5.114   6.423   14.454  1.00 45.81 ? 100 PHE A CE1 1 
ATOM   676  C  CE2 . PHE A 1 100 ? 3.050   5.236   14.715  1.00 47.60 ? 100 PHE A CE2 1 
ATOM   677  C  CZ  . PHE A 1 100 ? 4.442   5.283   14.836  1.00 45.29 ? 100 PHE A CZ  1 
ATOM   678  N  N   . THR A 1 101 ? 1.457   11.634  12.628  1.00 42.77 ? 101 THR A N   1 
ATOM   679  C  CA  . THR A 1 101 ? 0.877   12.680  11.819  1.00 42.81 ? 101 THR A CA  1 
ATOM   680  C  C   . THR A 1 101 ? 1.928   13.741  11.401  1.00 44.49 ? 101 THR A C   1 
ATOM   681  O  O   . THR A 1 101 ? 2.047   14.095  10.205  1.00 45.09 ? 101 THR A O   1 
ATOM   682  C  CB  . THR A 1 101 ? -0.304  13.326  12.546  1.00 42.84 ? 101 THR A CB  1 
ATOM   683  O  OG1 . THR A 1 101 ? -1.379  12.373  12.599  1.00 41.61 ? 101 THR A OG1 1 
ATOM   684  C  CG2 . THR A 1 101 ? -0.755  14.575  11.807  1.00 37.44 ? 101 THR A CG2 1 
ATOM   685  N  N   . GLN A 1 102 ? 2.707   14.210  12.368  1.00 44.45 ? 102 GLN A N   1 
ATOM   686  C  CA  . GLN A 1 102 ? 3.717   15.204  12.095  1.00 46.50 ? 102 GLN A CA  1 
ATOM   687  C  C   . GLN A 1 102 ? 4.810   14.631  11.158  1.00 45.22 ? 102 GLN A C   1 
ATOM   688  O  O   . GLN A 1 102 ? 5.263   15.295  10.232  1.00 45.27 ? 102 GLN A O   1 
ATOM   689  C  CB  . GLN A 1 102 ? 4.264   15.778  13.416  1.00 45.19 ? 102 GLN A CB  1 
ATOM   690  C  CG  . GLN A 1 102 ? 5.589   16.507  13.297  1.00 49.55 ? 102 GLN A CG  1 
ATOM   691  C  CD  . GLN A 1 102 ? 6.176   16.848  14.699  1.00 52.24 ? 102 GLN A CD  1 
ATOM   692  O  OE1 . GLN A 1 102 ? 6.801   15.983  15.378  1.00 59.38 ? 102 GLN A OE1 1 
ATOM   693  N  NE2 . GLN A 1 102 ? 5.968   18.108  15.144  1.00 54.54 ? 102 GLN A NE2 1 
ATOM   694  N  N   . LEU A 1 103 ? 5.229   13.397  11.370  1.00 44.96 ? 103 LEU A N   1 
ATOM   695  C  CA  . LEU A 1 103 ? 6.332   12.900  10.551  1.00 44.79 ? 103 LEU A CA  1 
ATOM   696  C  C   . LEU A 1 103 ? 5.823   12.713  9.119   1.00 43.61 ? 103 LEU A C   1 
ATOM   697  O  O   . LEU A 1 103 ? 6.498   13.031  8.132   1.00 42.87 ? 103 LEU A O   1 
ATOM   698  C  CB  . LEU A 1 103 ? 6.941   11.628  11.143  1.00 44.95 ? 103 LEU A CB  1 
ATOM   699  C  CG  . LEU A 1 103 ? 7.662   11.774  12.506  1.00 48.48 ? 103 LEU A CG  1 
ATOM   700  C  CD1 . LEU A 1 103 ? 8.046   10.375  13.011  1.00 51.50 ? 103 LEU A CD1 1 
ATOM   701  C  CD2 . LEU A 1 103 ? 8.899   12.779  12.606  1.00 46.94 ? 103 LEU A CD2 1 
ATOM   702  N  N   . ASN A 1 104 ? 4.582   12.268  9.028   1.00 42.61 ? 104 ASN A N   1 
ATOM   703  C  CA  . ASN A 1 104 ? 3.958   12.144  7.758   1.00 41.59 ? 104 ASN A CA  1 
ATOM   704  C  C   . ASN A 1 104 ? 3.812   13.483  7.035   1.00 42.39 ? 104 ASN A C   1 
ATOM   705  O  O   . ASN A 1 104 ? 4.082   13.536  5.830   1.00 43.20 ? 104 ASN A O   1 
ATOM   706  C  CB  . ASN A 1 104 ? 2.633   11.443  7.869   1.00 40.36 ? 104 ASN A CB  1 
ATOM   707  C  CG  . ASN A 1 104 ? 1.988   11.304  6.547   1.00 40.29 ? 104 ASN A CG  1 
ATOM   708  O  OD1 . ASN A 1 104 ? 1.135   12.116  6.198   1.00 38.66 ? 104 ASN A OD1 1 
ATOM   709  N  ND2 . ASN A 1 104 ? 2.451   10.337  5.739   1.00 39.54 ? 104 ASN A ND2 1 
ATOM   710  N  N   . SER A 1 105 ? 3.417   14.559  7.741   1.00 42.16 ? 105 SER A N   1 
ATOM   711  C  CA  . SER A 1 105 ? 3.385   15.893  7.117   1.00 41.51 ? 105 SER A CA  1 
ATOM   712  C  C   . SER A 1 105 ? 4.739   16.315  6.617   1.00 41.21 ? 105 SER A C   1 
ATOM   713  O  O   . SER A 1 105 ? 4.835   16.836  5.523   1.00 41.77 ? 105 SER A O   1 
ATOM   714  C  CB  . SER A 1 105 ? 2.886   16.954  8.065   1.00 41.46 ? 105 SER A CB  1 
ATOM   715  O  OG  . SER A 1 105 ? 1.556   16.653  8.395   1.00 42.51 ? 105 SER A OG  1 
ATOM   716  N  N   . ALA A 1 106 ? 5.780   16.089  7.410   1.00 40.49 ? 106 ALA A N   1 
ATOM   717  C  CA  . ALA A 1 106 ? 7.133   16.501  7.019   1.00 40.60 ? 106 ALA A CA  1 
ATOM   718  C  C   . ALA A 1 106 ? 7.563   15.773  5.744   1.00 40.76 ? 106 ALA A C   1 
ATOM   719  O  O   . ALA A 1 106 ? 8.083   16.403  4.808   1.00 40.85 ? 106 ALA A O   1 
ATOM   720  C  CB  . ALA A 1 106 ? 8.158   16.311  8.169   1.00 39.06 ? 106 ALA A CB  1 
ATOM   721  N  N   . TYR A 1 107 ? 7.288   14.468  5.719   1.00 40.57 ? 107 TYR A N   1 
ATOM   722  C  CA  . TYR A 1 107 ? 7.661   13.587  4.632   1.00 41.23 ? 107 TYR A CA  1 
ATOM   723  C  C   . TYR A 1 107 ? 6.958   13.943  3.321   1.00 41.90 ? 107 TYR A C   1 
ATOM   724  O  O   . TYR A 1 107 ? 7.590   14.099  2.271   1.00 42.19 ? 107 TYR A O   1 
ATOM   725  C  CB  . TYR A 1 107 ? 7.353   12.140  5.021   1.00 40.39 ? 107 TYR A CB  1 
ATOM   726  C  CG  . TYR A 1 107 ? 7.715   11.109  3.968   1.00 40.03 ? 107 TYR A CG  1 
ATOM   727  C  CD1 . TYR A 1 107 ? 8.952   10.433  4.009   1.00 38.86 ? 107 TYR A CD1 1 
ATOM   728  C  CD2 . TYR A 1 107 ? 6.824   10.786  2.954   1.00 38.56 ? 107 TYR A CD2 1 
ATOM   729  C  CE1 . TYR A 1 107 ? 9.287   9.456   3.080   1.00 38.52 ? 107 TYR A CE1 1 
ATOM   730  C  CE2 . TYR A 1 107 ? 7.153   9.821   2.002   1.00 39.94 ? 107 TYR A CE2 1 
ATOM   731  C  CZ  . TYR A 1 107 ? 8.379   9.150   2.067   1.00 40.35 ? 107 TYR A CZ  1 
ATOM   732  O  OH  . TYR A 1 107 ? 8.689   8.190   1.097   1.00 40.27 ? 107 TYR A OH  1 
ATOM   733  N  N   . THR A 1 108 ? 5.642   14.066  3.381   1.00 42.65 ? 108 THR A N   1 
ATOM   734  C  CA  . THR A 1 108 ? 4.902   14.456  2.196   1.00 43.32 ? 108 THR A CA  1 
ATOM   735  C  C   . THR A 1 108 ? 5.311   15.865  1.714   1.00 42.95 ? 108 THR A C   1 
ATOM   736  O  O   . THR A 1 108 ? 5.327   16.122  0.512   1.00 42.58 ? 108 THR A O   1 
ATOM   737  C  CB  . THR A 1 108 ? 3.341   14.196  2.318   1.00 43.49 ? 108 THR A CB  1 
ATOM   738  O  OG1 . THR A 1 108 ? 2.656   14.952  1.333   1.00 43.45 ? 108 THR A OG1 1 
ATOM   739  C  CG2 . THR A 1 108 ? 2.802   14.599  3.626   1.00 44.82 ? 108 THR A CG2 1 
ATOM   740  N  N   . GLU A 1 109 ? 5.714   16.743  2.633   1.00 43.11 ? 109 GLU A N   1 
ATOM   741  C  CA  . GLU A 1 109 ? 6.151   18.075  2.236   1.00 42.58 ? 109 GLU A CA  1 
ATOM   742  C  C   . GLU A 1 109 ? 7.443   17.929  1.434   1.00 42.06 ? 109 GLU A C   1 
ATOM   743  O  O   . GLU A 1 109 ? 7.651   18.671  0.484   1.00 42.21 ? 109 GLU A O   1 
ATOM   744  C  CB  . GLU A 1 109 ? 6.300   19.020  3.442   1.00 42.98 ? 109 GLU A CB  1 
ATOM   745  C  CG  . GLU A 1 109 ? 7.115   20.361  3.219   1.00 45.04 ? 109 GLU A CG  1 
ATOM   746  C  CD  . GLU A 1 109 ? 6.556   21.314  2.098   1.00 50.64 ? 109 GLU A CD  1 
ATOM   747  O  OE1 . GLU A 1 109 ? 5.315   21.416  1.920   1.00 52.39 ? 109 GLU A OE1 1 
ATOM   748  O  OE2 . GLU A 1 109 ? 7.368   21.978  1.398   1.00 49.52 ? 109 GLU A OE2 1 
ATOM   749  N  N   . LYS A 1 110 ? 8.279   16.943  1.768   1.00 40.94 ? 110 LYS A N   1 
ATOM   750  C  CA  . LYS A 1 110 ? 9.530   16.722  1.034   1.00 39.89 ? 110 LYS A CA  1 
ATOM   751  C  C   . LYS A 1 110 ? 9.321   15.935  -0.278  1.00 39.91 ? 110 LYS A C   1 
ATOM   752  O  O   . LYS A 1 110 ? 9.894   16.305  -1.300  1.00 39.44 ? 110 LYS A O   1 
ATOM   753  C  CB  . LYS A 1 110 ? 10.555  16.019  1.920   1.00 39.76 ? 110 LYS A CB  1 
ATOM   754  C  CG  . LYS A 1 110 ? 11.945  15.804  1.295   1.00 39.86 ? 110 LYS A CG  1 
ATOM   755  C  CD  . LYS A 1 110 ? 12.964  15.445  2.382   1.00 40.19 ? 110 LYS A CD  1 
ATOM   756  C  CE  . LYS A 1 110 ? 14.435  15.748  1.995   1.00 40.62 ? 110 LYS A CE  1 
ATOM   757  N  NZ  . LYS A 1 110 ? 15.018  14.597  1.236   1.00 40.75 ? 110 LYS A NZ  1 
ATOM   758  N  N   . PHE A 1 111 ? 8.497   14.878  -0.262  1.00 38.81 ? 111 PHE A N   1 
ATOM   759  C  CA  . PHE A 1 111 ? 8.395   13.973  -1.421  1.00 38.08 ? 111 PHE A CA  1 
ATOM   760  C  C   . PHE A 1 111 ? 7.158   14.140  -2.284  1.00 38.17 ? 111 PHE A C   1 
ATOM   761  O  O   . PHE A 1 111 ? 7.180   13.801  -3.466  1.00 38.47 ? 111 PHE A O   1 
ATOM   762  C  CB  . PHE A 1 111 ? 8.575   12.515  -0.989  1.00 37.47 ? 111 PHE A CB  1 
ATOM   763  C  CG  . PHE A 1 111 ? 9.916   12.250  -0.399  1.00 37.26 ? 111 PHE A CG  1 
ATOM   764  C  CD1 . PHE A 1 111 ? 11.061  12.289  -1.198  1.00 37.23 ? 111 PHE A CD1 1 
ATOM   765  C  CD2 . PHE A 1 111 ? 10.060  12.029  0.957   1.00 37.41 ? 111 PHE A CD2 1 
ATOM   766  C  CE1 . PHE A 1 111 ? 12.322  12.095  -0.661  1.00 36.23 ? 111 PHE A CE1 1 
ATOM   767  C  CE2 . PHE A 1 111 ? 11.320  11.828  1.510   1.00 37.36 ? 111 PHE A CE2 1 
ATOM   768  C  CZ  . PHE A 1 111 ? 12.455  11.872  0.695   1.00 37.23 ? 111 PHE A CZ  1 
ATOM   769  N  N   . GLY A 1 112 ? 6.081   14.664  -1.698  1.00 38.01 ? 112 GLY A N   1 
ATOM   770  C  CA  . GLY A 1 112 ? 4.843   14.930  -2.434  1.00 37.35 ? 112 GLY A CA  1 
ATOM   771  C  C   . GLY A 1 112 ? 3.897   13.752  -2.501  1.00 37.28 ? 112 GLY A C   1 
ATOM   772  O  O   . GLY A 1 112 ? 3.044   13.693  -3.398  1.00 37.77 ? 112 GLY A O   1 
ATOM   773  N  N   . PHE A 1 113 ? 4.082   12.804  -1.585  1.00 36.62 ? 113 PHE A N   1 
ATOM   774  C  CA  . PHE A 1 113 ? 3.168   11.683  -1.370  1.00 36.74 ? 113 PHE A CA  1 
ATOM   775  C  C   . PHE A 1 113 ? 3.355   11.209  0.067   1.00 37.56 ? 113 PHE A C   1 
ATOM   776  O  O   . PHE A 1 113 ? 4.411   11.470  0.656   1.00 37.34 ? 113 PHE A O   1 
ATOM   777  C  CB  . PHE A 1 113 ? 3.395   10.524  -2.378  1.00 36.24 ? 113 PHE A CB  1 
ATOM   778  C  CG  . PHE A 1 113 ? 4.850   10.147  -2.605  1.00 34.74 ? 113 PHE A CG  1 
ATOM   779  C  CD1 . PHE A 1 113 ? 5.539   10.627  -3.724  1.00 32.33 ? 113 PHE A CD1 1 
ATOM   780  C  CD2 . PHE A 1 113 ? 5.529   9.301   -1.708  1.00 33.67 ? 113 PHE A CD2 1 
ATOM   781  C  CE1 . PHE A 1 113 ? 6.899   10.283  -3.945  1.00 31.60 ? 113 PHE A CE1 1 
ATOM   782  C  CE2 . PHE A 1 113 ? 6.892   8.950   -1.916  1.00 30.65 ? 113 PHE A CE2 1 
ATOM   783  C  CZ  . PHE A 1 113 ? 7.576   9.438   -3.034  1.00 31.45 ? 113 PHE A CZ  1 
ATOM   784  N  N   . PRO A 1 114 ? 2.373   10.477  0.627   1.00 37.89 ? 114 PRO A N   1 
ATOM   785  C  CA  . PRO A 1 114 ? 2.480   10.071  2.027   1.00 38.48 ? 114 PRO A CA  1 
ATOM   786  C  C   . PRO A 1 114 ? 3.632   9.120   2.303   1.00 39.43 ? 114 PRO A C   1 
ATOM   787  O  O   . PRO A 1 114 ? 4.206   8.536   1.366   1.00 40.71 ? 114 PRO A O   1 
ATOM   788  C  CB  . PRO A 1 114 ? 1.175   9.327   2.276   1.00 38.34 ? 114 PRO A CB  1 
ATOM   789  C  CG  . PRO A 1 114 ? 0.253   9.818   1.209   1.00 38.92 ? 114 PRO A CG  1 
ATOM   790  C  CD  . PRO A 1 114 ? 1.148   9.949   0.020   1.00 38.57 ? 114 PRO A CD  1 
ATOM   791  N  N   . PHE A 1 115 ? 3.952   8.956   3.587   1.00 39.69 ? 115 PHE A N   1 
ATOM   792  C  CA  . PHE A 1 115 ? 4.930   7.992   4.031   1.00 39.12 ? 115 PHE A CA  1 
ATOM   793  C  C   . PHE A 1 115 ? 4.248   6.630   4.012   1.00 39.95 ? 115 PHE A C   1 
ATOM   794  O  O   . PHE A 1 115 ? 3.266   6.384   4.721   1.00 40.12 ? 115 PHE A O   1 
ATOM   795  C  CB  . PHE A 1 115 ? 5.395   8.358   5.430   1.00 38.93 ? 115 PHE A CB  1 
ATOM   796  C  CG  . PHE A 1 115 ? 6.396   7.406   6.000   1.00 37.62 ? 115 PHE A CG  1 
ATOM   797  C  CD1 . PHE A 1 115 ? 7.642   7.264   5.416   1.00 35.22 ? 115 PHE A CD1 1 
ATOM   798  C  CD2 . PHE A 1 115 ? 6.089   6.656   7.151   1.00 37.92 ? 115 PHE A CD2 1 
ATOM   799  C  CE1 . PHE A 1 115 ? 8.580   6.371   5.929   1.00 36.11 ? 115 PHE A CE1 1 
ATOM   800  C  CE2 . PHE A 1 115 ? 7.029   5.773   7.705   1.00 39.42 ? 115 PHE A CE2 1 
ATOM   801  C  CZ  . PHE A 1 115 ? 8.281   5.607   7.073   1.00 37.29 ? 115 PHE A CZ  1 
ATOM   802  N  N   . ILE A 1 116 ? 4.742   5.751   3.154   1.00 39.83 ? 116 ILE A N   1 
ATOM   803  C  CA  . ILE A 1 116 ? 4.093   4.484   2.930   1.00 38.93 ? 116 ILE A CA  1 
ATOM   804  C  C   . ILE A 1 116 ? 5.017   3.381   3.465   1.00 39.32 ? 116 ILE A C   1 
ATOM   805  O  O   . ILE A 1 116 ? 6.237   3.312   3.136   1.00 38.59 ? 116 ILE A O   1 
ATOM   806  C  CB  . ILE A 1 116 ? 3.857   4.281   1.455   1.00 39.12 ? 116 ILE A CB  1 
ATOM   807  C  CG1 . ILE A 1 116 ? 2.862   5.307   0.927   1.00 37.38 ? 116 ILE A CG1 1 
ATOM   808  C  CG2 . ILE A 1 116 ? 3.384   2.834   1.164   1.00 39.94 ? 116 ILE A CG2 1 
ATOM   809  C  CD1 . ILE A 1 116 ? 2.855   5.386   -0.635  1.00 34.04 ? 116 ILE A CD1 1 
ATOM   810  N  N   . ILE A 1 117 ? 4.444   2.532   4.315   1.00 38.63 ? 117 ILE A N   1 
ATOM   811  C  CA  . ILE A 1 117 ? 5.236   1.490   4.920   1.00 38.50 ? 117 ILE A CA  1 
ATOM   812  C  C   . ILE A 1 117 ? 4.362   0.300   5.299   1.00 39.13 ? 117 ILE A C   1 
ATOM   813  O  O   . ILE A 1 117 ? 3.310   0.479   5.897   1.00 39.53 ? 117 ILE A O   1 
ATOM   814  C  CB  . ILE A 1 117 ? 6.062   2.044   6.131   1.00 39.14 ? 117 ILE A CB  1 
ATOM   815  C  CG1 . ILE A 1 117 ? 7.084   0.993   6.579   1.00 37.70 ? 117 ILE A CG1 1 
ATOM   816  C  CG2 . ILE A 1 117 ? 5.157   2.607   7.260   1.00 34.16 ? 117 ILE A CG2 1 
ATOM   817  C  CD1 . ILE A 1 117 ? 7.882   1.433   7.768   1.00 37.16 ? 117 ILE A CD1 1 
ATOM   818  N  N   . ALA A 1 118 ? 4.770   -0.904  4.890   1.00 39.11 ? 118 ALA A N   1 
ATOM   819  C  CA  . ALA A 1 118 ? 4.128   -2.131  5.363   1.00 38.92 ? 118 ALA A CA  1 
ATOM   820  C  C   . ALA A 1 118 ? 4.462   -2.276  6.848   1.00 38.78 ? 118 ALA A C   1 
ATOM   821  O  O   . ALA A 1 118 ? 5.615   -2.125  7.259   1.00 38.31 ? 118 ALA A O   1 
ATOM   822  C  CB  . ALA A 1 118 ? 4.626   -3.316  4.609   1.00 38.78 ? 118 ALA A CB  1 
ATOM   823  N  N   . VAL A 1 119 ? 3.452   -2.598  7.631   1.00 38.26 ? 119 VAL A N   1 
ATOM   824  C  CA  . VAL A 1 119 ? 3.501   -2.412  9.056   1.00 38.57 ? 119 VAL A CA  1 
ATOM   825  C  C   . VAL A 1 119 ? 3.294   -3.736  9.829   1.00 38.93 ? 119 VAL A C   1 
ATOM   826  O  O   . VAL A 1 119 ? 3.517   -3.779  11.051  1.00 39.52 ? 119 VAL A O   1 
ATOM   827  C  CB  . VAL A 1 119 ? 2.441   -1.322  9.378   1.00 38.98 ? 119 VAL A CB  1 
ATOM   828  C  CG1 . VAL A 1 119 ? 1.513   -1.704  10.512  1.00 38.71 ? 119 VAL A CG1 1 
ATOM   829  C  CG2 . VAL A 1 119 ? 3.079   0.051   9.486   1.00 38.32 ? 119 VAL A CG2 1 
ATOM   830  N  N   . LYS A 1 120 ? 2.897   -4.811  9.134   1.00 37.97 ? 120 LYS A N   1 
ATOM   831  C  CA  . LYS A 1 120 ? 2.743   -6.123  9.773   1.00 38.29 ? 120 LYS A CA  1 
ATOM   832  C  C   . LYS A 1 120 ? 4.013   -6.477  10.546  1.00 37.83 ? 120 LYS A C   1 
ATOM   833  O  O   . LYS A 1 120 ? 5.113   -6.430  10.002  1.00 37.86 ? 120 LYS A O   1 
ATOM   834  C  CB  . LYS A 1 120 ? 2.360   -7.242  8.775   1.00 37.53 ? 120 LYS A CB  1 
ATOM   835  C  CG  . LYS A 1 120 ? 2.351   -8.644  9.404   1.00 38.75 ? 120 LYS A CG  1 
ATOM   836  C  CD  . LYS A 1 120 ? 1.362   -9.702  8.801   1.00 40.84 ? 120 LYS A CD  1 
ATOM   837  C  CE  . LYS A 1 120 ? -0.140  -9.269  8.757   1.00 44.77 ? 120 LYS A CE  1 
ATOM   838  N  NZ  . LYS A 1 120 ? -0.679  -8.748  10.065  1.00 47.74 ? 120 LYS A NZ  1 
ATOM   839  N  N   . GLY A 1 121 ? 3.851   -6.815  11.826  1.00 37.47 ? 121 GLY A N   1 
ATOM   840  C  CA  . GLY A 1 121 ? 4.978   -7.198  12.673  1.00 36.97 ? 121 GLY A CA  1 
ATOM   841  C  C   . GLY A 1 121 ? 5.881   -6.060  13.165  1.00 36.82 ? 121 GLY A C   1 
ATOM   842  O  O   . GLY A 1 121 ? 6.909   -6.310  13.755  1.00 37.26 ? 121 GLY A O   1 
ATOM   843  N  N   . LEU A 1 122 ? 5.510   -4.812  12.928  1.00 36.08 ? 122 LEU A N   1 
ATOM   844  C  CA  . LEU A 1 122 ? 6.404   -3.705  13.197  1.00 35.36 ? 122 LEU A CA  1 
ATOM   845  C  C   . LEU A 1 122 ? 5.920   -3.000  14.458  1.00 35.21 ? 122 LEU A C   1 
ATOM   846  O  O   . LEU A 1 122 ? 4.707   -2.840  14.681  1.00 34.71 ? 122 LEU A O   1 
ATOM   847  C  CB  . LEU A 1 122 ? 6.452   -2.724  11.997  1.00 34.88 ? 122 LEU A CB  1 
ATOM   848  C  CG  . LEU A 1 122 ? 7.637   -2.784  10.995  1.00 35.99 ? 122 LEU A CG  1 
ATOM   849  C  CD1 . LEU A 1 122 ? 8.056   -4.174  10.475  1.00 32.97 ? 122 LEU A CD1 1 
ATOM   850  C  CD2 . LEU A 1 122 ? 7.465   -1.855  9.853   1.00 34.45 ? 122 LEU A CD2 1 
ATOM   851  N  N   . ASN A 1 123 ? 6.866   -2.574  15.277  1.00 33.88 ? 123 ASN A N   1 
ATOM   852  C  CA  . ASN A 1 123 ? 6.508   -1.790  16.429  1.00 33.53 ? 123 ASN A CA  1 
ATOM   853  C  C   . ASN A 1 123 ? 6.749   -0.305  16.122  1.00 33.78 ? 123 ASN A C   1 
ATOM   854  O  O   . ASN A 1 123 ? 7.243   0.064   15.049  1.00 33.96 ? 123 ASN A O   1 
ATOM   855  C  CB  . ASN A 1 123 ? 7.293   -2.281  17.669  1.00 32.50 ? 123 ASN A CB  1 
ATOM   856  C  CG  . ASN A 1 123 ? 8.796   -2.133  17.496  1.00 31.02 ? 123 ASN A CG  1 
ATOM   857  O  OD1 . ASN A 1 123 ? 9.285   -1.057  17.103  1.00 31.05 ? 123 ASN A OD1 1 
ATOM   858  N  ND2 . ASN A 1 123 ? 9.539   -3.193  17.781  1.00 23.52 ? 123 ASN A ND2 1 
ATOM   859  N  N   . ARG A 1 124 ? 6.420   0.542   17.081  1.00 34.64 ? 124 ARG A N   1 
ATOM   860  C  CA  . ARG A 1 124 ? 6.620   1.980   16.956  1.00 35.28 ? 124 ARG A CA  1 
ATOM   861  C  C   . ARG A 1 124 ? 8.050   2.372   16.612  1.00 34.76 ? 124 ARG A C   1 
ATOM   862  O  O   . ARG A 1 124 ? 8.252   3.207   15.743  1.00 35.42 ? 124 ARG A O   1 
ATOM   863  C  CB  . ARG A 1 124 ? 6.195   2.664   18.255  1.00 35.82 ? 124 ARG A CB  1 
ATOM   864  C  CG  . ARG A 1 124 ? 6.308   4.170   18.182  1.00 37.28 ? 124 ARG A CG  1 
ATOM   865  C  CD  . ARG A 1 124 ? 5.860   4.801   19.477  1.00 37.90 ? 124 ARG A CD  1 
ATOM   866  N  NE  . ARG A 1 124 ? 6.616   4.316   20.630  1.00 38.74 ? 124 ARG A NE  1 
ATOM   867  C  CZ  . ARG A 1 124 ? 7.670   4.938   21.147  1.00 39.41 ? 124 ARG A CZ  1 
ATOM   868  N  NH1 . ARG A 1 124 ? 8.122   6.077   20.598  1.00 39.14 ? 124 ARG A NH1 1 
ATOM   869  N  NH2 . ARG A 1 124 ? 8.275   4.416   22.206  1.00 37.10 ? 124 ARG A NH2 1 
ATOM   870  N  N   . HIS A 1 125 ? 9.030   1.777   17.291  1.00 34.50 ? 125 HIS A N   1 
ATOM   871  C  CA  . HIS A 1 125 ? 10.432  2.011   16.966  1.00 34.77 ? 125 HIS A CA  1 
ATOM   872  C  C   . HIS A 1 125 ? 10.802  1.686   15.528  1.00 36.04 ? 125 HIS A C   1 
ATOM   873  O  O   . HIS A 1 125 ? 11.467  2.507   14.877  1.00 36.42 ? 125 HIS A O   1 
ATOM   874  C  CB  . HIS A 1 125 ? 11.355  1.290   17.934  1.00 34.38 ? 125 HIS A CB  1 
ATOM   875  C  CG  . HIS A 1 125 ? 11.324  1.887   19.294  1.00 32.83 ? 125 HIS A CG  1 
ATOM   876  N  ND1 . HIS A 1 125 ? 11.637  3.221   19.523  1.00 30.86 ? 125 HIS A ND1 1 
ATOM   877  C  CD2 . HIS A 1 125 ? 10.972  1.358   20.489  1.00 29.86 ? 125 HIS A CD2 1 
ATOM   878  C  CE1 . HIS A 1 125 ? 11.478  3.475   20.810  1.00 31.58 ? 125 HIS A CE1 1 
ATOM   879  N  NE2 . HIS A 1 125 ? 11.081  2.364   21.417  1.00 30.96 ? 125 HIS A NE2 1 
ATOM   880  N  N   . ASP A 1 126 ? 10.359  0.522   15.026  1.00 36.61 ? 126 ASP A N   1 
ATOM   881  C  CA  . ASP A 1 126 ? 10.646  0.141   13.641  1.00 38.10 ? 126 ASP A CA  1 
ATOM   882  C  C   . ASP A 1 126 ? 10.249  1.239   12.678  1.00 39.24 ? 126 ASP A C   1 
ATOM   883  O  O   . ASP A 1 126 ? 10.933  1.482   11.684  1.00 39.89 ? 126 ASP A O   1 
ATOM   884  C  CB  . ASP A 1 126 ? 9.931   -1.146  13.239  1.00 37.61 ? 126 ASP A CB  1 
ATOM   885  C  CG  . ASP A 1 126 ? 10.338  -2.322  14.093  1.00 37.63 ? 126 ASP A CG  1 
ATOM   886  O  OD1 . ASP A 1 126 ? 11.532  -2.440  14.403  1.00 32.01 ? 126 ASP A OD1 1 
ATOM   887  O  OD2 . ASP A 1 126 ? 9.451   -3.119  14.482  1.00 40.38 ? 126 ASP A OD2 1 
ATOM   888  N  N   . ILE A 1 127 ? 9.138   1.901   12.991  1.00 40.28 ? 127 ILE A N   1 
ATOM   889  C  CA  . ILE A 1 127 ? 8.576   2.896   12.098  1.00 40.88 ? 127 ILE A CA  1 
ATOM   890  C  C   . ILE A 1 127 ? 9.360   4.210   12.145  1.00 41.03 ? 127 ILE A C   1 
ATOM   891  O  O   . ILE A 1 127 ? 9.720   4.776   11.073  1.00 40.99 ? 127 ILE A O   1 
ATOM   892  C  CB  . ILE A 1 127 ? 7.063   3.111   12.376  1.00 41.25 ? 127 ILE A CB  1 
ATOM   893  C  CG1 . ILE A 1 127 ? 6.282   1.977   11.694  1.00 41.74 ? 127 ILE A CG1 1 
ATOM   894  C  CG2 . ILE A 1 127 ? 6.603   4.487   11.846  1.00 39.45 ? 127 ILE A CG2 1 
ATOM   895  C  CD1 . ILE A 1 127 ? 5.050   1.584   12.425  1.00 43.18 ? 127 ILE A CD1 1 
ATOM   896  N  N   . LEU A 1 128 ? 9.618   4.676   13.375  1.00 39.93 ? 128 LEU A N   1 
ATOM   897  C  CA  . LEU A 1 128 ? 10.487  5.818   13.591  1.00 39.05 ? 128 LEU A CA  1 
ATOM   898  C  C   . LEU A 1 128 ? 11.853  5.613   12.911  1.00 38.88 ? 128 LEU A C   1 
ATOM   899  O  O   . LEU A 1 128 ? 12.416  6.545   12.317  1.00 38.98 ? 128 LEU A O   1 
ATOM   900  C  CB  . LEU A 1 128 ? 10.621  6.075   15.083  1.00 38.52 ? 128 LEU A CB  1 
ATOM   901  C  CG  . LEU A 1 128 ? 9.261   6.468   15.687  1.00 39.29 ? 128 LEU A CG  1 
ATOM   902  C  CD1 . LEU A 1 128 ? 9.268   6.586   17.225  1.00 35.85 ? 128 LEU A CD1 1 
ATOM   903  C  CD2 . LEU A 1 128 ? 8.795   7.772   15.041  1.00 36.89 ? 128 LEU A CD2 1 
ATOM   904  N  N   . SER A 1 129 ? 12.358  4.385   12.953  1.00 38.31 ? 129 SER A N   1 
ATOM   905  C  CA  . SER A 1 129 ? 13.669  4.101   12.388  1.00 38.41 ? 129 SER A CA  1 
ATOM   906  C  C   . SER A 1 129 ? 13.628  4.312   10.875  1.00 38.61 ? 129 SER A C   1 
ATOM   907  O  O   . SER A 1 129 ? 14.491  4.986   10.302  1.00 38.59 ? 129 SER A O   1 
ATOM   908  C  CB  . SER A 1 129 ? 14.110  2.668   12.735  1.00 38.61 ? 129 SER A CB  1 
ATOM   909  O  OG  . SER A 1 129 ? 15.203  2.233   11.949  1.00 35.63 ? 129 SER A OG  1 
ATOM   910  N  N   . ALA A 1 130 ? 12.605  3.731   10.254  1.00 38.81 ? 130 ALA A N   1 
ATOM   911  C  CA  . ALA A 1 130 ? 12.369  3.856   8.834   1.00 38.87 ? 130 ALA A CA  1 
ATOM   912  C  C   . ALA A 1 130 ? 12.141  5.322   8.424   1.00 39.39 ? 130 ALA A C   1 
ATOM   913  O  O   . ALA A 1 130 ? 12.716  5.756   7.439   1.00 39.88 ? 130 ALA A O   1 
ATOM   914  C  CB  . ALA A 1 130 ? 11.247  2.952   8.410   1.00 38.09 ? 130 ALA A CB  1 
ATOM   915  N  N   A PHE A 1 131 ? 11.361  6.095   9.180   0.50 39.40 ? 131 PHE A N   1 
ATOM   916  N  N   B PHE A 1 131 ? 11.351  6.062   9.201   0.50 39.84 ? 131 PHE A N   1 
ATOM   917  C  CA  A PHE A 1 131 ? 11.224  7.505   8.830   0.50 39.76 ? 131 PHE A CA  1 
ATOM   918  C  CA  B PHE A 1 131 ? 11.136  7.486   8.981   0.50 40.55 ? 131 PHE A CA  1 
ATOM   919  C  C   A PHE A 1 131 ? 12.604  8.113   8.801   0.50 40.98 ? 131 PHE A C   1 
ATOM   920  C  C   B PHE A 1 131 ? 12.464  8.240   8.929   0.50 41.47 ? 131 PHE A C   1 
ATOM   921  O  O   A PHE A 1 131 ? 13.016  8.715   7.799   0.50 41.13 ? 131 PHE A O   1 
ATOM   922  O  O   B PHE A 1 131 ? 12.708  9.050   8.025   0.50 41.62 ? 131 PHE A O   1 
ATOM   923  C  CB  A PHE A 1 131 ? 10.356  8.294   9.806   0.50 39.04 ? 131 PHE A CB  1 
ATOM   924  C  CB  B PHE A 1 131 ? 10.262  8.055   10.099  0.50 40.39 ? 131 PHE A CB  1 
ATOM   925  C  CG  A PHE A 1 131 ? 10.292  9.785   9.486   0.50 38.24 ? 131 PHE A CG  1 
ATOM   926  C  CG  B PHE A 1 131 ? 8.867   8.484   9.661   0.50 41.13 ? 131 PHE A CG  1 
ATOM   927  C  CD1 A PHE A 1 131 ? 9.333   10.286  8.608   0.50 38.06 ? 131 PHE A CD1 1 
ATOM   928  C  CD1 B PHE A 1 131 ? 8.667   9.223   8.496   0.50 40.65 ? 131 PHE A CD1 1 
ATOM   929  C  CD2 A PHE A 1 131 ? 11.204  10.676  10.043  0.50 35.50 ? 131 PHE A CD2 1 
ATOM   930  C  CD2 B PHE A 1 131 ? 7.753   8.206   10.471  0.50 42.09 ? 131 PHE A CD2 1 
ATOM   931  C  CE1 A PHE A 1 131 ? 9.281   11.655  8.310   0.50 36.92 ? 131 PHE A CE1 1 
ATOM   932  C  CE1 B PHE A 1 131 ? 7.372   9.652   8.131   0.50 40.43 ? 131 PHE A CE1 1 
ATOM   933  C  CE2 A PHE A 1 131 ? 11.160  12.023  9.742   0.50 34.39 ? 131 PHE A CE2 1 
ATOM   934  C  CE2 B PHE A 1 131 ? 6.452   8.624   10.111  0.50 41.20 ? 131 PHE A CE2 1 
ATOM   935  C  CZ  A PHE A 1 131 ? 10.195  12.519  8.881   0.50 35.87 ? 131 PHE A CZ  1 
ATOM   936  C  CZ  B PHE A 1 131 ? 6.259   9.340   8.937   0.50 39.74 ? 131 PHE A CZ  1 
ATOM   937  N  N   . ASP A 1 132 ? 13.309  7.953   9.917   1.00 42.08 ? 132 ASP A N   1 
ATOM   938  C  CA  . ASP A 1 132 ? 14.662  8.492   10.083  1.00 43.83 ? 132 ASP A CA  1 
ATOM   939  C  C   . ASP A 1 132 ? 15.640  8.266   8.891   1.00 43.99 ? 132 ASP A C   1 
ATOM   940  O  O   . ASP A 1 132 ? 16.268  9.198   8.388   1.00 43.47 ? 132 ASP A O   1 
ATOM   941  C  CB  . ASP A 1 132 ? 15.227  7.732   11.261  1.00 45.23 ? 132 ASP A CB  1 
ATOM   942  C  CG  . ASP A 1 132 ? 15.830  8.602   12.270  1.00 48.59 ? 132 ASP A CG  1 
ATOM   943  O  OD1 . ASP A 1 132 ? 15.058  9.349   12.945  1.00 49.64 ? 132 ASP A OD1 1 
ATOM   944  O  OD2 . ASP A 1 132 ? 17.075  8.472   12.406  1.00 53.44 ? 132 ASP A OD2 1 
ATOM   945  N  N   . THR A 1 133 ? 15.765  7.006   8.474   1.00 43.63 ? 133 THR A N   1 
ATOM   946  C  CA  . THR A 1 133 ? 16.513  6.634   7.304   1.00 43.50 ? 133 THR A CA  1 
ATOM   947  C  C   . THR A 1 133 ? 15.906  7.302   6.055   1.00 43.44 ? 133 THR A C   1 
ATOM   948  O  O   . THR A 1 133 ? 16.618  7.940   5.282   1.00 44.01 ? 133 THR A O   1 
ATOM   949  C  CB  . THR A 1 133 ? 16.426  5.080   7.117   1.00 44.17 ? 133 THR A CB  1 
ATOM   950  O  OG1 . THR A 1 133 ? 17.158  4.426   8.148   1.00 43.11 ? 133 THR A OG1 1 
ATOM   951  C  CG2 . THR A 1 133 ? 16.932  4.609   5.738   1.00 43.88 ? 133 THR A CG2 1 
ATOM   952  N  N   . ARG A 1 134 ? 14.598  7.151   5.859   1.00 42.10 ? 134 ARG A N   1 
ATOM   953  C  CA  . ARG A 1 134 ? 13.996  7.472   4.559   1.00 41.21 ? 134 ARG A CA  1 
ATOM   954  C  C   . ARG A 1 134 ? 13.824  8.966   4.242   1.00 41.54 ? 134 ARG A C   1 
ATOM   955  O  O   . ARG A 1 134 ? 13.879  9.347   3.066   1.00 40.88 ? 134 ARG A O   1 
ATOM   956  C  CB  . ARG A 1 134 ? 12.678  6.724   4.363   1.00 40.29 ? 134 ARG A CB  1 
ATOM   957  C  CG  . ARG A 1 134 ? 12.885  5.234   4.238   1.00 37.91 ? 134 ARG A CG  1 
ATOM   958  C  CD  . ARG A 1 134 ? 11.574  4.461   4.236   1.00 36.05 ? 134 ARG A CD  1 
ATOM   959  N  NE  . ARG A 1 134 ? 10.599  5.004   3.292   1.00 37.61 ? 134 ARG A NE  1 
ATOM   960  C  CZ  . ARG A 1 134 ? 9.381   4.504   3.121   1.00 37.91 ? 134 ARG A CZ  1 
ATOM   961  N  NH1 . ARG A 1 134 ? 9.007   3.446   3.816   1.00 38.49 ? 134 ARG A NH1 1 
ATOM   962  N  NH2 . ARG A 1 134 ? 8.531   5.047   2.261   1.00 37.96 ? 134 ARG A NH2 1 
ATOM   963  N  N   . ILE A 1 135 ? 13.622  9.803   5.270   1.00 41.59 ? 135 ILE A N   1 
ATOM   964  C  CA  . ILE A 1 135 ? 13.477  11.237  5.050   1.00 41.97 ? 135 ILE A CA  1 
ATOM   965  C  C   . ILE A 1 135 ? 14.745  11.783  4.396   1.00 42.96 ? 135 ILE A C   1 
ATOM   966  O  O   . ILE A 1 135 ? 14.699  12.753  3.654   1.00 43.95 ? 135 ILE A O   1 
ATOM   967  C  CB  . ILE A 1 135 ? 13.111  12.021  6.344   1.00 42.13 ? 135 ILE A CB  1 
ATOM   968  C  CG1 . ILE A 1 135 ? 12.685  13.475  6.036   1.00 41.93 ? 135 ILE A CG1 1 
ATOM   969  C  CG2 . ILE A 1 135 ? 14.281  12.057  7.341   1.00 41.64 ? 135 ILE A CG2 1 
ATOM   970  C  CD1 . ILE A 1 135 ? 11.211  13.702  5.612   1.00 38.93 ? 135 ILE A CD1 1 
ATOM   971  N  N   . ASP A 1 136 ? 15.873  11.130  4.638   1.00 43.69 ? 136 ASP A N   1 
ATOM   972  C  CA  . ASP A 1 136 ? 17.162  11.579  4.100   1.00 44.29 ? 136 ASP A CA  1 
ATOM   973  C  C   . ASP A 1 136 ? 17.494  11.074  2.693   1.00 43.98 ? 136 ASP A C   1 
ATOM   974  O  O   . ASP A 1 136 ? 18.564  11.395  2.164   1.00 44.30 ? 136 ASP A O   1 
ATOM   975  C  CB  . ASP A 1 136 ? 18.293  11.206  5.064   1.00 44.73 ? 136 ASP A CB  1 
ATOM   976  C  CG  . ASP A 1 136 ? 18.343  12.120  6.291   1.00 47.92 ? 136 ASP A CG  1 
ATOM   977  O  OD1 . ASP A 1 136 ? 17.815  13.275  6.246   1.00 48.91 ? 136 ASP A OD1 1 
ATOM   978  O  OD2 . ASP A 1 136 ? 18.931  11.683  7.306   1.00 50.17 ? 136 ASP A OD2 1 
ATOM   979  N  N   . ASN A 1 137 ? 16.615  10.281  2.092   1.00 42.78 ? 137 ASN A N   1 
ATOM   980  C  CA  . ASN A 1 137 ? 16.864  9.839   0.734   1.00 42.45 ? 137 ASN A CA  1 
ATOM   981  C  C   . ASN A 1 137 ? 16.489  10.904  -0.290  1.00 41.53 ? 137 ASN A C   1 
ATOM   982  O  O   . ASN A 1 137 ? 15.892  11.917  0.067   1.00 41.43 ? 137 ASN A O   1 
ATOM   983  C  CB  . ASN A 1 137 ? 16.115  8.537   0.435   1.00 43.63 ? 137 ASN A CB  1 
ATOM   984  C  CG  . ASN A 1 137 ? 16.594  7.367   1.294   1.00 45.19 ? 137 ASN A CG  1 
ATOM   985  O  OD1 . ASN A 1 137 ? 15.901  6.354   1.392   1.00 47.15 ? 137 ASN A OD1 1 
ATOM   986  N  ND2 . ASN A 1 137 ? 17.770  7.506   1.924   1.00 45.42 ? 137 ASN A ND2 1 
ATOM   987  N  N   . ASN A 1 138 ? 16.851  10.677  -1.549  1.00 40.58 ? 138 ASN A N   1 
ATOM   988  C  CA  . ASN A 1 138 ? 16.490  11.583  -2.621  1.00 40.39 ? 138 ASN A CA  1 
ATOM   989  C  C   . ASN A 1 138 ? 15.230  11.037  -3.304  1.00 40.52 ? 138 ASN A C   1 
ATOM   990  O  O   . ASN A 1 138 ? 14.855  9.880   -3.088  1.00 40.40 ? 138 ASN A O   1 
ATOM   991  C  CB  . ASN A 1 138 ? 17.647  11.747  -3.618  1.00 39.96 ? 138 ASN A CB  1 
ATOM   992  C  CG  . ASN A 1 138 ? 17.944  10.457  -4.398  1.00 40.29 ? 138 ASN A CG  1 
ATOM   993  O  OD1 . ASN A 1 138 ? 17.043  9.818   -4.937  1.00 41.63 ? 138 ASN A OD1 1 
ATOM   994  N  ND2 . ASN A 1 138 ? 19.207  10.081  -4.466  1.00 38.90 ? 138 ASN A ND2 1 
ATOM   995  N  N   . ALA A 1 139 ? 14.605  11.861  -4.140  1.00 40.47 ? 139 ALA A N   1 
ATOM   996  C  CA  . ALA A 1 139 ? 13.339  11.527  -4.777  1.00 40.92 ? 139 ALA A CA  1 
ATOM   997  C  C   . ALA A 1 139 ? 13.307  10.158  -5.478  1.00 41.44 ? 139 ALA A C   1 
ATOM   998  O  O   . ALA A 1 139 ? 12.281  9.450   -5.409  1.00 41.57 ? 139 ALA A O   1 
ATOM   999  C  CB  . ALA A 1 139 ? 12.907  12.649  -5.743  1.00 40.78 ? 139 ALA A CB  1 
ATOM   1000 N  N   . ALA A 1 140 ? 14.406  9.792   -6.148  1.00 41.23 ? 140 ALA A N   1 
ATOM   1001 C  CA  . ALA A 1 140 ? 14.482  8.516   -6.879  1.00 41.21 ? 140 ALA A CA  1 
ATOM   1002 C  C   . ALA A 1 140 ? 14.545  7.314   -5.951  1.00 40.99 ? 140 ALA A C   1 
ATOM   1003 O  O   . ALA A 1 140 ? 13.914  6.302   -6.248  1.00 41.77 ? 140 ALA A O   1 
ATOM   1004 C  CB  . ALA A 1 140 ? 15.659  8.493   -7.882  1.00 40.51 ? 140 ALA A CB  1 
ATOM   1005 N  N   . GLN A 1 141 ? 15.290  7.409   -4.850  1.00 40.62 ? 141 GLN A N   1 
ATOM   1006 C  CA  . GLN A 1 141 ? 15.387  6.308   -3.881  1.00 41.04 ? 141 GLN A CA  1 
ATOM   1007 C  C   . GLN A 1 141 ? 14.042  6.042   -3.194  1.00 41.46 ? 141 GLN A C   1 
ATOM   1008 O  O   . GLN A 1 141 ? 13.575  4.893   -3.168  1.00 42.19 ? 141 GLN A O   1 
ATOM   1009 C  CB  . GLN A 1 141 ? 16.445  6.576   -2.827  1.00 40.76 ? 141 GLN A CB  1 
ATOM   1010 C  CG  . GLN A 1 141 ? 17.810  6.901   -3.376  1.00 40.87 ? 141 GLN A CG  1 
ATOM   1011 C  CD  . GLN A 1 141 ? 18.750  7.433   -2.293  1.00 42.96 ? 141 GLN A CD  1 
ATOM   1012 O  OE1 . GLN A 1 141 ? 18.531  8.497   -1.685  1.00 40.76 ? 141 GLN A OE1 1 
ATOM   1013 N  NE2 . GLN A 1 141 ? 19.799  6.682   -2.040  1.00 41.86 ? 141 GLN A NE2 1 
ATOM   1014 N  N   . GLU A 1 142 ? 13.419  7.103   -2.677  1.00 41.05 ? 142 GLU A N   1 
ATOM   1015 C  CA  . GLU A 1 142 ? 12.090  7.028   -2.062  1.00 41.13 ? 142 GLU A CA  1 
ATOM   1016 C  C   . GLU A 1 142 ? 10.988  6.557   -2.991  1.00 41.15 ? 142 GLU A C   1 
ATOM   1017 O  O   . GLU A 1 142 ? 9.995   5.986   -2.552  1.00 40.96 ? 142 GLU A O   1 
ATOM   1018 C  CB  . GLU A 1 142 ? 11.670  8.362   -1.473  1.00 40.32 ? 142 GLU A CB  1 
ATOM   1019 C  CG  . GLU A 1 142 ? 12.304  8.577   -0.215  1.00 42.87 ? 142 GLU A CG  1 
ATOM   1020 C  CD  . GLU A 1 142 ? 12.137  7.395   0.712   1.00 46.20 ? 142 GLU A CD  1 
ATOM   1021 O  OE1 . GLU A 1 142 ? 11.004  7.244   1.254   1.00 43.11 ? 142 GLU A OE1 1 
ATOM   1022 O  OE2 . GLU A 1 142 ? 13.160  6.662   0.906   1.00 46.22 ? 142 GLU A OE2 1 
ATOM   1023 N  N   . PHE A 1 143 ? 11.142  6.822   -4.269  1.00 41.11 ? 143 PHE A N   1 
ATOM   1024 C  CA  . PHE A 1 143 ? 10.163  6.352   -5.206  1.00 41.53 ? 143 PHE A CA  1 
ATOM   1025 C  C   . PHE A 1 143 ? 10.345  4.853   -5.373  1.00 41.96 ? 143 PHE A C   1 
ATOM   1026 O  O   . PHE A 1 143 ? 9.362   4.118   -5.381  1.00 42.66 ? 143 PHE A O   1 
ATOM   1027 C  CB  . PHE A 1 143 ? 10.293  7.085   -6.524  1.00 41.28 ? 143 PHE A CB  1 
ATOM   1028 C  CG  . PHE A 1 143 ? 9.135   6.896   -7.427  1.00 40.60 ? 143 PHE A CG  1 
ATOM   1029 C  CD1 . PHE A 1 143 ? 8.044   7.743   -7.348  1.00 39.76 ? 143 PHE A CD1 1 
ATOM   1030 C  CD2 . PHE A 1 143 ? 9.149   5.887   -8.383  1.00 40.77 ? 143 PHE A CD2 1 
ATOM   1031 C  CE1 . PHE A 1 143 ? 6.953   7.593   -8.195  1.00 39.96 ? 143 PHE A CE1 1 
ATOM   1032 C  CE2 . PHE A 1 143 ? 8.068   5.710   -9.228  1.00 41.78 ? 143 PHE A CE2 1 
ATOM   1033 C  CZ  . PHE A 1 143 ? 6.957   6.572   -9.141  1.00 40.99 ? 143 PHE A CZ  1 
ATOM   1034 N  N   . ALA A 1 144 ? 11.591  4.392   -5.446  1.00 41.78 ? 144 ALA A N   1 
ATOM   1035 C  CA  . ALA A 1 144 ? 11.845  2.953   -5.438  1.00 42.13 ? 144 ALA A CA  1 
ATOM   1036 C  C   . ALA A 1 144 ? 11.286  2.291   -4.153  1.00 42.26 ? 144 ALA A C   1 
ATOM   1037 O  O   . ALA A 1 144 ? 10.531  1.335   -4.237  1.00 42.54 ? 144 ALA A O   1 
ATOM   1038 C  CB  . ALA A 1 144 ? 13.353  2.644   -5.622  1.00 41.26 ? 144 ALA A CB  1 
ATOM   1039 N  N   . THR A 1 145 ? 11.638  2.819   -2.981  1.00 42.16 ? 145 THR A N   1 
ATOM   1040 C  CA  . THR A 1 145 ? 11.172  2.270   -1.710  1.00 42.22 ? 145 THR A CA  1 
ATOM   1041 C  C   . THR A 1 145 ? 9.644   2.280   -1.584  1.00 42.91 ? 145 THR A C   1 
ATOM   1042 O  O   . THR A 1 145 ? 9.065   1.242   -1.262  1.00 43.77 ? 145 THR A O   1 
ATOM   1043 C  CB  . THR A 1 145 ? 11.803  3.017   -0.529  1.00 42.00 ? 145 THR A CB  1 
ATOM   1044 O  OG1 . THR A 1 145 ? 13.188  2.781   -0.561  1.00 40.99 ? 145 THR A OG1 1 
ATOM   1045 C  CG2 . THR A 1 145 ? 11.312  2.516   0.821   1.00 42.44 ? 145 THR A CG2 1 
ATOM   1046 N  N   . ALA A 1 146 ? 9.010   3.433   -1.845  1.00 42.45 ? 146 ALA A N   1 
ATOM   1047 C  CA  . ALA A 1 146 ? 7.561   3.599   -1.690  1.00 41.64 ? 146 ALA A CA  1 
ATOM   1048 C  C   . ALA A 1 146 ? 6.812   2.652   -2.578  1.00 42.39 ? 146 ALA A C   1 
ATOM   1049 O  O   . ALA A 1 146 ? 5.889   2.017   -2.118  1.00 43.34 ? 146 ALA A O   1 
ATOM   1050 C  CB  . ALA A 1 146 ? 7.127   5.008   -1.967  1.00 40.50 ? 146 ALA A CB  1 
ATOM   1051 N  N   . THR A 1 147 ? 7.218   2.536   -3.842  1.00 42.73 ? 147 THR A N   1 
ATOM   1052 C  CA  . THR A 1 147 ? 6.569   1.605   -4.771  1.00 42.19 ? 147 THR A CA  1 
ATOM   1053 C  C   . THR A 1 147 ? 6.740   0.153   -4.314  1.00 42.18 ? 147 THR A C   1 
ATOM   1054 O  O   . THR A 1 147 ? 5.834   -0.665  -4.492  1.00 42.37 ? 147 THR A O   1 
ATOM   1055 C  CB  . THR A 1 147 ? 7.085   1.743   -6.249  1.00 42.02 ? 147 THR A CB  1 
ATOM   1056 O  OG1 . THR A 1 147 ? 8.500   1.550   -6.288  1.00 41.70 ? 147 THR A OG1 1 
ATOM   1057 C  CG2 . THR A 1 147 ? 6.720   3.086   -6.856  1.00 40.23 ? 147 THR A CG2 1 
ATOM   1058 N  N   . GLY A 1 148 ? 7.902   -0.153  -3.740  1.00 42.01 ? 148 GLY A N   1 
ATOM   1059 C  CA  . GLY A 1 148 ? 8.187   -1.478  -3.187  1.00 41.76 ? 148 GLY A CA  1 
ATOM   1060 C  C   . GLY A 1 148 ? 7.241   -1.767  -2.038  1.00 42.21 ? 148 GLY A C   1 
ATOM   1061 O  O   . GLY A 1 148 ? 6.720   -2.864  -1.924  1.00 42.74 ? 148 GLY A O   1 
ATOM   1062 N  N   . GLN A 1 149 ? 7.005   -0.761  -1.197  1.00 41.50 ? 149 GLN A N   1 
ATOM   1063 C  CA  . GLN A 1 149 ? 6.160   -0.904  -0.035  1.00 40.88 ? 149 GLN A CA  1 
ATOM   1064 C  C   . GLN A 1 149 ? 4.676   -1.076  -0.408  1.00 40.90 ? 149 GLN A C   1 
ATOM   1065 O  O   . GLN A 1 149 ? 3.967   -1.854  0.216   1.00 41.23 ? 149 GLN A O   1 
ATOM   1066 C  CB  . GLN A 1 149 ? 6.352   0.287   0.923   1.00 40.03 ? 149 GLN A CB  1 
ATOM   1067 C  CG  . GLN A 1 149 ? 7.711   0.259   1.653   1.00 38.61 ? 149 GLN A CG  1 
ATOM   1068 C  CD  . GLN A 1 149 ? 7.900   -0.946  2.573   1.00 36.88 ? 149 GLN A CD  1 
ATOM   1069 O  OE1 . GLN A 1 149 ? 7.162   -1.150  3.554   1.00 38.84 ? 149 GLN A OE1 1 
ATOM   1070 N  NE2 . GLN A 1 149 ? 8.878   -1.741  2.266   1.00 31.95 ? 149 GLN A NE2 1 
ATOM   1071 N  N   . VAL A 1 150 ? 4.222   -0.333  -1.407  1.00 40.38 ? 150 VAL A N   1 
ATOM   1072 C  CA  . VAL A 1 150 ? 2.870   -0.428  -1.916  1.00 40.46 ? 150 VAL A CA  1 
ATOM   1073 C  C   . VAL A 1 150 ? 2.592   -1.875  -2.395  1.00 41.55 ? 150 VAL A C   1 
ATOM   1074 O  O   . VAL A 1 150 ? 1.493   -2.417  -2.221  1.00 41.87 ? 150 VAL A O   1 
ATOM   1075 C  CB  . VAL A 1 150 ? 2.642   0.607   -3.042  1.00 40.03 ? 150 VAL A CB  1 
ATOM   1076 C  CG1 . VAL A 1 150 ? 1.604   0.130   -3.998  1.00 39.26 ? 150 VAL A CG1 1 
ATOM   1077 C  CG2 . VAL A 1 150 ? 2.205   1.909   -2.457  1.00 38.20 ? 150 VAL A CG2 1 
ATOM   1078 N  N   . GLU A 1 151 ? 3.615   -2.520  -2.908  1.00 41.93 ? 151 GLU A N   1 
ATOM   1079 C  CA  . GLU A 1 151 ? 3.453   -3.849  -3.410  1.00 43.44 ? 151 GLU A CA  1 
ATOM   1080 C  C   . GLU A 1 151 ? 3.356   -5.051  -2.457  1.00 43.61 ? 151 GLU A C   1 
ATOM   1081 O  O   . GLU A 1 151 ? 2.399   -5.826  -2.552  1.00 44.97 ? 151 GLU A O   1 
ATOM   1082 C  CB  . GLU A 1 151 ? 4.590   -4.197  -4.402  1.00 42.02 ? 151 GLU A CB  1 
ATOM   1083 C  CG  . GLU A 1 151 ? 4.536   -3.502  -5.751  1.00 44.33 ? 151 GLU A CG  1 
ATOM   1084 C  CD  . GLU A 1 151 ? 5.603   -4.017  -6.764  1.00 45.85 ? 151 GLU A CD  1 
ATOM   1085 O  OE1 . GLU A 1 151 ? 6.437   -4.916  -6.431  1.00 48.50 ? 151 GLU A OE1 1 
ATOM   1086 O  OE2 . GLU A 1 151 ? 5.612   -3.501  -7.914  1.00 49.41 ? 151 GLU A OE2 1 
ATOM   1087 N  N   . LYS A 1 152 ? 4.270   -5.250  -1.517  1.00 42.96 ? 152 LYS A N   1 
ATOM   1088 C  CA  . LYS A 1 152 ? 4.102   -5.225  -0.119  1.00 41.64 ? 152 LYS A CA  1 
ATOM   1089 C  C   . LYS A 1 152 ? 2.789   -5.186  0.580   1.00 41.16 ? 152 LYS A C   1 
ATOM   1090 O  O   . LYS A 1 152 ? 2.335   -6.219  1.072   1.00 41.63 ? 152 LYS A O   1 
ATOM   1091 C  CB  . LYS A 1 152 ? 5.303   -4.795  0.677   1.00 43.03 ? 152 LYS A CB  1 
ATOM   1092 C  CG  . LYS A 1 152 ? 5.995   -6.000  1.263   1.00 44.94 ? 152 LYS A CG  1 
ATOM   1093 C  CD  . LYS A 1 152 ? 6.466   -5.744  2.733   1.00 50.13 ? 152 LYS A CD  1 
ATOM   1094 C  CE  . LYS A 1 152 ? 7.291   -6.947  3.355   1.00 49.28 ? 152 LYS A CE  1 
ATOM   1095 N  NZ  . LYS A 1 152 ? 7.809   -6.647  4.748   1.00 49.31 ? 152 LYS A NZ  1 
ATOM   1096 N  N   . ILE A 1 153 ? 2.193   -4.011  0.657   1.00 38.98 ? 153 ILE A N   1 
ATOM   1097 C  CA  . ILE A 1 153 ? 0.911   -3.882  1.248   1.00 36.26 ? 153 ILE A CA  1 
ATOM   1098 C  C   . ILE A 1 153 ? -0.139  -4.681  0.423   1.00 35.19 ? 153 ILE A C   1 
ATOM   1099 O  O   . ILE A 1 153 ? -1.008  -5.371  0.995   1.00 34.05 ? 153 ILE A O   1 
ATOM   1100 C  CB  . ILE A 1 153 ? 0.618   -2.419  1.397   1.00 35.83 ? 153 ILE A CB  1 
ATOM   1101 C  CG1 . ILE A 1 153 ? 1.567   -1.877  2.492   1.00 37.01 ? 153 ILE A CG1 1 
ATOM   1102 C  CG2 . ILE A 1 153 ? -0.847  -2.228  1.725   1.00 32.75 ? 153 ILE A CG2 1 
ATOM   1103 C  CD1 . ILE A 1 153 ? 1.890   -0.369  2.442   1.00 35.65 ? 153 ILE A CD1 1 
ATOM   1104 N  N   . ALA A 1 154 ? -0.005  -4.634  -0.903  1.00 33.30 ? 154 ALA A N   1 
ATOM   1105 C  CA  . ALA A 1 154 ? -0.908  -5.372  -1.785  1.00 32.51 ? 154 ALA A CA  1 
ATOM   1106 C  C   . ALA A 1 154 ? -0.877  -6.840  -1.397  1.00 31.69 ? 154 ALA A C   1 
ATOM   1107 O  O   . ALA A 1 154 ? -1.945  -7.489  -1.244  1.00 31.09 ? 154 ALA A O   1 
ATOM   1108 C  CB  . ALA A 1 154 ? -0.543  -5.174  -3.309  1.00 32.57 ? 154 ALA A CB  1 
ATOM   1109 N  N   . TRP A 1 155 ? 0.333   -7.345  -1.184  1.00 30.04 ? 155 TRP A N   1 
ATOM   1110 C  CA  . TRP A 1 155 ? 0.490   -8.728  -0.811  1.00 30.16 ? 155 TRP A CA  1 
ATOM   1111 C  C   . TRP A 1 155 ? -0.207  -9.014  0.503   1.00 30.41 ? 155 TRP A C   1 
ATOM   1112 O  O   . TRP A 1 155 ? -0.969  -9.996  0.631   1.00 31.07 ? 155 TRP A O   1 
ATOM   1113 C  CB  . TRP A 1 155 ? 1.980   -9.141  -0.736  1.00 30.48 ? 155 TRP A CB  1 
ATOM   1114 C  CG  . TRP A 1 155 ? 2.161   -10.412 0.023   1.00 28.31 ? 155 TRP A CG  1 
ATOM   1115 C  CD1 . TRP A 1 155 ? 2.589   -10.545 1.309   1.00 28.53 ? 155 TRP A CD1 1 
ATOM   1116 C  CD2 . TRP A 1 155 ? 1.843   -11.710 -0.430  1.00 27.08 ? 155 TRP A CD2 1 
ATOM   1117 N  NE1 . TRP A 1 155 ? 2.589   -11.867 1.683   1.00 26.91 ? 155 TRP A NE1 1 
ATOM   1118 C  CE2 . TRP A 1 155 ? 2.131   -12.607 0.630   1.00 27.82 ? 155 TRP A CE2 1 
ATOM   1119 C  CE3 . TRP A 1 155 ? 1.376   -12.217 -1.643  1.00 28.46 ? 155 TRP A CE3 1 
ATOM   1120 C  CZ2 . TRP A 1 155 ? 1.957   -13.985 0.519   1.00 28.77 ? 155 TRP A CZ2 1 
ATOM   1121 C  CZ3 . TRP A 1 155 ? 1.188   -13.584 -1.756  1.00 29.31 ? 155 TRP A CZ3 1 
ATOM   1122 C  CH2 . TRP A 1 155 ? 1.479   -14.459 -0.673  1.00 29.38 ? 155 TRP A CH2 1 
ATOM   1123 N  N   . LEU A 1 156 ? 0.060   -8.168  1.489   1.00 30.16 ? 156 LEU A N   1 
ATOM   1124 C  CA  . LEU A 1 156 ? -0.519  -8.354  2.811   1.00 30.48 ? 156 LEU A CA  1 
ATOM   1125 C  C   . LEU A 1 156 ? -2.048  -8.305  2.757   1.00 29.83 ? 156 LEU A C   1 
ATOM   1126 O  O   . LEU A 1 156 ? -2.733  -9.101  3.423   1.00 30.01 ? 156 LEU A O   1 
ATOM   1127 C  CB  . LEU A 1 156 ? 0.019   -7.305  3.808   1.00 30.71 ? 156 LEU A CB  1 
ATOM   1128 C  CG  . LEU A 1 156 ? 1.518   -7.389  4.147   1.00 30.85 ? 156 LEU A CG  1 
ATOM   1129 C  CD1 . LEU A 1 156 ? 1.934   -6.111  4.878   1.00 29.73 ? 156 LEU A CD1 1 
ATOM   1130 C  CD2 . LEU A 1 156 ? 1.829   -8.647  4.996   1.00 27.59 ? 156 LEU A CD2 1 
ATOM   1131 N  N   . ARG A 1 157 ? -2.581  -7.388  1.959   1.00 28.70 ? 157 ARG A N   1 
ATOM   1132 C  CA  . ARG A 1 157 ? -4.040  -7.312  1.806   1.00 28.56 ? 157 ARG A CA  1 
ATOM   1133 C  C   . ARG A 1 157 ? -4.607  -8.592  1.221   1.00 27.51 ? 157 ARG A C   1 
ATOM   1134 O  O   . ARG A 1 157 ? -5.462  -9.236  1.863   1.00 27.28 ? 157 ARG A O   1 
ATOM   1135 C  CB  . ARG A 1 157 ? -4.446  -6.089  1.004   1.00 28.40 ? 157 ARG A CB  1 
ATOM   1136 C  CG  . ARG A 1 157 ? -4.103  -4.824  1.783   1.00 30.90 ? 157 ARG A CG  1 
ATOM   1137 C  CD  . ARG A 1 157 ? -4.199  -3.625  0.914   1.00 35.82 ? 157 ARG A CD  1 
ATOM   1138 N  NE  . ARG A 1 157 ? -4.211  -2.425  1.722   1.00 38.83 ? 157 ARG A NE  1 
ATOM   1139 C  CZ  . ARG A 1 157 ? -4.584  -1.233  1.275   1.00 41.56 ? 157 ARG A CZ  1 
ATOM   1140 N  NH1 . ARG A 1 157 ? -5.013  -1.109  0.018   1.00 42.42 ? 157 ARG A NH1 1 
ATOM   1141 N  NH2 . ARG A 1 157 ? -4.540  -0.173  2.087   1.00 40.50 ? 157 ARG A NH2 1 
ATOM   1142 N  N   . LEU A 1 158 ? -4.086  -8.977  0.052   1.00 26.67 ? 158 LEU A N   1 
ATOM   1143 C  CA  . LEU A 1 158 ? -4.461  -10.229 -0.622  1.00 25.90 ? 158 LEU A CA  1 
ATOM   1144 C  C   . LEU A 1 158 ? -4.307  -11.474 0.229   1.00 26.16 ? 158 LEU A C   1 
ATOM   1145 O  O   . LEU A 1 158 ? -5.210  -12.308 0.237   1.00 26.01 ? 158 LEU A O   1 
ATOM   1146 C  CB  . LEU A 1 158 ? -3.717  -10.380 -1.925  1.00 25.17 ? 158 LEU A CB  1 
ATOM   1147 C  CG  . LEU A 1 158 ? -4.222  -9.404  -2.992  1.00 25.04 ? 158 LEU A CG  1 
ATOM   1148 C  CD1 . LEU A 1 158 ? -3.163  -9.247  -4.066  1.00 22.06 ? 158 LEU A CD1 1 
ATOM   1149 C  CD2 . LEU A 1 158 ? -5.553  -9.892  -3.563  1.00 23.51 ? 158 LEU A CD2 1 
ATOM   1150 N  N   . ALA A 1 159 ? -3.207  -11.575 0.988   1.00 26.35 ? 159 ALA A N   1 
ATOM   1151 C  CA  . ALA A 1 159 ? -3.040  -12.675 1.938   1.00 26.54 ? 159 ALA A CA  1 
ATOM   1152 C  C   . ALA A 1 159 ? -4.134  -12.780 3.023   1.00 27.27 ? 159 ALA A C   1 
ATOM   1153 O  O   . ALA A 1 159 ? -4.367  -13.860 3.552   1.00 27.45 ? 159 ALA A O   1 
ATOM   1154 C  CB  . ALA A 1 159 ? -1.669  -12.644 2.558   1.00 25.90 ? 159 ALA A CB  1 
ATOM   1155 N  N   . SER A 1 160 ? -4.806  -11.685 3.378   1.00 28.63 ? 160 SER A N   1 
ATOM   1156 C  CA  . SER A 1 160 ? -5.904  -11.799 4.350   1.00 29.82 ? 160 SER A CA  1 
ATOM   1157 C  C   . SER A 1 160 ? -7.217  -12.261 3.693   1.00 30.40 ? 160 SER A C   1 
ATOM   1158 O  O   . SER A 1 160 ? -8.080  -12.824 4.369   1.00 30.50 ? 160 SER A O   1 
ATOM   1159 C  CB  . SER A 1 160 ? -6.124  -10.501 5.139   1.00 29.74 ? 160 SER A CB  1 
ATOM   1160 O  OG  . SER A 1 160 ? -6.510  -9.432  4.274   1.00 32.19 ? 160 SER A OG  1 
HETATM 1161 N  N   . MSE A 1 161 ? -7.343  -12.034 2.389   1.00 30.76 ? 161 MSE A N   1 
HETATM 1162 C  CA  . MSE A 1 161 ? -8.547  -12.319 1.652   1.00 34.60 ? 161 MSE A CA  1 
HETATM 1163 C  C   . MSE A 1 161 ? -8.558  -13.658 0.927   1.00 31.10 ? 161 MSE A C   1 
HETATM 1164 O  O   . MSE A 1 161 ? -9.607  -14.080 0.471   1.00 30.92 ? 161 MSE A O   1 
HETATM 1165 C  CB  . MSE A 1 161 ? -8.689  -11.319 0.544   1.00 33.67 ? 161 MSE A CB  1 
HETATM 1166 C  CG  . MSE A 1 161 ? -9.220  -9.984  0.878   1.00 37.85 ? 161 MSE A CG  1 
HETATM 1167 SE SE  . MSE A 1 161 ? -8.745  -8.919  -0.739  1.00 51.04 ? 161 MSE A SE  1 
HETATM 1168 C  CE  . MSE A 1 161 ? -7.400  -7.718  0.008   1.00 42.67 ? 161 MSE A CE  1 
ATOM   1169 N  N   . LEU A 1 162 ? -7.400  -14.285 0.750   1.00 29.09 ? 162 LEU A N   1 
ATOM   1170 C  CA  . LEU A 1 162 ? -7.265  -15.385 -0.206  1.00 27.21 ? 162 LEU A CA  1 
ATOM   1171 C  C   . LEU A 1 162 ? -6.358  -16.463 0.368   1.00 27.32 ? 162 LEU A C   1 
ATOM   1172 O  O   . LEU A 1 162 ? -5.535  -16.149 1.199   1.00 27.52 ? 162 LEU A O   1 
ATOM   1173 C  CB  . LEU A 1 162 ? -6.682  -14.841 -1.523  1.00 25.36 ? 162 LEU A CB  1 
ATOM   1174 C  CG  . LEU A 1 162 ? -7.583  -13.993 -2.431  1.00 22.02 ? 162 LEU A CG  1 
ATOM   1175 C  CD1 . LEU A 1 162 ? -6.912  -13.546 -3.681  1.00 13.92 ? 162 LEU A CD1 1 
ATOM   1176 C  CD2 . LEU A 1 162 ? -8.858  -14.701 -2.795  1.00 20.59 ? 162 LEU A CD2 1 
ATOM   1177 N  N   . PRO A 1 163 ? -6.459  -17.719 -0.091  1.00 27.79 ? 163 PRO A N   1 
ATOM   1178 C  CA  . PRO A 1 163 ? -5.398  -18.625 0.369   1.00 28.71 ? 163 PRO A CA  1 
ATOM   1179 C  C   . PRO A 1 163 ? -4.112  -18.191 -0.321  1.00 29.94 ? 163 PRO A C   1 
ATOM   1180 O  O   . PRO A 1 163 ? -4.168  -17.536 -1.379  1.00 29.78 ? 163 PRO A O   1 
ATOM   1181 C  CB  . PRO A 1 163 ? -5.843  -20.012 -0.137  1.00 28.37 ? 163 PRO A CB  1 
ATOM   1182 C  CG  . PRO A 1 163 ? -7.218  -19.852 -0.686  1.00 27.52 ? 163 PRO A CG  1 
ATOM   1183 C  CD  . PRO A 1 163 ? -7.381  -18.387 -1.028  1.00 28.34 ? 163 PRO A CD  1 
ATOM   1184 N  N   . GLU A 1 164 ? -2.965  -18.511 0.267   1.00 31.30 ? 164 GLU A N   1 
ATOM   1185 C  CA  . GLU A 1 164 ? -1.707  -17.930 -0.221  1.00 33.61 ? 164 GLU A CA  1 
ATOM   1186 C  C   . GLU A 1 164 ? -1.201  -18.492 -1.548  1.00 33.56 ? 164 GLU A C   1 
ATOM   1187 O  O   . GLU A 1 164 ? -0.807  -17.714 -2.416  1.00 34.64 ? 164 GLU A O   1 
ATOM   1188 C  CB  . GLU A 1 164 ? -0.625  -17.979 0.854   1.00 33.50 ? 164 GLU A CB  1 
ATOM   1189 C  CG  . GLU A 1 164 ? -0.743  -16.820 1.869   1.00 36.06 ? 164 GLU A CG  1 
ATOM   1190 C  CD  . GLU A 1 164 ? 0.362   -16.857 2.913   1.00 36.80 ? 164 GLU A CD  1 
ATOM   1191 O  OE1 . GLU A 1 164 ? 1.329   -17.636 2.670   1.00 40.37 ? 164 GLU A OE1 1 
ATOM   1192 O  OE2 . GLU A 1 164 ? 0.256   -16.127 3.955   1.00 40.48 ? 164 GLU A OE2 1 
ATOM   1193 N  N   . GLY A 1 165 ? -1.218  -19.814 -1.708  1.00 33.41 ? 165 GLY A N   1 
ATOM   1194 C  CA  . GLY A 1 165 ? -0.800  -20.447 -2.959  1.00 34.26 ? 165 GLY A CA  1 
ATOM   1195 C  C   . GLY A 1 165 ? 0.532   -21.187 -2.919  1.00 34.38 ? 165 GLY A C   1 
ATOM   1196 O  O   . GLY A 1 165 ? 1.542   -20.632 -2.476  1.00 35.10 ? 165 GLY A O   1 
HETATM 1197 O  O   . HOH B 2 .   ? 6.271   6.775   -18.635 1.00 41.05 ? 166 HOH A O   1 
HETATM 1198 O  O   . HOH B 2 .   ? 16.329  14.713  -4.881  1.00 50.09 ? 167 HOH A O   1 
HETATM 1199 O  O   . HOH B 2 .   ? -8.467  6.732   1.062   1.00 13.63 ? 168 HOH A O   1 
HETATM 1200 O  O   . HOH B 2 .   ? 5.987   13.648  -5.884  1.00 43.21 ? 169 HOH A O   1 
HETATM 1201 O  O   . HOH B 2 .   ? 10.664  1.406   4.942   1.00 39.37 ? 170 HOH A O   1 
HETATM 1202 O  O   . HOH B 2 .   ? 1.072   4.882   5.005   1.00 33.67 ? 171 HOH A O   1 
HETATM 1203 O  O   . HOH B 2 .   ? 10.967  -9.189  -7.926  1.00 54.92 ? 172 HOH A O   1 
HETATM 1204 O  O   . HOH B 2 .   ? -10.058 1.664   -2.378  1.00 34.98 ? 173 HOH A O   1 
HETATM 1205 O  O   . HOH B 2 .   ? -2.714  6.699   -10.442 1.00 43.20 ? 174 HOH A O   1 
HETATM 1206 O  O   . HOH B 2 .   ? -6.110  -2.505  -6.943  1.00 34.80 ? 175 HOH A O   1 
HETATM 1207 O  O   . HOH B 2 .   ? 11.090  2.042   24.555  1.00 53.27 ? 176 HOH A O   1 
HETATM 1208 O  O   . HOH B 2 .   ? -8.552  3.806   -11.242 1.00 39.79 ? 177 HOH A O   1 
HETATM 1209 O  O   . HOH B 2 .   ? 0.288   10.910  25.289  1.00 46.79 ? 178 HOH A O   1 
HETATM 1210 O  O   . HOH B 2 .   ? -1.257  -1.452  -1.821  1.00 41.97 ? 179 HOH A O   1 
HETATM 1211 O  O   . HOH B 2 .   ? 0.061   14.337  7.956   1.00 31.98 ? 180 HOH A O   1 
HETATM 1212 O  O   . HOH B 2 .   ? -10.305 -11.879 -17.336 1.00 39.66 ? 181 HOH A O   1 
HETATM 1213 O  O   . HOH B 2 .   ? 1.235   18.265  10.722  1.00 42.30 ? 182 HOH A O   1 
HETATM 1214 O  O   . HOH B 2 .   ? -11.783 -13.378 -0.971  1.00 30.15 ? 183 HOH A O   1 
HETATM 1215 O  O   . HOH B 2 .   ? -14.406 -6.013  17.037  1.00 44.95 ? 184 HOH A O   1 
HETATM 1216 O  O   . HOH B 2 .   ? 7.597   12.699  20.389  1.00 58.95 ? 185 HOH A O   1 
HETATM 1217 O  O   . HOH B 2 .   ? 6.995   7.986   19.375  1.00 56.80 ? 186 HOH A O   1 
HETATM 1218 O  O   . HOH B 2 .   ? 6.340   6.860   0.896   1.00 34.43 ? 187 HOH A O   1 
HETATM 1219 O  O   . HOH B 2 .   ? 1.057   -2.084  6.409   1.00 43.17 ? 188 HOH A O   1 
HETATM 1220 O  O   . HOH B 2 .   ? -4.005  -20.316 3.182   1.00 31.85 ? 189 HOH A O   1 
HETATM 1221 O  O   . HOH B 2 .   ? 2.349   7.955   6.606   1.00 33.96 ? 190 HOH A O   1 
HETATM 1222 O  O   . HOH B 2 .   ? 5.042   -0.250  19.462  1.00 39.37 ? 191 HOH A O   1 
HETATM 1223 O  O   . HOH B 2 .   ? -2.165  1.086   -2.345  1.00 45.23 ? 192 HOH A O   1 
HETATM 1224 O  O   . HOH B 2 .   ? 11.652  8.013   21.104  1.00 32.68 ? 193 HOH A O   1 
HETATM 1225 O  O   . HOH B 2 .   ? -3.921  -9.980  -15.020 1.00 33.93 ? 194 HOH A O   1 
HETATM 1226 O  O   . HOH B 2 .   ? -6.899  2.747   -18.631 1.00 43.22 ? 195 HOH A O   1 
HETATM 1227 O  O   . HOH B 2 .   ? -13.116 -16.981 -4.179  1.00 42.36 ? 196 HOH A O   1 
# 
